data_5W8K
#
_entry.id   5W8K
#
_cell.length_a   167.760
_cell.length_b   81.080
_cell.length_c   120.440
_cell.angle_alpha   90.000
_cell.angle_beta   117.140
_cell.angle_gamma   90.000
#
_symmetry.space_group_name_H-M   'C 1 2 1'
#
loop_
_entity.id
_entity.type
_entity.pdbx_description
1 polymer 'L-lactate dehydrogenase A chain'
2 non-polymer '2-{3-(3,4-difluorophenyl)-5-hydroxy-4-[(4-sulfamoylphenyl)methyl]-1H-pyrazol-1-yl}-1,3-thiazole-4-carboxylic acid'
3 non-polymer '1,4-DIHYDRONICOTINAMIDE ADENINE DINUCLEOTIDE'
4 non-polymer 'MALONIC ACID'
5 non-polymer GLYCEROL
6 water water
#
_entity_poly.entity_id   1
_entity_poly.type   'polypeptide(L)'
_entity_poly.pdbx_seq_one_letter_code
;MATLKDQLIYNLLKEEQTPQNKITVVGVGAVGMACAISILMKDLADELALVDVIEDKLKGEMMDLQHGSLFLRTPKIVSG
KDYNVTANSKLVIITAGARQQEGESRLNLVQRNVNIFKFIIPNVVKYSPNCKLLIVSNPVDILTYVAWKISGFPKNRVIG
SGCNLDSARFRYLMGERLGVHPLSCHGWVLGEHGDSSVPVWSGMNVAGVSLKTLHPDLGTDKDKEQWKEVHKQVVESAYE
VIKLKGYTSWAIGLSVADLAESIMKNLRRVHPVSTMIKGLYGIKDDVFLSVPCILGQNGISDLVKVTLTSEEEARLKKSA
DTLWGIQKELQF
;
_entity_poly.pdbx_strand_id   A,B,C,D
#
# COMPACT_ATOMS: atom_id res chain seq x y z
N ALA A 2 -9.82 3.17 -41.13
CA ALA A 2 -8.99 3.02 -39.93
C ALA A 2 -9.79 2.23 -38.91
N THR A 3 -9.09 1.48 -38.11
CA THR A 3 -9.70 0.75 -37.04
C THR A 3 -10.21 1.75 -36.00
N LEU A 4 -11.05 1.25 -35.08
CA LEU A 4 -11.51 2.10 -33.97
C LEU A 4 -10.29 2.54 -33.13
N LYS A 5 -9.34 1.63 -32.90
CA LYS A 5 -8.15 1.93 -32.13
C LYS A 5 -7.37 3.10 -32.77
N ASP A 6 -7.17 3.05 -34.09
CA ASP A 6 -6.43 4.11 -34.74
C ASP A 6 -7.20 5.43 -34.85
N GLN A 7 -8.54 5.37 -34.86
CA GLN A 7 -9.37 6.55 -34.79
C GLN A 7 -9.26 7.23 -33.43
N LEU A 8 -9.15 6.42 -32.39
CA LEU A 8 -9.11 6.92 -31.00
C LEU A 8 -7.72 7.37 -30.55
N ILE A 9 -6.70 6.65 -31.02
CA ILE A 9 -5.33 6.75 -30.45
C ILE A 9 -4.28 7.02 -31.53
N TYR A 10 -3.55 8.12 -31.35
CA TYR A 10 -2.37 8.45 -32.14
C TYR A 10 -1.14 7.82 -31.52
N ASN A 11 -0.43 6.98 -32.28
CA ASN A 11 0.76 6.29 -31.79
C ASN A 11 2.01 7.14 -32.00
N LEU A 12 2.77 7.35 -30.94
CA LEU A 12 4.03 8.05 -31.06
C LEU A 12 5.20 7.12 -31.29
N LEU A 13 5.14 5.94 -30.71
CA LEU A 13 6.29 5.05 -30.43
C LEU A 13 5.98 3.62 -30.66
N LYS A 14 6.80 2.89 -31.45
CA LYS A 14 6.68 1.41 -31.57
C LYS A 14 8.04 0.71 -31.39
N GLU A 16 10.55 -1.92 -29.15
CA GLU A 16 10.62 -3.17 -28.38
C GLU A 16 10.93 -2.82 -26.92
N GLN A 17 10.13 -3.36 -26.00
CA GLN A 17 10.32 -3.10 -24.56
C GLN A 17 10.95 -4.32 -23.89
N THR A 18 11.89 -4.09 -23.00
CA THR A 18 12.41 -5.14 -22.15
C THR A 18 11.76 -4.92 -20.78
N PRO A 19 11.19 -5.96 -20.16
CA PRO A 19 10.65 -5.61 -18.82
C PRO A 19 11.77 -5.28 -17.85
N GLN A 20 11.45 -4.45 -16.86
CA GLN A 20 12.44 -3.89 -15.97
C GLN A 20 12.48 -4.49 -14.59
N ASN A 21 11.38 -5.09 -14.18
CA ASN A 21 11.21 -5.63 -12.83
C ASN A 21 10.40 -6.92 -12.90
N LYS A 22 10.91 -7.88 -13.67
CA LYS A 22 10.15 -9.09 -13.95
C LYS A 22 10.42 -10.23 -12.95
N ILE A 23 9.35 -10.94 -12.59
CA ILE A 23 9.49 -12.13 -11.71
C ILE A 23 8.84 -13.29 -12.46
N THR A 24 9.47 -14.46 -12.35
CA THR A 24 8.88 -15.72 -12.81
C THR A 24 8.61 -16.64 -11.62
N VAL A 25 7.46 -17.29 -11.65
CA VAL A 25 7.16 -18.41 -10.74
C VAL A 25 7.04 -19.70 -11.58
N VAL A 26 7.84 -20.70 -11.23
CA VAL A 26 7.81 -22.00 -11.87
C VAL A 26 7.11 -23.01 -10.96
N GLY A 27 5.98 -23.54 -11.44
CA GLY A 27 5.12 -24.45 -10.71
C GLY A 27 3.94 -23.68 -10.18
N VAL A 28 2.77 -23.89 -10.78
CA VAL A 28 1.56 -23.17 -10.42
C VAL A 28 0.59 -24.02 -9.56
N GLY A 29 1.15 -24.80 -8.64
CA GLY A 29 0.38 -25.48 -7.63
C GLY A 29 -0.07 -24.50 -6.56
N ALA A 30 -0.52 -25.03 -5.43
CA ALA A 30 -0.99 -24.18 -4.38
C ALA A 30 0.05 -23.17 -3.89
N VAL A 31 1.30 -23.64 -3.78
CA VAL A 31 2.38 -22.77 -3.32
C VAL A 31 2.74 -21.74 -4.36
N GLY A 32 2.92 -22.14 -5.60
CA GLY A 32 3.29 -21.16 -6.63
C GLY A 32 2.22 -20.08 -6.80
N MET A 33 0.95 -20.47 -6.76
CA MET A 33 -0.12 -19.45 -6.88
C MET A 33 -0.28 -18.57 -5.69
N ALA A 34 -0.01 -19.06 -4.48
CA ALA A 34 0.02 -18.20 -3.29
C ALA A 34 1.18 -17.19 -3.36
N CYS A 35 2.33 -17.64 -3.89
CA CYS A 35 3.44 -16.71 -4.13
C CYS A 35 3.04 -15.66 -5.17
N ALA A 36 2.37 -16.09 -6.23
CA ALA A 36 1.93 -15.18 -7.29
C ALA A 36 0.96 -14.12 -6.82
N ILE A 37 -0.08 -14.53 -6.09
CA ILE A 37 -1.05 -13.52 -5.66
C ILE A 37 -0.42 -12.54 -4.68
N SER A 38 0.44 -13.06 -3.79
CA SER A 38 1.11 -12.22 -2.80
C SER A 38 2.06 -11.20 -3.45
N ILE A 39 2.78 -11.65 -4.45
CA ILE A 39 3.66 -10.73 -5.19
C ILE A 39 2.84 -9.70 -5.99
N LEU A 40 1.74 -10.13 -6.58
CA LEU A 40 0.83 -9.20 -7.27
C LEU A 40 0.26 -8.13 -6.33
N MET A 41 -0.15 -8.53 -5.14
N MET A 41 -0.15 -8.57 -5.15
CA MET A 41 -0.80 -7.59 -4.24
CA MET A 41 -0.79 -7.71 -4.16
C MET A 41 0.19 -6.69 -3.48
C MET A 41 0.17 -6.60 -3.67
N LYS A 42 1.47 -6.92 -3.70
CA LYS A 42 2.54 -6.06 -3.16
C LYS A 42 3.22 -5.21 -4.20
N ASP A 43 2.72 -5.27 -5.46
CA ASP A 43 3.21 -4.40 -6.53
C ASP A 43 4.74 -4.50 -6.73
N LEU A 44 5.28 -5.71 -6.68
CA LEU A 44 6.70 -5.92 -6.77
C LEU A 44 7.24 -6.05 -8.18
N ALA A 45 6.39 -6.38 -9.14
CA ALA A 45 6.84 -6.69 -10.51
C ALA A 45 6.07 -5.89 -11.55
N ASP A 46 6.70 -5.60 -12.70
CA ASP A 46 6.01 -5.07 -13.86
C ASP A 46 5.59 -6.11 -14.84
N GLU A 47 6.09 -7.32 -14.67
CA GLU A 47 5.71 -8.45 -15.53
C GLU A 47 5.86 -9.68 -14.64
N LEU A 48 4.84 -10.55 -14.67
CA LEU A 48 4.84 -11.82 -13.93
C LEU A 48 4.70 -12.93 -14.97
N ALA A 49 5.62 -13.86 -15.00
CA ALA A 49 5.53 -15.04 -15.84
C ALA A 49 5.33 -16.29 -15.03
N LEU A 50 4.48 -17.18 -15.55
CA LEU A 50 4.20 -18.46 -14.91
C LEU A 50 4.57 -19.61 -15.84
N VAL A 51 5.19 -20.66 -15.27
CA VAL A 51 5.55 -21.85 -16.01
C VAL A 51 5.07 -23.09 -15.26
N ASP A 52 4.61 -24.09 -16.00
CA ASP A 52 4.30 -25.42 -15.44
C ASP A 52 4.40 -26.42 -16.59
N VAL A 53 4.23 -27.70 -16.29
CA VAL A 53 4.10 -28.73 -17.33
C VAL A 53 2.64 -29.11 -17.62
N ILE A 54 1.72 -28.76 -16.73
CA ILE A 54 0.31 -29.03 -16.96
C ILE A 54 -0.27 -27.86 -17.69
N GLU A 55 -0.48 -28.00 -18.99
CA GLU A 55 -0.77 -26.83 -19.82
C GLU A 55 -2.15 -26.19 -19.55
N ASP A 56 -3.19 -26.98 -19.37
CA ASP A 56 -4.51 -26.41 -19.13
CA ASP A 56 -4.52 -26.43 -19.13
C ASP A 56 -4.55 -25.68 -17.79
N LYS A 57 -4.05 -26.31 -16.73
N LYS A 57 -4.04 -26.30 -16.74
CA LYS A 57 -4.00 -25.67 -15.41
CA LYS A 57 -4.02 -25.67 -15.42
C LYS A 57 -3.27 -24.34 -15.48
C LYS A 57 -3.26 -24.35 -15.46
N LEU A 58 -2.13 -24.35 -16.16
CA LEU A 58 -1.33 -23.14 -16.32
C LEU A 58 -2.12 -22.01 -17.02
N LYS A 59 -2.77 -22.32 -18.15
CA LYS A 59 -3.52 -21.31 -18.87
C LYS A 59 -4.65 -20.80 -18.01
N GLY A 60 -5.30 -21.72 -17.29
CA GLY A 60 -6.42 -21.31 -16.45
C GLY A 60 -6.02 -20.39 -15.31
N GLU A 61 -4.92 -20.72 -14.64
CA GLU A 61 -4.38 -19.84 -13.59
C GLU A 61 -4.02 -18.46 -14.13
N MET A 62 -3.31 -18.45 -15.28
CA MET A 62 -2.99 -17.19 -15.93
C MET A 62 -4.21 -16.36 -16.25
N MET A 63 -5.22 -16.95 -16.87
CA MET A 63 -6.45 -16.18 -17.21
C MET A 63 -7.16 -15.64 -15.99
N ASP A 64 -7.20 -16.44 -14.92
CA ASP A 64 -7.89 -16.02 -13.68
C ASP A 64 -7.19 -14.81 -13.09
N LEU A 65 -5.83 -14.80 -13.04
CA LEU A 65 -5.12 -13.61 -12.64
C LEU A 65 -5.35 -12.45 -13.58
N GLN A 66 -5.30 -12.69 -14.89
CA GLN A 66 -5.49 -11.59 -15.85
C GLN A 66 -6.84 -10.90 -15.67
N HIS A 67 -7.87 -11.69 -15.36
CA HIS A 67 -9.22 -11.16 -15.13
C HIS A 67 -9.29 -10.18 -13.94
N GLY A 68 -8.32 -10.26 -13.04
CA GLY A 68 -8.21 -9.33 -11.93
C GLY A 68 -7.32 -8.11 -12.19
N SER A 69 -6.85 -7.94 -13.44
CA SER A 69 -5.87 -6.90 -13.80
C SER A 69 -6.33 -5.50 -13.39
N LEU A 70 -7.63 -5.22 -13.49
CA LEU A 70 -8.15 -3.92 -13.10
C LEU A 70 -7.79 -3.54 -11.65
N PHE A 71 -7.69 -4.57 -10.80
CA PHE A 71 -7.48 -4.44 -9.38
C PHE A 71 -6.02 -4.47 -8.99
N LEU A 72 -5.12 -4.57 -9.98
CA LEU A 72 -3.68 -4.72 -9.75
C LEU A 72 -2.91 -3.62 -10.45
N ARG A 73 -1.61 -3.65 -10.24
CA ARG A 73 -0.68 -2.64 -10.84
C ARG A 73 0.53 -3.39 -11.41
N THR A 74 0.28 -4.57 -11.97
CA THR A 74 1.24 -5.39 -12.67
C THR A 74 0.63 -5.58 -14.05
N PRO A 75 1.10 -4.82 -15.06
CA PRO A 75 0.39 -4.73 -16.32
C PRO A 75 0.56 -5.89 -17.31
N LYS A 76 1.48 -6.79 -17.06
CA LYS A 76 1.68 -7.93 -17.93
C LYS A 76 1.82 -9.24 -17.17
N ILE A 77 0.90 -10.15 -17.41
CA ILE A 77 0.90 -11.51 -16.83
C ILE A 77 0.93 -12.48 -18.00
N VAL A 78 1.97 -13.34 -18.04
CA VAL A 78 2.14 -14.26 -19.16
C VAL A 78 2.37 -15.67 -18.61
N SER A 79 2.22 -16.67 -19.47
CA SER A 79 2.50 -18.03 -19.10
C SER A 79 2.85 -18.88 -20.29
N GLY A 80 3.53 -19.98 -19.99
CA GLY A 80 3.79 -20.99 -21.00
C GLY A 80 4.63 -22.13 -20.47
N LYS A 81 4.58 -23.27 -21.21
CA LYS A 81 5.46 -24.40 -20.91
C LYS A 81 6.89 -24.15 -21.37
N ASP A 82 7.04 -23.30 -22.36
CA ASP A 82 8.31 -22.91 -22.94
C ASP A 82 8.93 -21.76 -22.16
N TYR A 83 10.22 -21.88 -21.86
CA TYR A 83 10.86 -20.88 -21.01
C TYR A 83 11.17 -19.54 -21.68
N ASN A 84 10.94 -19.41 -22.99
CA ASN A 84 11.04 -18.08 -23.60
C ASN A 84 10.19 -17.03 -22.92
N VAL A 85 9.09 -17.48 -22.31
CA VAL A 85 8.19 -16.57 -21.56
C VAL A 85 8.83 -15.98 -20.33
N THR A 86 9.90 -16.58 -19.83
CA THR A 86 10.56 -16.16 -18.62
C THR A 86 11.73 -15.23 -18.85
N ALA A 87 12.04 -14.89 -20.12
CA ALA A 87 13.27 -14.12 -20.41
C ALA A 87 13.38 -12.83 -19.65
N ASN A 88 14.58 -12.51 -19.19
CA ASN A 88 14.91 -11.26 -18.55
C ASN A 88 14.25 -11.08 -17.19
N SER A 89 14.03 -12.19 -16.50
CA SER A 89 13.55 -12.13 -15.12
C SER A 89 14.65 -11.70 -14.17
N LYS A 90 14.33 -10.77 -13.26
CA LYS A 90 15.23 -10.46 -12.16
C LYS A 90 15.27 -11.54 -11.10
N LEU A 91 14.13 -12.23 -10.90
CA LEU A 91 13.95 -13.14 -9.79
C LEU A 91 13.08 -14.27 -10.31
N VAL A 92 13.60 -15.49 -10.15
CA VAL A 92 12.91 -16.71 -10.58
C VAL A 92 12.70 -17.59 -9.36
N ILE A 93 11.41 -17.88 -9.07
CA ILE A 93 11.01 -18.58 -7.87
C ILE A 93 10.54 -19.98 -8.27
N ILE A 94 11.16 -21.01 -7.69
CA ILE A 94 10.86 -22.37 -8.07
C ILE A 94 10.07 -23.04 -6.98
N THR A 95 8.84 -23.36 -7.37
CA THR A 95 7.86 -24.01 -6.48
C THR A 95 7.38 -25.31 -7.07
N ALA A 96 8.07 -25.87 -8.05
CA ALA A 96 7.61 -27.05 -8.72
C ALA A 96 8.00 -28.27 -7.92
N GLY A 97 7.22 -29.31 -7.97
N GLY A 97 7.18 -29.30 -8.08
CA GLY A 97 7.67 -30.45 -7.19
CA GLY A 97 7.56 -30.65 -7.66
C GLY A 97 6.69 -31.56 -7.21
C GLY A 97 6.62 -31.30 -6.69
N ALA A 98 7.01 -32.51 -6.29
CA ALA A 98 6.10 -33.30 -5.39
C ALA A 98 6.17 -32.70 -3.96
N ARG A 99 5.05 -32.83 -3.23
CA ARG A 99 4.91 -32.23 -1.91
C ARG A 99 4.72 -33.31 -0.81
N LEU A 107 14.17 -41.08 -0.26
CA LEU A 107 15.28 -40.85 -1.19
C LEU A 107 14.81 -40.90 -2.66
N ASN A 108 13.95 -41.86 -3.01
CA ASN A 108 13.31 -41.88 -4.36
C ASN A 108 12.55 -40.57 -4.69
N LEU A 109 11.84 -40.01 -3.69
CA LEU A 109 11.00 -38.79 -3.85
C LEU A 109 11.86 -37.51 -4.01
N VAL A 110 12.86 -37.38 -3.14
CA VAL A 110 13.94 -36.42 -3.34
C VAL A 110 14.51 -36.57 -4.75
N GLN A 111 14.84 -37.79 -5.19
CA GLN A 111 15.41 -37.93 -6.53
C GLN A 111 14.39 -37.49 -7.60
N ARG A 112 13.12 -37.66 -7.34
CA ARG A 112 12.16 -37.22 -8.35
C ARG A 112 12.08 -35.67 -8.47
N ASN A 113 12.25 -34.96 -7.36
CA ASN A 113 12.37 -33.51 -7.44
C ASN A 113 13.72 -33.06 -8.02
N VAL A 114 14.77 -33.84 -7.79
CA VAL A 114 16.04 -33.57 -8.46
C VAL A 114 15.87 -33.73 -9.96
N ASN A 115 15.13 -34.76 -10.36
CA ASN A 115 14.89 -35.00 -11.79
C ASN A 115 14.15 -33.86 -12.46
N ILE A 116 13.18 -33.29 -11.76
CA ILE A 116 12.48 -32.08 -12.24
C ILE A 116 13.46 -30.90 -12.37
N PHE A 117 14.31 -30.70 -11.36
CA PHE A 117 15.32 -29.63 -11.39
C PHE A 117 16.30 -29.72 -12.55
N LYS A 118 16.66 -30.94 -12.95
CA LYS A 118 17.53 -31.14 -14.09
C LYS A 118 17.00 -30.57 -15.36
N PHE A 119 15.68 -30.51 -15.48
CA PHE A 119 15.05 -29.89 -16.66
C PHE A 119 14.80 -28.40 -16.45
N ILE A 120 14.26 -28.05 -15.29
CA ILE A 120 13.89 -26.67 -15.00
C ILE A 120 15.11 -25.73 -14.99
N ILE A 121 16.14 -26.05 -14.21
CA ILE A 121 17.21 -25.10 -13.92
C ILE A 121 17.97 -24.66 -15.19
N PRO A 122 18.37 -25.58 -16.07
CA PRO A 122 19.09 -25.08 -17.28
C PRO A 122 18.23 -24.19 -18.17
N ASN A 123 16.93 -24.44 -18.22
CA ASN A 123 15.99 -23.63 -19.00
C ASN A 123 15.84 -22.24 -18.41
N VAL A 124 15.78 -22.16 -17.08
CA VAL A 124 15.74 -20.84 -16.44
C VAL A 124 17.00 -20.04 -16.74
N VAL A 125 18.17 -20.68 -16.57
CA VAL A 125 19.44 -20.01 -16.74
C VAL A 125 19.62 -19.53 -18.18
N LYS A 126 19.12 -20.30 -19.14
CA LYS A 126 19.21 -19.93 -20.57
C LYS A 126 18.59 -18.57 -20.81
N TYR A 127 17.40 -18.38 -20.24
CA TYR A 127 16.62 -17.16 -20.56
C TYR A 127 16.80 -15.99 -19.62
N SER A 128 17.31 -16.25 -18.41
CA SER A 128 17.62 -15.23 -17.43
C SER A 128 18.94 -15.57 -16.74
N PRO A 129 20.07 -15.45 -17.45
CA PRO A 129 21.35 -15.82 -16.86
C PRO A 129 21.83 -15.00 -15.72
N ASN A 130 21.27 -13.82 -15.48
CA ASN A 130 21.74 -13.07 -14.35
C ASN A 130 20.64 -12.90 -13.30
N CYS A 131 19.64 -13.76 -13.32
CA CYS A 131 18.59 -13.69 -12.26
C CYS A 131 19.14 -14.14 -10.90
N LYS A 132 18.37 -13.81 -9.87
CA LYS A 132 18.45 -14.48 -8.58
C LYS A 132 17.46 -15.64 -8.63
N LEU A 133 17.91 -16.79 -8.13
CA LEU A 133 17.07 -17.99 -8.00
C LEU A 133 16.62 -18.13 -6.57
N LEU A 134 15.29 -18.28 -6.36
CA LEU A 134 14.73 -18.49 -5.05
C LEU A 134 14.04 -19.83 -5.05
N ILE A 135 14.58 -20.77 -4.29
CA ILE A 135 14.10 -22.15 -4.29
C ILE A 135 13.16 -22.36 -3.13
N VAL A 136 11.98 -22.87 -3.41
CA VAL A 136 10.98 -23.17 -2.39
C VAL A 136 10.69 -24.64 -2.28
N SER A 137 10.75 -25.35 -3.41
CA SER A 137 10.51 -26.81 -3.50
C SER A 137 11.27 -27.59 -2.43
N ASN A 138 10.60 -28.62 -1.86
CA ASN A 138 11.25 -29.41 -0.80
C ASN A 138 11.85 -30.70 -1.32
N PRO A 139 12.85 -31.20 -0.64
CA PRO A 139 13.42 -30.65 0.57
C PRO A 139 14.29 -29.44 0.24
N VAL A 140 13.96 -28.31 0.81
CA VAL A 140 14.42 -27.03 0.26
C VAL A 140 15.93 -26.84 0.41
N ASP A 141 16.52 -27.31 1.50
CA ASP A 141 17.97 -27.09 1.63
C ASP A 141 18.73 -27.95 0.63
N ILE A 142 18.27 -29.17 0.42
CA ILE A 142 18.89 -30.04 -0.59
C ILE A 142 18.70 -29.52 -2.03
N LEU A 143 17.48 -29.09 -2.35
CA LEU A 143 17.21 -28.64 -3.70
C LEU A 143 17.87 -27.29 -4.01
N THR A 144 18.12 -26.48 -2.98
CA THR A 144 18.88 -25.24 -3.19
C THR A 144 20.32 -25.63 -3.63
N TYR A 145 20.91 -26.58 -2.93
CA TYR A 145 22.22 -27.12 -3.36
C TYR A 145 22.19 -27.61 -4.83
N VAL A 146 21.16 -28.37 -5.16
CA VAL A 146 21.02 -28.96 -6.50
C VAL A 146 20.90 -27.81 -7.52
N ALA A 147 20.15 -26.79 -7.18
CA ALA A 147 19.98 -25.67 -8.12
C ALA A 147 21.28 -24.91 -8.31
N TRP A 148 22.06 -24.76 -7.23
CA TRP A 148 23.36 -24.11 -7.26
C TRP A 148 24.29 -24.91 -8.15
N LYS A 149 24.36 -26.21 -7.93
CA LYS A 149 25.24 -27.03 -8.77
C LYS A 149 24.85 -26.99 -10.24
N ILE A 150 23.57 -27.15 -10.54
CA ILE A 150 23.15 -27.24 -11.94
C ILE A 150 23.30 -25.89 -12.64
N SER A 151 22.92 -24.80 -11.95
CA SER A 151 22.97 -23.46 -12.58
C SER A 151 24.37 -22.95 -12.84
N GLY A 152 25.31 -23.30 -11.96
CA GLY A 152 26.63 -22.74 -11.99
C GLY A 152 26.68 -21.30 -11.50
N PHE A 153 25.60 -20.83 -10.86
CA PHE A 153 25.54 -19.47 -10.34
C PHE A 153 26.46 -19.29 -9.13
N PRO A 154 26.89 -18.06 -8.88
CA PRO A 154 27.62 -17.79 -7.66
C PRO A 154 26.68 -17.93 -6.46
N LYS A 155 27.25 -18.10 -5.30
CA LYS A 155 26.48 -18.41 -4.08
C LYS A 155 25.48 -17.29 -3.75
N ASN A 156 25.83 -16.04 -4.04
CA ASN A 156 24.91 -14.94 -3.72
C ASN A 156 23.58 -15.00 -4.45
N ARG A 157 23.52 -15.68 -5.60
CA ARG A 157 22.34 -15.68 -6.45
C ARG A 157 21.52 -16.93 -6.38
N VAL A 158 21.81 -17.78 -5.40
CA VAL A 158 21.01 -18.98 -5.19
C VAL A 158 20.58 -19.04 -3.72
N ILE A 159 19.28 -18.86 -3.50
CA ILE A 159 18.73 -18.61 -2.15
C ILE A 159 17.63 -19.61 -1.94
N GLY A 160 17.65 -20.32 -0.82
CA GLY A 160 16.55 -21.21 -0.46
C GLY A 160 15.62 -20.49 0.50
N SER A 161 14.32 -20.70 0.35
N SER A 161 14.31 -20.69 0.35
CA SER A 161 13.40 -20.03 1.25
CA SER A 161 13.36 -20.10 1.29
C SER A 161 13.64 -20.40 2.71
C SER A 161 13.74 -20.40 2.73
N GLY A 162 14.13 -21.64 2.95
CA GLY A 162 14.76 -22.05 4.20
C GLY A 162 13.86 -21.78 5.40
N CYS A 163 14.43 -21.13 6.40
CA CYS A 163 13.74 -20.89 7.69
C CYS A 163 13.04 -19.56 7.82
N ASN A 164 12.80 -18.86 6.70
CA ASN A 164 12.09 -17.60 6.79
C ASN A 164 10.66 -17.90 7.31
N LEU A 165 10.05 -18.96 6.77
CA LEU A 165 8.72 -19.37 7.19
C LEU A 165 8.74 -19.90 8.63
N ASP A 166 9.74 -20.73 8.94
CA ASP A 166 9.86 -21.27 10.29
C ASP A 166 9.97 -20.17 11.34
N SER A 167 10.76 -19.15 11.02
CA SER A 167 10.91 -18.01 11.90
C SER A 167 9.64 -17.17 12.04
N ALA A 168 8.89 -17.03 10.96
CA ALA A 168 7.60 -16.33 11.02
C ALA A 168 6.64 -17.11 11.90
N ARG A 169 6.65 -18.45 11.83
CA ARG A 169 5.80 -19.26 12.70
C ARG A 169 6.19 -19.08 14.16
N PHE A 170 7.49 -19.08 14.39
CA PHE A 170 8.03 -18.90 15.73
C PHE A 170 7.56 -17.58 16.32
N ARG A 171 7.68 -16.51 15.54
CA ARG A 171 7.30 -15.19 16.00
C ARG A 171 5.78 -15.06 16.24
N TYR A 172 4.95 -15.68 15.39
CA TYR A 172 3.51 -15.78 15.63
C TYR A 172 3.23 -16.43 16.98
N LEU A 173 3.86 -17.56 17.23
CA LEU A 173 3.58 -18.34 18.45
C LEU A 173 4.11 -17.65 19.70
N MET A 174 5.26 -16.99 19.56
CA MET A 174 5.79 -16.13 20.63
C MET A 174 4.83 -14.97 20.94
N GLY A 175 4.33 -14.33 19.89
CA GLY A 175 3.37 -13.24 20.06
C GLY A 175 2.09 -13.66 20.73
N GLU A 176 1.61 -14.86 20.38
CA GLU A 176 0.42 -15.38 20.98
C GLU A 176 0.64 -15.57 22.49
N ARG A 177 1.79 -16.08 22.88
CA ARG A 177 2.06 -16.26 24.31
C ARG A 177 2.15 -14.93 25.07
N LEU A 178 2.77 -13.92 24.45
CA LEU A 178 3.06 -12.67 25.12
C LEU A 178 1.99 -11.59 24.98
N GLY A 179 1.07 -11.78 24.06
CA GLY A 179 0.07 -10.74 23.74
C GLY A 179 0.67 -9.53 23.05
N VAL A 180 1.63 -9.79 22.15
CA VAL A 180 2.32 -8.73 21.39
C VAL A 180 2.30 -9.10 19.93
N HIS A 181 2.16 -8.13 19.04
CA HIS A 181 2.21 -8.47 17.63
C HIS A 181 3.54 -9.17 17.27
N PRO A 182 3.53 -10.14 16.34
CA PRO A 182 4.77 -10.78 15.88
C PRO A 182 5.87 -9.81 15.40
N LEU A 183 5.49 -8.65 14.84
CA LEU A 183 6.51 -7.69 14.44
C LEU A 183 7.42 -7.26 15.58
N SER A 184 6.89 -7.27 16.80
CA SER A 184 7.63 -6.80 17.98
C SER A 184 8.13 -7.96 18.83
N CYS A 185 8.00 -9.20 18.33
CA CYS A 185 8.50 -10.40 18.99
C CYS A 185 9.66 -10.95 18.15
N HIS A 186 10.89 -10.88 18.65
CA HIS A 186 12.03 -11.20 17.81
C HIS A 186 12.54 -12.57 18.22
N GLY A 187 12.95 -13.36 17.25
CA GLY A 187 13.50 -14.70 17.51
C GLY A 187 13.79 -15.37 16.22
N TRP A 188 14.82 -16.19 16.20
CA TRP A 188 15.38 -16.75 14.98
C TRP A 188 15.38 -18.27 15.05
N VAL A 189 14.85 -18.89 14.01
CA VAL A 189 14.96 -20.33 13.81
C VAL A 189 15.89 -20.54 12.62
N LEU A 190 16.96 -21.29 12.85
CA LEU A 190 18.06 -21.46 11.87
C LEU A 190 18.29 -22.93 11.50
N GLY A 191 19.18 -23.18 10.56
CA GLY A 191 19.48 -24.53 10.15
C GLY A 191 18.59 -25.08 9.06
N GLU A 192 18.13 -26.31 9.21
CA GLU A 192 17.26 -26.92 8.22
C GLU A 192 15.83 -26.48 8.37
N HIS A 193 15.14 -26.23 7.26
CA HIS A 193 13.71 -26.03 7.31
C HIS A 193 13.02 -27.28 7.91
N GLY A 194 12.01 -27.12 8.76
CA GLY A 194 11.23 -28.28 9.18
C GLY A 194 11.74 -28.95 10.44
N ASP A 195 11.69 -30.27 10.46
CA ASP A 195 11.97 -31.03 11.69
C ASP A 195 13.18 -30.69 12.48
N SER A 196 14.31 -30.48 11.80
CA SER A 196 15.59 -30.35 12.48
C SER A 196 16.06 -28.93 12.73
N SER A 197 15.15 -27.98 12.54
CA SER A 197 15.49 -26.58 12.75
C SER A 197 15.96 -26.31 14.17
N VAL A 198 16.71 -25.22 14.34
CA VAL A 198 17.31 -24.83 15.61
C VAL A 198 16.80 -23.47 16.10
N PRO A 199 16.09 -23.44 17.26
CA PRO A 199 15.67 -22.18 17.82
C PRO A 199 16.82 -21.55 18.59
N VAL A 200 17.18 -20.32 18.26
CA VAL A 200 18.30 -19.68 18.91
C VAL A 200 17.78 -18.91 20.11
N TRP A 201 17.71 -19.57 21.27
CA TRP A 201 17.06 -18.99 22.43
C TRP A 201 17.73 -17.70 22.87
N SER A 202 19.05 -17.58 22.68
CA SER A 202 19.76 -16.37 23.13
C SER A 202 19.31 -15.10 22.46
N GLY A 203 18.69 -15.23 21.29
CA GLY A 203 18.25 -14.06 20.52
C GLY A 203 16.79 -13.68 20.67
N MET A 204 16.04 -14.48 21.40
N MET A 204 16.03 -14.50 21.39
CA MET A 204 14.60 -14.24 21.61
CA MET A 204 14.62 -14.23 21.63
C MET A 204 14.39 -13.04 22.55
C MET A 204 14.52 -12.97 22.49
N ASN A 205 13.74 -11.99 22.03
CA ASN A 205 13.64 -10.75 22.78
C ASN A 205 12.46 -9.90 22.37
N VAL A 206 12.01 -9.05 23.31
CA VAL A 206 11.06 -7.98 23.05
C VAL A 206 11.72 -6.71 23.50
N ALA A 207 11.77 -5.74 22.60
CA ALA A 207 12.36 -4.43 22.90
C ALA A 207 13.82 -4.53 23.39
N GLY A 208 14.54 -5.52 22.85
CA GLY A 208 15.94 -5.68 23.19
C GLY A 208 16.17 -6.37 24.52
N VAL A 209 15.09 -6.78 25.18
CA VAL A 209 15.22 -7.50 26.48
C VAL A 209 15.31 -8.99 26.20
N SER A 210 16.48 -9.56 26.45
CA SER A 210 16.67 -11.00 26.26
C SER A 210 15.76 -11.82 27.18
N LEU A 211 14.90 -12.66 26.59
CA LEU A 211 14.05 -13.51 27.41
C LEU A 211 14.93 -14.56 28.10
N LYS A 212 16.04 -14.95 27.49
CA LYS A 212 16.91 -16.00 28.12
C LYS A 212 17.60 -15.44 29.36
N THR A 213 17.93 -14.15 29.35
CA THR A 213 18.57 -13.54 30.51
C THR A 213 17.53 -13.37 31.60
N LEU A 214 16.31 -13.00 31.23
CA LEU A 214 15.23 -12.83 32.23
C LEU A 214 14.80 -14.14 32.85
N HIS A 215 14.85 -15.21 32.06
CA HIS A 215 14.32 -16.53 32.41
C HIS A 215 15.34 -17.55 31.90
N PRO A 216 16.42 -17.80 32.68
CA PRO A 216 17.55 -18.59 32.19
C PRO A 216 17.20 -20.01 31.81
N ASP A 217 16.07 -20.53 32.29
CA ASP A 217 15.64 -21.86 31.91
C ASP A 217 14.94 -21.90 30.56
N LEU A 218 14.73 -20.73 29.97
CA LEU A 218 14.15 -20.67 28.60
C LEU A 218 14.72 -21.71 27.63
N GLY A 219 13.84 -22.53 27.09
CA GLY A 219 14.26 -23.47 26.07
C GLY A 219 14.73 -24.81 26.58
N THR A 220 14.94 -24.93 27.89
CA THR A 220 15.52 -26.13 28.48
C THR A 220 14.41 -27.08 28.90
N ASP A 221 14.79 -28.31 29.20
CA ASP A 221 13.84 -29.30 29.73
C ASP A 221 13.23 -28.90 31.07
N LYS A 222 13.97 -28.18 31.91
CA LYS A 222 13.47 -27.85 33.23
C LYS A 222 12.59 -26.65 33.33
N ASP A 223 12.41 -25.95 32.24
CA ASP A 223 11.61 -24.73 32.18
C ASP A 223 10.17 -24.99 32.60
N LYS A 224 9.76 -24.34 33.68
CA LYS A 224 8.40 -24.52 34.21
C LYS A 224 7.34 -24.11 33.21
N GLU A 225 7.69 -23.17 32.32
CA GLU A 225 6.76 -22.64 31.33
C GLU A 225 6.91 -23.32 29.98
N GLN A 226 7.85 -24.24 29.86
CA GLN A 226 8.01 -25.08 28.68
C GLN A 226 7.99 -24.29 27.36
N TRP A 227 8.85 -23.29 27.32
CA TRP A 227 9.01 -22.48 26.10
C TRP A 227 9.53 -23.32 24.94
N LYS A 228 10.19 -24.46 25.18
CA LYS A 228 10.62 -25.38 24.11
C LYS A 228 9.41 -25.83 23.28
N GLU A 229 8.21 -25.84 23.87
CA GLU A 229 6.98 -26.17 23.14
C GLU A 229 6.71 -25.20 22.01
N VAL A 230 7.17 -23.98 22.12
CA VAL A 230 6.95 -23.00 21.04
C VAL A 230 7.69 -23.52 19.80
N HIS A 231 8.93 -23.97 19.97
CA HIS A 231 9.66 -24.53 18.85
C HIS A 231 9.09 -25.86 18.36
N LYS A 232 8.67 -26.72 19.27
CA LYS A 232 7.97 -27.96 18.92
C LYS A 232 6.77 -27.63 18.00
N GLN A 233 6.03 -26.58 18.34
CA GLN A 233 4.89 -26.20 17.54
C GLN A 233 5.26 -25.55 16.22
N VAL A 234 6.41 -24.87 16.12
CA VAL A 234 6.90 -24.47 14.79
C VAL A 234 7.02 -25.68 13.86
N VAL A 235 7.59 -26.76 14.38
CA VAL A 235 7.72 -27.98 13.60
C VAL A 235 6.33 -28.62 13.36
N GLU A 236 5.61 -28.84 14.44
CA GLU A 236 4.43 -29.67 14.39
C GLU A 236 3.20 -28.98 13.75
N SER A 237 3.11 -27.65 13.89
CA SER A 237 1.97 -26.90 13.31
C SER A 237 1.95 -27.06 11.81
N ALA A 238 3.13 -27.16 11.20
CA ALA A 238 3.12 -27.42 9.76
C ALA A 238 2.51 -28.75 9.35
N TYR A 239 2.92 -29.82 10.04
CA TYR A 239 2.41 -31.15 9.79
C TYR A 239 0.89 -31.16 10.09
N GLU A 240 0.46 -30.41 11.12
CA GLU A 240 -0.97 -30.27 11.45
C GLU A 240 -1.77 -29.62 10.31
N VAL A 241 -1.22 -28.55 9.74
CA VAL A 241 -1.88 -27.89 8.58
C VAL A 241 -1.98 -28.88 7.42
N ILE A 242 -0.91 -29.62 7.15
CA ILE A 242 -0.99 -30.64 6.09
C ILE A 242 -2.06 -31.72 6.37
N LYS A 243 -2.12 -32.21 7.60
CA LYS A 243 -3.16 -33.16 7.98
C LYS A 243 -4.58 -32.55 7.82
N LEU A 244 -4.72 -31.27 8.18
CA LEU A 244 -6.07 -30.67 8.23
C LEU A 244 -6.57 -30.23 6.87
N LYS A 245 -5.71 -29.57 6.07
CA LYS A 245 -6.12 -29.07 4.76
C LYS A 245 -5.47 -29.76 3.60
N GLY A 246 -4.46 -30.57 3.85
CA GLY A 246 -3.84 -31.35 2.78
C GLY A 246 -2.48 -30.87 2.34
N TYR A 247 -2.15 -29.61 2.67
CA TYR A 247 -0.95 -28.93 2.14
C TYR A 247 -0.85 -27.60 2.89
N THR A 248 0.24 -26.85 2.72
CA THR A 248 0.29 -25.45 3.24
C THR A 248 0.54 -24.56 2.03
N SER A 249 0.05 -23.32 2.11
CA SER A 249 0.18 -22.44 0.99
C SER A 249 0.25 -20.96 1.36
N TRP A 250 -0.65 -20.47 2.22
CA TRP A 250 -0.75 -19.02 2.42
C TRP A 250 0.49 -18.44 3.10
N ALA A 251 0.94 -19.08 4.16
CA ALA A 251 2.08 -18.53 4.91
C ALA A 251 3.36 -18.57 4.08
N ILE A 252 3.60 -19.67 3.36
CA ILE A 252 4.77 -19.73 2.51
C ILE A 252 4.69 -18.66 1.41
N GLY A 253 3.49 -18.46 0.86
CA GLY A 253 3.32 -17.44 -0.17
C GLY A 253 3.70 -16.05 0.32
N LEU A 254 3.23 -15.71 1.52
CA LEU A 254 3.57 -14.43 2.14
C LEU A 254 5.03 -14.31 2.47
N SER A 255 5.63 -15.38 2.98
N SER A 255 5.64 -15.37 2.95
CA SER A 255 7.09 -15.46 3.27
CA SER A 255 7.05 -15.30 3.31
C SER A 255 7.90 -15.16 2.02
C SER A 255 7.94 -15.20 2.05
N VAL A 256 7.55 -15.84 0.95
CA VAL A 256 8.23 -15.67 -0.32
C VAL A 256 8.10 -14.24 -0.86
N ALA A 257 6.90 -13.65 -0.76
CA ALA A 257 6.70 -12.29 -1.18
C ALA A 257 7.54 -11.33 -0.34
N ASP A 258 7.76 -11.65 0.94
CA ASP A 258 8.61 -10.81 1.78
C ASP A 258 10.09 -10.83 1.35
N LEU A 259 10.57 -12.01 1.00
CA LEU A 259 11.89 -12.18 0.41
C LEU A 259 11.99 -11.43 -0.92
N ALA A 260 10.99 -11.62 -1.77
CA ALA A 260 10.98 -10.95 -3.03
C ALA A 260 11.04 -9.42 -2.89
N GLU A 261 10.34 -8.89 -1.88
CA GLU A 261 10.33 -7.47 -1.64
C GLU A 261 11.77 -7.00 -1.32
N SER A 262 12.43 -7.67 -0.42
CA SER A 262 13.81 -7.27 -0.10
C SER A 262 14.74 -7.31 -1.30
N ILE A 263 14.64 -8.35 -2.10
CA ILE A 263 15.48 -8.51 -3.29
C ILE A 263 15.13 -7.44 -4.33
N MET A 264 13.86 -7.31 -4.71
CA MET A 264 13.45 -6.41 -5.77
C MET A 264 13.70 -4.96 -5.43
N LYS A 265 13.55 -4.59 -4.16
CA LYS A 265 13.67 -3.21 -3.73
C LYS A 265 15.06 -2.93 -3.13
N ASN A 266 15.96 -3.90 -3.23
CA ASN A 266 17.34 -3.73 -2.70
C ASN A 266 17.38 -3.25 -1.25
N LEU A 267 16.55 -3.87 -0.40
CA LEU A 267 16.36 -3.34 0.94
C LEU A 267 17.52 -3.56 1.91
N ARG A 268 18.25 -4.65 1.75
CA ARG A 268 19.31 -5.05 2.72
C ARG A 268 18.71 -5.31 4.10
N ARG A 269 17.55 -5.94 4.10
CA ARG A 269 16.96 -6.51 5.30
C ARG A 269 17.55 -7.85 5.52
N VAL A 270 17.46 -8.30 6.76
CA VAL A 270 18.04 -9.55 7.20
C VAL A 270 16.92 -10.62 7.30
N HIS A 271 17.12 -11.77 6.69
CA HIS A 271 16.18 -12.86 6.66
C HIS A 271 16.93 -14.20 6.86
N PRO A 272 16.31 -15.17 7.54
CA PRO A 272 16.93 -16.47 7.71
C PRO A 272 16.61 -17.36 6.53
N VAL A 273 17.46 -17.31 5.52
CA VAL A 273 17.28 -18.06 4.30
C VAL A 273 18.44 -19.03 4.16
N SER A 274 18.27 -20.02 3.31
CA SER A 274 19.25 -21.08 3.14
CA SER A 274 19.29 -21.06 3.19
C SER A 274 20.37 -20.67 2.16
N THR A 275 21.62 -20.77 2.63
CA THR A 275 22.78 -20.32 1.85
C THR A 275 23.90 -21.33 2.02
N MET A 276 24.84 -21.33 1.09
CA MET A 276 25.96 -22.27 1.13
C MET A 276 26.87 -21.87 2.25
N ILE A 277 26.93 -22.70 3.29
CA ILE A 277 27.54 -22.35 4.53
C ILE A 277 28.91 -23.00 4.89
N LYS A 278 29.46 -23.75 3.95
CA LYS A 278 30.77 -24.35 4.18
C LYS A 278 31.76 -23.27 4.61
N GLY A 279 32.49 -23.55 5.66
CA GLY A 279 33.47 -22.60 6.17
C GLY A 279 33.01 -21.89 7.43
N LEU A 280 31.70 -21.93 7.74
CA LEU A 280 31.17 -21.48 9.05
C LEU A 280 30.68 -22.59 9.99
N TYR A 281 30.82 -22.35 11.30
CA TYR A 281 30.41 -23.26 12.37
C TYR A 281 31.03 -24.63 12.35
N GLY A 282 32.25 -24.69 11.84
CA GLY A 282 32.93 -25.95 11.73
C GLY A 282 32.26 -26.85 10.70
N ILE A 283 31.48 -26.23 9.81
CA ILE A 283 30.87 -26.94 8.68
C ILE A 283 31.85 -27.03 7.52
N LYS A 284 32.08 -28.27 7.11
CA LYS A 284 33.11 -28.61 6.15
C LYS A 284 32.62 -29.29 4.90
N ASP A 285 31.30 -29.26 4.64
CA ASP A 285 30.78 -29.79 3.40
C ASP A 285 29.94 -28.77 2.68
N ASP A 286 29.71 -29.05 1.39
CA ASP A 286 28.91 -28.13 0.52
C ASP A 286 27.40 -28.34 0.77
N VAL A 287 26.89 -27.63 1.77
CA VAL A 287 25.48 -27.73 2.15
C VAL A 287 24.92 -26.34 2.38
N PHE A 288 23.60 -26.25 2.27
CA PHE A 288 22.88 -24.99 2.44
C PHE A 288 22.05 -25.11 3.70
N LEU A 289 22.22 -24.16 4.59
CA LEU A 289 21.44 -24.08 5.81
C LEU A 289 21.06 -22.65 6.02
N SER A 290 20.00 -22.43 6.79
CA SER A 290 19.57 -21.06 7.04
C SER A 290 20.37 -20.41 8.13
N VAL A 291 20.85 -19.21 7.82
CA VAL A 291 21.45 -18.27 8.74
C VAL A 291 20.92 -16.88 8.34
N PRO A 292 21.05 -15.89 9.22
CA PRO A 292 20.49 -14.57 8.86
C PRO A 292 21.33 -13.96 7.73
N CYS A 293 20.69 -13.65 6.62
CA CYS A 293 21.36 -13.15 5.43
C CYS A 293 20.83 -11.78 5.08
N ILE A 294 21.72 -10.90 4.64
N ILE A 294 21.73 -10.89 4.64
CA ILE A 294 21.34 -9.57 4.11
CA ILE A 294 21.35 -9.58 4.09
C ILE A 294 20.98 -9.68 2.63
C ILE A 294 20.95 -9.77 2.64
N LEU A 295 19.70 -9.41 2.32
CA LEU A 295 19.15 -9.60 0.96
C LEU A 295 18.90 -8.27 0.25
N GLY A 296 19.30 -8.24 -1.01
CA GLY A 296 19.12 -7.08 -1.85
C GLY A 296 19.21 -7.47 -3.31
N GLN A 297 19.54 -6.49 -4.14
CA GLN A 297 19.44 -6.65 -5.57
C GLN A 297 20.40 -7.65 -6.16
N ASN A 298 21.47 -7.97 -5.45
CA ASN A 298 22.38 -9.02 -5.90
C ASN A 298 22.20 -10.30 -5.12
N GLY A 299 21.06 -10.47 -4.48
CA GLY A 299 20.83 -11.65 -3.67
C GLY A 299 21.38 -11.53 -2.28
N ILE A 300 22.08 -12.57 -1.85
CA ILE A 300 22.73 -12.57 -0.54
C ILE A 300 24.08 -11.89 -0.61
N SER A 301 24.22 -10.65 -0.15
CA SER A 301 25.50 -9.96 -0.22
C SER A 301 26.37 -10.19 1.02
N ASP A 302 25.77 -10.55 2.13
CA ASP A 302 26.45 -10.63 3.41
C ASP A 302 25.63 -11.56 4.29
N LEU A 303 26.26 -12.11 5.33
CA LEU A 303 25.48 -12.81 6.32
C LEU A 303 25.94 -12.53 7.71
N VAL A 304 25.02 -12.67 8.65
CA VAL A 304 25.30 -12.43 10.05
C VAL A 304 25.86 -13.69 10.68
N LYS A 305 26.98 -13.53 11.38
CA LYS A 305 27.63 -14.58 12.15
C LYS A 305 27.06 -14.61 13.57
N VAL A 306 25.98 -15.37 13.74
CA VAL A 306 25.29 -15.49 15.03
C VAL A 306 26.22 -16.25 15.97
N THR A 307 26.33 -15.78 17.23
CA THR A 307 27.08 -16.56 18.24
C THR A 307 26.16 -17.70 18.74
N LEU A 308 26.64 -18.91 18.58
CA LEU A 308 25.89 -20.12 18.89
C LEU A 308 26.50 -20.81 20.11
N THR A 309 25.66 -21.48 20.86
CA THR A 309 26.18 -22.35 21.94
C THR A 309 26.82 -23.61 21.34
N SER A 310 27.52 -24.39 22.18
CA SER A 310 28.04 -25.68 21.75
C SER A 310 26.98 -26.59 21.21
N GLU A 311 25.83 -26.64 21.89
CA GLU A 311 24.73 -27.52 21.48
C GLU A 311 24.17 -27.08 20.12
N GLU A 312 24.00 -25.78 19.95
CA GLU A 312 23.49 -25.24 18.68
C GLU A 312 24.43 -25.51 17.52
N GLU A 313 25.74 -25.31 17.72
CA GLU A 313 26.72 -25.61 16.70
C GLU A 313 26.69 -27.09 16.37
N ALA A 314 26.61 -27.96 17.38
CA ALA A 314 26.51 -29.37 17.10
C ALA A 314 25.29 -29.76 16.30
N ARG A 315 24.16 -29.12 16.59
CA ARG A 315 22.96 -29.41 15.79
C ARG A 315 23.11 -29.01 14.32
N LEU A 316 23.76 -27.87 14.05
CA LEU A 316 23.99 -27.46 12.65
C LEU A 316 24.94 -28.45 12.00
N LYS A 317 25.98 -28.87 12.73
CA LYS A 317 26.92 -29.83 12.18
C LYS A 317 26.25 -31.16 11.89
N LYS A 318 25.36 -31.63 12.78
CA LYS A 318 24.60 -32.89 12.50
C LYS A 318 23.74 -32.73 11.25
N SER A 319 23.09 -31.58 11.13
CA SER A 319 22.32 -31.34 9.94
C SER A 319 23.16 -31.34 8.66
N ALA A 320 24.33 -30.72 8.69
CA ALA A 320 25.19 -30.68 7.51
C ALA A 320 25.64 -32.11 7.16
N ASP A 321 25.96 -32.94 8.17
CA ASP A 321 26.32 -34.33 7.88
C ASP A 321 25.16 -35.09 7.22
N THR A 322 23.94 -34.88 7.72
CA THR A 322 22.76 -35.49 7.18
C THR A 322 22.49 -35.07 5.73
N LEU A 323 22.53 -33.76 5.49
CA LEU A 323 22.34 -33.23 4.14
C LEU A 323 23.38 -33.77 3.19
N TRP A 324 24.62 -33.70 3.62
CA TRP A 324 25.72 -34.16 2.79
C TRP A 324 25.59 -35.66 2.46
N GLY A 325 25.20 -36.47 3.44
CA GLY A 325 24.93 -37.89 3.21
C GLY A 325 23.98 -38.18 2.08
N ILE A 326 22.91 -37.38 2.03
CA ILE A 326 21.94 -37.52 0.98
C ILE A 326 22.48 -37.00 -0.34
N GLN A 327 23.07 -35.82 -0.33
CA GLN A 327 23.58 -35.18 -1.54
C GLN A 327 24.63 -36.01 -2.28
N LYS A 328 25.49 -36.69 -1.55
CA LYS A 328 26.52 -37.52 -2.22
C LYS A 328 25.89 -38.72 -2.97
N GLU A 329 24.68 -39.12 -2.62
CA GLU A 329 24.00 -40.20 -3.33
C GLU A 329 23.26 -39.69 -4.57
N LEU A 330 23.04 -38.38 -4.69
CA LEU A 330 22.20 -37.87 -5.77
C LEU A 330 22.85 -37.98 -7.14
N GLN A 331 22.03 -38.27 -8.15
CA GLN A 331 22.49 -38.40 -9.52
C GLN A 331 21.95 -37.24 -10.35
N PHE A 332 22.82 -36.34 -10.80
CA PHE A 332 22.36 -35.28 -11.70
C PHE A 332 23.47 -34.70 -12.54
N ALA B 2 6.26 -14.58 39.88
CA ALA B 2 6.08 -13.94 38.56
C ALA B 2 6.57 -14.84 37.43
N THR B 3 5.72 -15.01 36.43
CA THR B 3 6.09 -15.68 35.19
C THR B 3 6.98 -14.77 34.33
N LEU B 4 7.53 -15.35 33.27
CA LEU B 4 8.32 -14.56 32.32
C LEU B 4 7.47 -13.39 31.78
N LYS B 5 6.25 -13.68 31.34
CA LYS B 5 5.42 -12.61 30.80
C LYS B 5 5.25 -11.48 31.82
N ASP B 6 4.98 -11.83 33.10
CA ASP B 6 4.84 -10.89 34.23
C ASP B 6 6.09 -10.04 34.46
N GLN B 7 7.24 -10.68 34.38
CA GLN B 7 8.50 -9.98 34.59
C GLN B 7 8.79 -9.04 33.46
N LEU B 8 8.36 -9.44 32.26
CA LEU B 8 8.64 -8.65 31.03
C LEU B 8 7.69 -7.48 30.85
N ILE B 9 6.41 -7.71 31.15
CA ILE B 9 5.35 -6.81 30.75
C ILE B 9 4.50 -6.41 31.92
N TYR B 10 4.38 -5.10 32.13
CA TYR B 10 3.45 -4.52 33.10
C TYR B 10 2.11 -4.19 32.44
N ASN B 11 1.00 -4.77 32.95
CA ASN B 11 -0.32 -4.53 32.40
C ASN B 11 -1.02 -3.30 32.97
N LEU B 12 -1.43 -2.36 32.12
CA LEU B 12 -2.15 -1.19 32.63
C LEU B 12 -3.63 -1.51 32.75
N LEU B 13 -4.19 -2.16 31.75
CA LEU B 13 -5.57 -2.58 31.89
C LEU B 13 -5.85 -3.82 31.07
N LYS B 14 -6.79 -4.61 31.58
CA LYS B 14 -7.18 -5.84 30.96
C LYS B 14 -8.66 -5.58 30.76
N GLU B 15 -9.00 -5.20 29.55
CA GLU B 15 -10.39 -4.97 29.18
C GLU B 15 -10.51 -5.58 27.79
N GLU B 16 -11.60 -6.27 27.50
CA GLU B 16 -11.87 -6.81 26.17
C GLU B 16 -12.56 -5.73 25.37
N GLN B 17 -11.97 -5.28 24.26
CA GLN B 17 -12.72 -4.33 23.39
C GLN B 17 -13.18 -5.07 22.12
N THR B 18 -14.35 -4.70 21.61
CA THR B 18 -14.80 -5.25 20.35
C THR B 18 -13.85 -4.79 19.26
N PRO B 19 -13.80 -5.53 18.16
CA PRO B 19 -13.06 -5.10 16.98
C PRO B 19 -13.76 -3.97 16.34
N GLN B 20 -12.99 -3.14 15.65
CA GLN B 20 -13.50 -1.93 15.04
C GLN B 20 -13.94 -2.19 13.61
N ASN B 21 -13.29 -3.15 12.98
CA ASN B 21 -13.42 -3.35 11.52
C ASN B 21 -13.35 -4.82 11.21
N LYS B 22 -14.29 -5.58 11.77
CA LYS B 22 -14.28 -7.00 11.61
C LYS B 22 -14.98 -7.45 10.35
N ILE B 23 -14.35 -8.41 9.68
CA ILE B 23 -14.91 -9.08 8.49
C ILE B 23 -14.97 -10.56 8.74
N THR B 24 -16.11 -11.18 8.37
CA THR B 24 -16.26 -12.63 8.38
C THR B 24 -16.35 -13.13 6.95
N VAL B 25 -15.71 -14.25 6.66
CA VAL B 25 -15.96 -14.97 5.43
C VAL B 25 -16.60 -16.32 5.79
N VAL B 26 -17.76 -16.59 5.19
CA VAL B 26 -18.46 -17.90 5.36
C VAL B 26 -18.20 -18.79 4.13
N GLY B 27 -17.56 -19.93 4.36
CA GLY B 27 -17.07 -20.83 3.32
C GLY B 27 -15.61 -20.63 3.01
N VAL B 28 -14.77 -21.57 3.40
CA VAL B 28 -13.32 -21.47 3.22
C VAL B 28 -12.84 -22.33 2.09
N GLY B 29 -13.62 -22.34 1.02
CA GLY B 29 -13.18 -22.98 -0.21
C GLY B 29 -12.33 -22.10 -1.08
N ALA B 30 -12.25 -22.39 -2.37
CA ALA B 30 -11.33 -21.66 -3.25
C ALA B 30 -11.67 -20.15 -3.27
N VAL B 31 -12.94 -19.86 -3.35
CA VAL B 31 -13.41 -18.47 -3.38
C VAL B 31 -13.24 -17.77 -2.03
N GLY B 32 -13.66 -18.42 -0.94
CA GLY B 32 -13.56 -17.81 0.38
C GLY B 32 -12.14 -17.50 0.75
N MET B 33 -11.21 -18.41 0.43
CA MET B 33 -9.82 -18.17 0.76
C MET B 33 -9.19 -17.12 -0.13
N ALA B 34 -9.60 -17.04 -1.40
CA ALA B 34 -9.10 -15.93 -2.22
C ALA B 34 -9.61 -14.56 -1.72
N CYS B 35 -10.86 -14.48 -1.31
CA CYS B 35 -11.42 -13.27 -0.71
C CYS B 35 -10.65 -12.95 0.58
N ALA B 36 -10.40 -13.96 1.38
CA ALA B 36 -9.63 -13.76 2.64
C ALA B 36 -8.23 -13.18 2.42
N ILE B 37 -7.42 -13.81 1.58
CA ILE B 37 -6.08 -13.34 1.34
C ILE B 37 -6.11 -11.96 0.74
N SER B 38 -7.05 -11.68 -0.15
CA SER B 38 -7.10 -10.38 -0.81
C SER B 38 -7.48 -9.29 0.20
N ILE B 39 -8.43 -9.60 1.06
CA ILE B 39 -8.79 -8.67 2.13
C ILE B 39 -7.65 -8.44 3.14
N LEU B 40 -6.95 -9.51 3.49
CA LEU B 40 -5.78 -9.40 4.41
C LEU B 40 -4.69 -8.53 3.81
N MET B 41 -4.41 -8.71 2.51
N MET B 41 -4.41 -8.67 2.52
CA MET B 41 -3.38 -7.93 1.81
CA MET B 41 -3.33 -7.90 1.91
C MET B 41 -3.70 -6.46 1.71
C MET B 41 -3.73 -6.47 1.52
N LYS B 42 -5.00 -6.13 1.74
CA LYS B 42 -5.47 -4.75 1.61
C LYS B 42 -5.70 -4.06 2.97
N ASP B 43 -5.38 -4.73 4.06
CA ASP B 43 -5.41 -4.14 5.40
C ASP B 43 -6.79 -3.51 5.73
N LEU B 44 -7.83 -4.24 5.39
CA LEU B 44 -9.19 -3.74 5.55
C LEU B 44 -9.82 -4.11 6.89
N ALA B 45 -9.28 -5.09 7.59
CA ALA B 45 -9.97 -5.59 8.79
C ALA B 45 -9.00 -5.65 9.96
N ASP B 46 -9.50 -5.43 11.20
CA ASP B 46 -8.67 -5.72 12.39
C ASP B 46 -8.95 -7.08 13.00
N GLU B 47 -9.99 -7.77 12.50
CA GLU B 47 -10.28 -9.12 12.93
C GLU B 47 -10.92 -9.79 11.73
N LEU B 48 -10.45 -11.00 11.40
CA LEU B 48 -11.03 -11.83 10.33
C LEU B 48 -11.53 -13.11 10.97
N ALA B 49 -12.79 -13.43 10.74
CA ALA B 49 -13.37 -14.69 11.17
C ALA B 49 -13.76 -15.54 10.00
N LEU B 50 -13.52 -16.84 10.13
CA LEU B 50 -13.81 -17.80 9.09
C LEU B 50 -14.81 -18.85 9.63
N VAL B 51 -15.76 -19.22 8.77
CA VAL B 51 -16.79 -20.23 9.13
C VAL B 51 -16.86 -21.25 7.98
N ASP B 52 -17.01 -22.54 8.34
CA ASP B 52 -17.35 -23.56 7.36
C ASP B 52 -18.04 -24.67 8.13
N VAL B 53 -18.45 -25.68 7.41
CA VAL B 53 -18.97 -26.92 8.02
C VAL B 53 -17.95 -28.04 8.07
N ILE B 54 -16.86 -27.95 7.29
CA ILE B 54 -15.82 -28.95 7.29
C ILE B 54 -14.80 -28.48 8.30
N GLU B 55 -14.80 -29.11 9.45
CA GLU B 55 -14.04 -28.61 10.58
C GLU B 55 -12.53 -28.68 10.41
N ASP B 56 -12.00 -29.77 9.82
CA ASP B 56 -10.55 -29.89 9.66
CA ASP B 56 -10.54 -29.89 9.65
C ASP B 56 -10.01 -28.85 8.65
N LYS B 57 -10.68 -28.75 7.50
CA LYS B 57 -10.30 -27.77 6.49
C LYS B 57 -10.33 -26.37 7.08
N LEU B 58 -11.37 -26.05 7.83
CA LEU B 58 -11.51 -24.76 8.43
C LEU B 58 -10.34 -24.42 9.35
N LYS B 59 -10.02 -25.35 10.24
CA LYS B 59 -8.92 -25.12 11.16
C LYS B 59 -7.59 -24.98 10.44
N GLY B 60 -7.36 -25.84 9.44
CA GLY B 60 -6.13 -25.75 8.64
C GLY B 60 -5.96 -24.43 7.94
N GLU B 61 -7.02 -23.97 7.28
CA GLU B 61 -6.97 -22.66 6.61
C GLU B 61 -6.68 -21.54 7.55
N MET B 62 -7.41 -21.53 8.68
CA MET B 62 -7.17 -20.54 9.71
C MET B 62 -5.68 -20.55 10.15
N MET B 63 -5.16 -21.72 10.47
CA MET B 63 -3.77 -21.82 10.93
C MET B 63 -2.79 -21.31 9.88
N ASP B 64 -3.04 -21.65 8.62
CA ASP B 64 -2.14 -21.30 7.51
C ASP B 64 -2.09 -19.74 7.42
N LEU B 65 -3.25 -19.06 7.51
CA LEU B 65 -3.23 -17.61 7.54
C LEU B 65 -2.55 -17.07 8.78
N GLN B 66 -2.81 -17.69 9.94
CA GLN B 66 -2.19 -17.21 11.20
C GLN B 66 -0.66 -17.25 11.10
N HIS B 67 -0.13 -18.28 10.46
CA HIS B 67 1.32 -18.42 10.28
C HIS B 67 1.94 -17.29 9.49
N GLY B 68 1.11 -16.64 8.68
CA GLY B 68 1.54 -15.46 7.91
C GLY B 68 1.39 -14.12 8.61
N SER B 69 0.96 -14.13 9.87
CA SER B 69 0.64 -12.90 10.59
C SER B 69 1.73 -11.86 10.61
N LEU B 70 2.98 -12.30 10.71
CA LEU B 70 4.12 -11.39 10.72
C LEU B 70 4.09 -10.43 9.50
N PHE B 71 3.57 -10.96 8.39
CA PHE B 71 3.56 -10.22 7.12
C PHE B 71 2.26 -9.44 6.88
N LEU B 72 1.36 -9.41 7.85
CA LEU B 72 0.04 -8.78 7.73
C LEU B 72 -0.17 -7.71 8.80
N ARG B 73 -1.32 -7.06 8.72
CA ARG B 73 -1.70 -6.02 9.70
C ARG B 73 -3.10 -6.27 10.18
N THR B 74 -3.43 -7.55 10.34
CA THR B 74 -4.74 -7.95 10.84
C THR B 74 -4.38 -8.82 12.04
N PRO B 75 -4.57 -8.28 13.24
CA PRO B 75 -3.96 -8.96 14.39
C PRO B 75 -4.74 -10.13 14.99
N LYS B 76 -5.97 -10.40 14.56
CA LYS B 76 -6.71 -11.53 15.08
C LYS B 76 -7.44 -12.22 13.93
N ILE B 77 -7.12 -13.48 13.79
CA ILE B 77 -7.76 -14.38 12.80
C ILE B 77 -8.34 -15.55 13.60
N VAL B 78 -9.64 -15.76 13.51
CA VAL B 78 -10.36 -16.80 14.24
C VAL B 78 -11.19 -17.65 13.29
N SER B 79 -11.62 -18.79 13.78
CA SER B 79 -12.53 -19.64 13.01
C SER B 79 -13.36 -20.52 13.92
N GLY B 80 -14.44 -21.00 13.35
CA GLY B 80 -15.30 -21.95 14.03
C GLY B 80 -16.52 -22.31 13.19
N LYS B 81 -17.07 -23.50 13.44
CA LYS B 81 -18.36 -23.89 12.85
C LYS B 81 -19.53 -23.17 13.50
N ASP B 82 -19.37 -22.75 14.76
CA ASP B 82 -20.39 -22.01 15.51
C ASP B 82 -20.25 -20.52 15.15
N TYR B 83 -21.37 -19.86 14.86
CA TYR B 83 -21.41 -18.47 14.43
C TYR B 83 -21.10 -17.48 15.53
N ASN B 84 -20.95 -17.93 16.79
CA ASN B 84 -20.46 -16.99 17.78
C ASN B 84 -19.12 -16.34 17.46
N VAL B 85 -18.29 -17.04 16.67
CA VAL B 85 -17.02 -16.50 16.21
C VAL B 85 -17.17 -15.30 15.31
N THR B 86 -18.36 -15.09 14.76
CA THR B 86 -18.61 -14.03 13.79
C THR B 86 -19.16 -12.77 14.41
N ALA B 87 -19.38 -12.76 15.73
CA ALA B 87 -20.08 -11.65 16.33
C ALA B 87 -19.41 -10.31 16.05
N ASN B 88 -20.24 -9.31 15.88
CA ASN B 88 -19.83 -7.90 15.78
C ASN B 88 -19.10 -7.62 14.48
N SER B 89 -19.43 -8.39 13.42
CA SER B 89 -18.83 -8.13 12.13
C SER B 89 -19.45 -6.89 11.49
N LYS B 90 -18.63 -6.07 10.84
N LYS B 90 -18.62 -6.07 10.84
CA LYS B 90 -19.13 -5.00 9.99
CA LYS B 90 -19.07 -4.98 10.00
C LYS B 90 -19.60 -5.49 8.62
C LYS B 90 -19.57 -5.48 8.64
N LEU B 91 -18.88 -6.49 8.12
CA LEU B 91 -19.13 -7.05 6.78
C LEU B 91 -19.03 -8.54 6.85
N VAL B 92 -20.03 -9.26 6.30
CA VAL B 92 -20.04 -10.72 6.29
C VAL B 92 -20.17 -11.14 4.84
N ILE B 93 -19.18 -11.87 4.36
CA ILE B 93 -19.07 -12.24 2.96
C ILE B 93 -19.44 -13.74 2.84
N ILE B 94 -20.44 -14.09 2.01
CA ILE B 94 -20.92 -15.45 1.97
C ILE B 94 -20.45 -16.07 0.67
N THR B 95 -19.54 -17.05 0.81
CA THR B 95 -18.99 -17.76 -0.36
C THR B 95 -19.31 -19.25 -0.33
N ALA B 96 -20.12 -19.70 0.60
CA ALA B 96 -20.39 -21.11 0.77
C ALA B 96 -21.26 -21.67 -0.34
N GLY B 97 -21.05 -22.92 -0.67
CA GLY B 97 -22.00 -23.63 -1.48
C GLY B 97 -21.45 -24.29 -2.70
N ALA B 98 -22.38 -24.92 -3.43
CA ALA B 98 -22.03 -25.62 -4.62
C ALA B 98 -21.59 -24.67 -5.72
N ARG B 99 -20.60 -25.11 -6.49
CA ARG B 99 -20.12 -24.39 -7.67
C ARG B 99 -20.44 -25.11 -8.95
N GLN B 100 -20.37 -24.41 -10.08
CA GLN B 100 -20.61 -24.99 -11.42
C GLN B 100 -19.62 -26.08 -11.77
N GLN B 101 -20.13 -27.19 -12.29
CA GLN B 101 -19.25 -28.16 -12.97
C GLN B 101 -19.19 -27.70 -14.43
N GLU B 102 -18.24 -28.28 -15.14
CA GLU B 102 -18.05 -27.97 -16.52
C GLU B 102 -19.36 -28.15 -17.25
N GLY B 103 -19.78 -27.06 -17.89
CA GLY B 103 -20.98 -27.07 -18.73
C GLY B 103 -22.31 -26.95 -17.98
N GLU B 104 -22.24 -26.78 -16.68
CA GLU B 104 -23.45 -26.64 -15.87
C GLU B 104 -23.76 -25.17 -15.84
N SER B 105 -25.00 -24.76 -15.78
CA SER B 105 -25.26 -23.34 -15.57
C SER B 105 -25.27 -22.98 -14.10
N ARG B 106 -24.99 -21.73 -13.76
CA ARG B 106 -25.12 -21.26 -12.39
C ARG B 106 -26.55 -21.45 -11.87
N LEU B 107 -27.52 -21.41 -12.75
CA LEU B 107 -28.92 -21.52 -12.37
C LEU B 107 -29.28 -22.95 -11.92
N ASN B 108 -28.41 -23.93 -12.21
CA ASN B 108 -28.62 -25.28 -11.68
C ASN B 108 -28.23 -25.45 -10.23
N LEU B 109 -27.73 -24.39 -9.58
CA LEU B 109 -27.23 -24.46 -8.20
C LEU B 109 -28.25 -23.99 -7.19
N VAL B 110 -29.39 -23.51 -7.67
CA VAL B 110 -30.34 -22.84 -6.83
C VAL B 110 -30.82 -23.64 -5.63
N GLN B 111 -31.36 -24.87 -5.84
CA GLN B 111 -31.93 -25.57 -4.72
C GLN B 111 -30.90 -25.78 -3.62
N ARG B 112 -29.75 -26.31 -4.01
N ARG B 112 -29.73 -26.31 -3.97
CA ARG B 112 -28.62 -26.60 -3.10
CA ARG B 112 -28.71 -26.61 -2.96
C ARG B 112 -28.24 -25.40 -2.26
C ARG B 112 -28.29 -25.37 -2.20
N ASN B 113 -28.07 -24.27 -2.93
CA ASN B 113 -27.51 -23.12 -2.30
C ASN B 113 -28.55 -22.32 -1.51
N VAL B 114 -29.80 -22.29 -1.98
CA VAL B 114 -30.91 -21.73 -1.15
C VAL B 114 -31.01 -22.52 0.15
N ASN B 115 -30.95 -23.85 0.11
N ASN B 115 -30.93 -23.86 0.06
CA ASN B 115 -31.12 -24.59 1.34
CA ASN B 115 -31.02 -24.75 1.23
C ASN B 115 -29.95 -24.40 2.32
C ASN B 115 -30.03 -24.32 2.30
N ILE B 116 -28.76 -24.07 1.79
N ILE B 116 -28.75 -24.13 1.94
CA ILE B 116 -27.62 -23.71 2.64
CA ILE B 116 -27.80 -23.77 2.97
C ILE B 116 -27.91 -22.37 3.31
C ILE B 116 -27.92 -22.30 3.38
N PHE B 117 -28.42 -21.43 2.52
CA PHE B 117 -28.71 -20.03 2.98
C PHE B 117 -29.77 -20.01 4.07
N LYS B 118 -30.71 -20.95 4.02
CA LYS B 118 -31.70 -21.03 5.07
C LYS B 118 -31.10 -21.25 6.46
N PHE B 119 -29.95 -21.89 6.53
CA PHE B 119 -29.24 -22.15 7.76
C PHE B 119 -28.25 -20.98 8.06
N ILE B 120 -27.49 -20.57 7.05
CA ILE B 120 -26.44 -19.59 7.23
C ILE B 120 -26.99 -18.25 7.59
N ILE B 121 -27.95 -17.76 6.81
CA ILE B 121 -28.28 -16.35 6.96
C ILE B 121 -28.86 -16.00 8.35
N PRO B 122 -29.80 -16.80 8.88
CA PRO B 122 -30.32 -16.46 10.25
C PRO B 122 -29.22 -16.47 11.32
N ASN B 123 -28.24 -17.37 11.15
CA ASN B 123 -27.10 -17.43 12.07
C ASN B 123 -26.20 -16.20 11.95
N VAL B 124 -25.94 -15.76 10.72
CA VAL B 124 -25.17 -14.54 10.55
C VAL B 124 -25.84 -13.33 11.26
N VAL B 125 -27.13 -13.16 10.99
CA VAL B 125 -27.92 -12.01 11.43
C VAL B 125 -28.00 -12.02 12.98
N LYS B 126 -28.07 -13.22 13.55
CA LYS B 126 -28.16 -13.36 15.00
C LYS B 126 -26.96 -12.74 15.70
N TYR B 127 -25.76 -12.96 15.15
CA TYR B 127 -24.51 -12.53 15.75
C TYR B 127 -23.99 -11.16 15.28
N SER B 128 -24.43 -10.70 14.10
CA SER B 128 -24.09 -9.39 13.56
C SER B 128 -25.30 -8.72 12.98
N PRO B 129 -26.21 -8.25 13.83
CA PRO B 129 -27.43 -7.66 13.35
C PRO B 129 -27.28 -6.36 12.57
N ASN B 130 -26.15 -5.69 12.69
CA ASN B 130 -25.91 -4.48 11.97
C ASN B 130 -24.88 -4.59 10.83
N CYS B 131 -24.52 -5.79 10.45
CA CYS B 131 -23.54 -5.95 9.36
C CYS B 131 -24.11 -5.61 8.04
N LYS B 132 -23.21 -5.46 7.06
CA LYS B 132 -23.57 -5.54 5.64
C LYS B 132 -23.30 -6.98 5.18
N LEU B 133 -24.17 -7.55 4.37
CA LEU B 133 -24.02 -8.87 3.82
C LEU B 133 -23.55 -8.72 2.38
N LEU B 134 -22.47 -9.42 2.03
CA LEU B 134 -21.95 -9.42 0.65
C LEU B 134 -22.01 -10.85 0.17
N ILE B 135 -22.91 -11.07 -0.77
CA ILE B 135 -23.20 -12.41 -1.26
C ILE B 135 -22.34 -12.70 -2.49
N VAL B 136 -21.67 -13.84 -2.51
CA VAL B 136 -20.83 -14.28 -3.61
C VAL B 136 -21.30 -15.61 -4.20
N SER B 137 -21.83 -16.48 -3.34
CA SER B 137 -22.36 -17.78 -3.75
C SER B 137 -23.31 -17.68 -4.95
N ASN B 138 -23.30 -18.68 -5.83
CA ASN B 138 -24.11 -18.64 -7.06
C ASN B 138 -25.39 -19.44 -6.97
N PRO B 139 -26.42 -19.05 -7.73
CA PRO B 139 -26.36 -17.90 -8.67
C PRO B 139 -26.55 -16.56 -7.89
N VAL B 140 -25.55 -15.69 -7.98
CA VAL B 140 -25.37 -14.62 -7.02
C VAL B 140 -26.57 -13.67 -7.00
N ASP B 141 -27.22 -13.41 -8.13
CA ASP B 141 -28.34 -12.44 -8.09
C ASP B 141 -29.52 -13.04 -7.33
N ILE B 142 -29.81 -14.32 -7.60
N ILE B 142 -29.83 -14.32 -7.61
CA ILE B 142 -30.91 -15.03 -6.93
CA ILE B 142 -30.90 -15.04 -6.90
C ILE B 142 -30.62 -15.15 -5.45
C ILE B 142 -30.61 -15.10 -5.42
N LEU B 143 -29.38 -15.45 -5.09
CA LEU B 143 -29.03 -15.63 -3.68
C LEU B 143 -28.97 -14.34 -2.92
N THR B 144 -28.76 -13.20 -3.62
CA THR B 144 -28.84 -11.93 -2.97
C THR B 144 -30.31 -11.65 -2.55
N TYR B 145 -31.22 -11.90 -3.49
CA TYR B 145 -32.67 -11.83 -3.19
C TYR B 145 -33.04 -12.70 -1.98
N VAL B 146 -32.55 -13.93 -1.99
CA VAL B 146 -32.81 -14.87 -0.92
C VAL B 146 -32.25 -14.37 0.41
N ALA B 147 -31.00 -13.90 0.41
CA ALA B 147 -30.42 -13.38 1.64
C ALA B 147 -31.20 -12.19 2.17
N TRP B 148 -31.65 -11.33 1.27
CA TRP B 148 -32.48 -10.18 1.68
C TRP B 148 -33.79 -10.64 2.32
N LYS B 149 -34.47 -11.58 1.67
CA LYS B 149 -35.75 -12.11 2.23
C LYS B 149 -35.55 -12.77 3.57
N ILE B 150 -34.53 -13.58 3.71
CA ILE B 150 -34.33 -14.36 4.95
C ILE B 150 -33.82 -13.45 6.09
N SER B 151 -32.93 -12.51 5.77
CA SER B 151 -32.28 -11.72 6.83
C SER B 151 -33.25 -10.76 7.53
N GLY B 152 -34.21 -10.23 6.80
CA GLY B 152 -35.02 -9.15 7.26
C GLY B 152 -34.31 -7.79 7.21
N PHE B 153 -33.11 -7.76 6.65
CA PHE B 153 -32.35 -6.51 6.57
C PHE B 153 -32.97 -5.54 5.55
N PRO B 154 -32.77 -4.22 5.75
CA PRO B 154 -33.08 -3.31 4.68
C PRO B 154 -32.17 -3.62 3.46
N LYS B 155 -32.69 -3.40 2.27
CA LYS B 155 -31.96 -3.86 1.08
C LYS B 155 -30.64 -3.11 0.82
N ASN B 156 -30.44 -1.94 1.41
CA ASN B 156 -29.11 -1.30 1.30
C ASN B 156 -28.00 -2.17 1.88
N ARG B 157 -28.32 -3.04 2.86
CA ARG B 157 -27.32 -3.84 3.53
C ARG B 157 -27.14 -5.24 2.97
N VAL B 158 -27.76 -5.54 1.85
CA VAL B 158 -27.63 -6.88 1.24
C VAL B 158 -27.17 -6.66 -0.19
N ILE B 159 -25.92 -7.01 -0.47
N ILE B 159 -25.95 -7.02 -0.47
CA ILE B 159 -25.19 -6.59 -1.67
CA ILE B 159 -25.35 -6.71 -1.72
C ILE B 159 -24.66 -7.88 -2.37
C ILE B 159 -24.85 -7.99 -2.33
N GLY B 160 -24.99 -8.09 -3.64
CA GLY B 160 -24.43 -9.24 -4.39
C GLY B 160 -23.18 -8.80 -5.14
N SER B 161 -22.15 -9.64 -5.18
CA SER B 161 -20.93 -9.27 -5.90
C SER B 161 -21.18 -9.01 -7.38
N GLY B 162 -22.18 -9.65 -7.91
CA GLY B 162 -22.79 -9.26 -9.17
C GLY B 162 -21.80 -9.17 -10.35
N CYS B 163 -21.92 -8.05 -11.09
CA CYS B 163 -21.18 -7.86 -12.32
C CYS B 163 -19.95 -6.96 -12.07
N ASN B 164 -19.50 -6.75 -10.82
CA ASN B 164 -18.18 -6.11 -10.60
C ASN B 164 -17.10 -6.92 -11.34
N LEU B 165 -17.19 -8.24 -11.22
CA LEU B 165 -16.25 -9.12 -11.92
C LEU B 165 -16.46 -9.13 -13.41
N ASP B 166 -17.69 -9.23 -13.88
CA ASP B 166 -17.93 -9.24 -15.33
C ASP B 166 -17.39 -7.94 -15.96
N SER B 167 -17.63 -6.83 -15.29
CA SER B 167 -17.14 -5.53 -15.77
C SER B 167 -15.64 -5.49 -15.73
N ALA B 168 -14.98 -6.02 -14.69
CA ALA B 168 -13.52 -6.08 -14.71
C ALA B 168 -12.98 -6.91 -15.86
N ARG B 169 -13.64 -8.03 -16.17
CA ARG B 169 -13.27 -8.84 -17.35
C ARG B 169 -13.42 -8.09 -18.67
N PHE B 170 -14.54 -7.38 -18.81
CA PHE B 170 -14.84 -6.55 -19.99
C PHE B 170 -13.77 -5.47 -20.18
N ARG B 171 -13.34 -4.86 -19.10
CA ARG B 171 -12.34 -3.79 -19.14
C ARG B 171 -10.97 -4.36 -19.46
N TYR B 172 -10.64 -5.52 -18.92
CA TYR B 172 -9.41 -6.21 -19.27
C TYR B 172 -9.36 -6.46 -20.78
N LEU B 173 -10.45 -7.00 -21.32
CA LEU B 173 -10.52 -7.35 -22.77
C LEU B 173 -10.50 -6.10 -23.64
N MET B 174 -11.19 -5.06 -23.21
N MET B 174 -11.21 -5.05 -23.22
CA MET B 174 -11.15 -3.80 -23.94
CA MET B 174 -11.16 -3.72 -23.87
C MET B 174 -9.73 -3.20 -23.93
C MET B 174 -9.71 -3.25 -23.94
N GLY B 175 -9.04 -3.32 -22.80
CA GLY B 175 -7.67 -2.85 -22.69
C GLY B 175 -6.74 -3.59 -23.59
N GLU B 176 -6.97 -4.90 -23.70
N GLU B 176 -6.96 -4.90 -23.71
CA GLU B 176 -6.14 -5.72 -24.58
CA GLU B 176 -6.11 -5.69 -24.59
C GLU B 176 -6.30 -5.29 -26.03
C GLU B 176 -6.29 -5.26 -26.04
N ARG B 177 -7.53 -5.03 -26.46
CA ARG B 177 -7.77 -4.54 -27.82
C ARG B 177 -7.18 -3.17 -28.13
N LEU B 178 -7.20 -2.28 -27.13
CA LEU B 178 -6.84 -0.88 -27.35
C LEU B 178 -5.40 -0.58 -26.95
N GLY B 179 -4.75 -1.45 -26.21
CA GLY B 179 -3.40 -1.21 -25.68
C GLY B 179 -3.38 -0.16 -24.58
N VAL B 180 -4.40 -0.21 -23.71
CA VAL B 180 -4.54 0.72 -22.62
C VAL B 180 -4.82 -0.08 -21.34
N HIS B 181 -4.31 0.36 -20.19
CA HIS B 181 -4.60 -0.32 -18.94
C HIS B 181 -6.11 -0.32 -18.70
N PRO B 182 -6.66 -1.43 -18.12
CA PRO B 182 -8.07 -1.48 -17.84
C PRO B 182 -8.59 -0.30 -16.98
N LEU B 183 -7.77 0.24 -16.10
CA LEU B 183 -8.14 1.37 -15.29
C LEU B 183 -8.59 2.54 -16.16
N SER B 184 -8.02 2.67 -17.37
CA SER B 184 -8.38 3.76 -18.28
C SER B 184 -9.33 3.37 -19.39
N CYS B 185 -9.89 2.16 -19.33
CA CYS B 185 -10.88 1.68 -20.28
C CYS B 185 -12.20 1.59 -19.53
N HIS B 186 -13.22 2.36 -19.91
CA HIS B 186 -14.47 2.40 -19.16
C HIS B 186 -15.55 1.68 -19.94
N GLY B 187 -16.30 0.80 -19.26
CA GLY B 187 -17.38 0.08 -19.90
C GLY B 187 -18.05 -0.80 -18.90
N TRP B 188 -19.36 -0.90 -18.95
CA TRP B 188 -20.15 -1.57 -17.89
C TRP B 188 -20.82 -2.80 -18.45
N VAL B 189 -20.81 -3.89 -17.69
CA VAL B 189 -21.63 -5.08 -17.94
C VAL B 189 -22.62 -5.14 -16.80
N LEU B 190 -23.90 -5.16 -17.14
CA LEU B 190 -24.98 -5.13 -16.16
C LEU B 190 -25.86 -6.36 -16.25
N GLY B 191 -26.81 -6.45 -15.32
CA GLY B 191 -27.79 -7.53 -15.37
C GLY B 191 -27.30 -8.76 -14.60
N GLU B 192 -27.66 -9.93 -15.10
CA GLU B 192 -27.27 -11.19 -14.43
C GLU B 192 -25.76 -11.40 -14.48
N HIS B 193 -25.17 -11.81 -13.38
CA HIS B 193 -23.83 -12.41 -13.42
C HIS B 193 -23.99 -13.83 -14.01
N GLY B 194 -23.94 -13.89 -15.33
CA GLY B 194 -24.26 -15.14 -16.03
C GLY B 194 -24.54 -14.87 -17.49
N ASP B 195 -25.32 -15.77 -18.08
CA ASP B 195 -25.39 -15.83 -19.52
C ASP B 195 -26.13 -14.64 -20.10
N SER B 196 -27.04 -14.03 -19.35
CA SER B 196 -27.91 -12.99 -19.82
C SER B 196 -27.38 -11.59 -19.52
N SER B 197 -26.12 -11.48 -19.12
CA SER B 197 -25.54 -10.13 -18.87
C SER B 197 -25.60 -9.20 -20.09
N VAL B 198 -25.55 -7.88 -19.81
CA VAL B 198 -25.76 -6.86 -20.84
C VAL B 198 -24.55 -5.93 -20.92
N PRO B 199 -23.82 -5.92 -22.08
CA PRO B 199 -22.77 -4.90 -22.30
C PRO B 199 -23.41 -3.55 -22.68
N VAL B 200 -23.02 -2.51 -21.99
CA VAL B 200 -23.59 -1.20 -22.23
C VAL B 200 -22.68 -0.45 -23.21
N TRP B 201 -22.81 -0.81 -24.49
CA TRP B 201 -21.96 -0.23 -25.52
C TRP B 201 -22.02 1.27 -25.55
N SER B 202 -23.19 1.83 -25.24
CA SER B 202 -23.42 3.26 -25.30
C SER B 202 -22.63 4.06 -24.28
N GLY B 203 -22.11 3.42 -23.23
CA GLY B 203 -21.30 4.08 -22.25
C GLY B 203 -19.80 3.80 -22.32
N MET B 204 -19.36 2.99 -23.27
N MET B 204 -19.36 2.96 -23.26
CA MET B 204 -17.95 2.65 -23.34
CA MET B 204 -17.95 2.61 -23.39
C MET B 204 -17.14 3.82 -23.83
C MET B 204 -17.13 3.81 -23.84
N ASN B 205 -16.03 4.09 -23.16
CA ASN B 205 -15.25 5.28 -23.49
C ASN B 205 -13.83 5.15 -22.97
N VAL B 206 -12.92 5.94 -23.55
CA VAL B 206 -11.56 6.16 -23.02
C VAL B 206 -11.42 7.66 -22.98
N ALA B 207 -11.06 8.18 -21.81
CA ALA B 207 -10.87 9.63 -21.62
C ALA B 207 -12.13 10.46 -21.95
N GLY B 208 -13.29 9.85 -21.72
CA GLY B 208 -14.57 10.51 -21.98
C GLY B 208 -14.97 10.57 -23.43
N VAL B 209 -14.23 9.87 -24.30
CA VAL B 209 -14.54 9.80 -25.73
C VAL B 209 -15.39 8.56 -26.00
N SER B 210 -16.62 8.81 -26.42
CA SER B 210 -17.61 7.71 -26.66
C SER B 210 -17.14 6.84 -27.81
N LEU B 211 -16.97 5.56 -27.55
CA LEU B 211 -16.54 4.66 -28.61
C LEU B 211 -17.68 4.40 -29.58
N LYS B 212 -18.92 4.37 -29.08
CA LYS B 212 -20.10 4.19 -29.99
C LYS B 212 -20.31 5.39 -30.92
N THR B 213 -19.93 6.59 -30.46
CA THR B 213 -20.02 7.78 -31.31
C THR B 213 -18.97 7.70 -32.44
N LEU B 214 -17.76 7.28 -32.10
CA LEU B 214 -16.70 7.06 -33.07
C LEU B 214 -16.99 5.93 -34.03
N HIS B 215 -17.69 4.92 -33.56
CA HIS B 215 -17.93 3.67 -34.31
C HIS B 215 -19.37 3.24 -34.12
N PRO B 216 -20.28 3.80 -34.91
CA PRO B 216 -21.70 3.55 -34.71
C PRO B 216 -22.15 2.09 -34.74
N ASP B 217 -21.40 1.24 -35.44
CA ASP B 217 -21.73 -0.19 -35.46
C ASP B 217 -21.20 -0.98 -34.29
N LEU B 218 -20.51 -0.33 -33.36
CA LEU B 218 -19.95 -1.00 -32.19
C LEU B 218 -20.99 -1.91 -31.50
N GLY B 219 -20.64 -3.17 -31.39
CA GLY B 219 -21.44 -4.13 -30.66
C GLY B 219 -22.53 -4.81 -31.46
N THR B 220 -22.74 -4.36 -32.68
CA THR B 220 -23.78 -4.91 -33.53
C THR B 220 -23.22 -6.04 -34.38
N ASP B 221 -24.13 -6.73 -35.07
CA ASP B 221 -23.73 -7.78 -35.96
C ASP B 221 -23.03 -7.26 -37.21
N LYS B 222 -23.25 -6.01 -37.59
CA LYS B 222 -22.62 -5.40 -38.76
C LYS B 222 -21.18 -4.88 -38.46
N ASP B 223 -20.72 -5.00 -37.22
CA ASP B 223 -19.42 -4.47 -36.83
C ASP B 223 -18.28 -5.28 -37.48
N LYS B 224 -17.47 -4.66 -38.34
CA LYS B 224 -16.30 -5.30 -38.95
C LYS B 224 -15.27 -5.75 -37.95
N GLU B 225 -15.23 -5.13 -36.75
CA GLU B 225 -14.28 -5.51 -35.70
C GLU B 225 -14.85 -6.46 -34.66
N GLN B 226 -16.13 -6.80 -34.80
CA GLN B 226 -16.78 -7.80 -33.98
C GLN B 226 -16.53 -7.56 -32.48
N TRP B 227 -16.81 -6.35 -32.04
CA TRP B 227 -16.76 -6.10 -30.61
C TRP B 227 -17.73 -6.92 -29.77
N LYS B 228 -18.86 -7.39 -30.32
CA LYS B 228 -19.73 -8.30 -29.57
C LYS B 228 -18.95 -9.52 -29.02
N GLU B 229 -17.89 -9.93 -29.71
CA GLU B 229 -17.05 -11.04 -29.23
C GLU B 229 -16.41 -10.75 -27.90
N VAL B 230 -16.19 -9.47 -27.58
CA VAL B 230 -15.64 -9.12 -26.25
C VAL B 230 -16.67 -9.51 -25.19
N HIS B 231 -17.94 -9.16 -25.39
CA HIS B 231 -18.94 -9.55 -24.43
C HIS B 231 -19.14 -11.07 -24.37
N LYS B 232 -19.10 -11.72 -25.56
CA LYS B 232 -19.22 -13.16 -25.58
C LYS B 232 -18.09 -13.78 -24.76
N GLN B 233 -16.89 -13.24 -24.86
CA GLN B 233 -15.77 -13.70 -24.02
C GLN B 233 -15.97 -13.45 -22.53
N VAL B 234 -16.58 -12.34 -22.18
CA VAL B 234 -16.95 -12.13 -20.76
C VAL B 234 -17.92 -13.26 -20.30
N VAL B 235 -18.95 -13.54 -21.09
CA VAL B 235 -19.96 -14.54 -20.72
C VAL B 235 -19.32 -15.90 -20.58
N GLU B 236 -18.38 -16.22 -21.48
CA GLU B 236 -17.80 -17.58 -21.58
C GLU B 236 -16.62 -17.76 -20.62
N SER B 237 -16.21 -16.67 -19.95
CA SER B 237 -14.96 -16.66 -19.18
CA SER B 237 -14.99 -16.62 -19.13
C SER B 237 -14.96 -17.69 -18.09
N ALA B 238 -16.01 -17.75 -17.31
CA ALA B 238 -16.08 -18.76 -16.25
C ALA B 238 -15.99 -20.12 -16.83
N TYR B 239 -16.73 -20.37 -17.91
CA TYR B 239 -16.71 -21.70 -18.46
C TYR B 239 -15.30 -22.09 -18.94
N GLU B 240 -14.59 -21.14 -19.53
N GLU B 240 -14.56 -21.17 -19.54
CA GLU B 240 -13.27 -21.41 -20.09
CA GLU B 240 -13.23 -21.54 -20.02
C GLU B 240 -12.26 -21.68 -18.96
C GLU B 240 -12.32 -21.81 -18.83
N VAL B 241 -12.33 -20.90 -17.88
CA VAL B 241 -11.43 -21.05 -16.74
C VAL B 241 -11.81 -22.33 -15.97
N ILE B 242 -13.09 -22.63 -15.81
CA ILE B 242 -13.49 -23.86 -15.15
C ILE B 242 -13.03 -25.08 -15.92
N LYS B 243 -13.10 -25.01 -17.24
CA LYS B 243 -12.62 -26.11 -18.07
C LYS B 243 -11.10 -26.34 -17.89
N LEU B 244 -10.34 -25.27 -17.72
CA LEU B 244 -8.88 -25.34 -17.66
C LEU B 244 -8.33 -25.67 -16.29
N LYS B 245 -8.83 -25.01 -15.26
CA LYS B 245 -8.33 -25.21 -13.88
C LYS B 245 -9.35 -25.77 -12.88
N GLY B 246 -10.62 -25.92 -13.27
CA GLY B 246 -11.63 -26.57 -12.45
C GLY B 246 -12.63 -25.67 -11.74
N TYR B 247 -12.27 -24.38 -11.60
CA TYR B 247 -13.00 -23.42 -10.79
C TYR B 247 -12.35 -22.07 -11.05
N THR B 248 -12.96 -21.00 -10.55
CA THR B 248 -12.32 -19.67 -10.62
C THR B 248 -12.17 -19.19 -9.18
N SER B 249 -11.16 -18.36 -8.93
CA SER B 249 -10.90 -17.92 -7.56
C SER B 249 -10.23 -16.56 -7.48
N TRP B 250 -9.16 -16.35 -8.20
CA TRP B 250 -8.35 -15.14 -7.99
C TRP B 250 -9.08 -13.86 -8.37
N ALA B 251 -9.72 -13.84 -9.54
CA ALA B 251 -10.36 -12.61 -10.00
C ALA B 251 -11.53 -12.25 -9.08
N ILE B 252 -12.35 -13.23 -8.71
CA ILE B 252 -13.45 -12.96 -7.76
C ILE B 252 -12.94 -12.53 -6.40
N GLY B 253 -11.85 -13.11 -5.93
CA GLY B 253 -11.27 -12.64 -4.65
C GLY B 253 -10.88 -11.15 -4.72
N LEU B 254 -10.26 -10.74 -5.83
CA LEU B 254 -9.89 -9.32 -6.02
C LEU B 254 -11.10 -8.44 -6.15
N SER B 255 -12.11 -8.92 -6.86
CA SER B 255 -13.36 -8.18 -7.03
C SER B 255 -14.09 -7.94 -5.71
N VAL B 256 -14.17 -9.00 -4.93
CA VAL B 256 -14.80 -8.88 -3.60
C VAL B 256 -14.00 -7.93 -2.68
N ALA B 257 -12.68 -8.00 -2.73
CA ALA B 257 -11.85 -7.11 -1.93
C ALA B 257 -12.05 -5.66 -2.35
N ASP B 258 -12.22 -5.43 -3.65
CA ASP B 258 -12.54 -4.09 -4.18
C ASP B 258 -13.87 -3.53 -3.58
N LEU B 259 -14.91 -4.37 -3.60
CA LEU B 259 -16.20 -4.03 -2.99
C LEU B 259 -16.05 -3.80 -1.50
N ALA B 260 -15.33 -4.69 -0.83
CA ALA B 260 -15.09 -4.54 0.61
C ALA B 260 -14.36 -3.23 0.92
N GLU B 261 -13.39 -2.83 0.09
CA GLU B 261 -12.68 -1.57 0.30
C GLU B 261 -13.68 -0.42 0.31
N SER B 262 -14.56 -0.34 -0.69
CA SER B 262 -15.49 0.75 -0.75
C SER B 262 -16.42 0.79 0.44
N ILE B 263 -16.89 -0.39 0.88
CA ILE B 263 -17.81 -0.44 2.01
C ILE B 263 -17.08 -0.07 3.29
N MET B 264 -15.97 -0.73 3.54
CA MET B 264 -15.26 -0.55 4.83
C MET B 264 -14.70 0.87 5.00
N LYS B 265 -14.27 1.50 3.92
CA LYS B 265 -13.67 2.82 3.96
C LYS B 265 -14.65 3.92 3.61
N ASN B 266 -15.93 3.56 3.44
CA ASN B 266 -16.99 4.53 3.14
C ASN B 266 -16.65 5.38 1.94
N LEU B 267 -16.17 4.73 0.87
CA LEU B 267 -15.64 5.53 -0.23
C LEU B 267 -16.70 6.20 -1.09
N ARG B 268 -17.89 5.62 -1.21
CA ARG B 268 -18.89 6.13 -2.16
C ARG B 268 -18.36 6.07 -3.61
N ARG B 269 -17.69 4.97 -3.92
CA ARG B 269 -17.40 4.58 -5.31
C ARG B 269 -18.62 3.89 -5.94
N VAL B 270 -18.64 3.86 -7.28
CA VAL B 270 -19.74 3.26 -8.02
C VAL B 270 -19.27 1.88 -8.51
N HIS B 271 -20.07 0.86 -8.25
CA HIS B 271 -19.80 -0.49 -8.69
C HIS B 271 -21.08 -1.15 -9.17
N PRO B 272 -21.01 -2.01 -10.19
CA PRO B 272 -22.17 -2.79 -10.60
C PRO B 272 -22.35 -4.04 -9.75
N VAL B 273 -23.29 -3.97 -8.86
CA VAL B 273 -23.55 -5.04 -7.87
C VAL B 273 -25.01 -5.41 -7.83
N SER B 274 -25.32 -6.61 -7.35
CA SER B 274 -26.68 -7.11 -7.37
C SER B 274 -27.50 -6.41 -6.31
N THR B 275 -28.60 -5.81 -6.75
CA THR B 275 -29.54 -5.13 -5.89
C THR B 275 -30.93 -5.16 -6.51
N MET B 276 -31.91 -4.65 -5.76
CA MET B 276 -33.30 -4.60 -6.27
C MET B 276 -33.44 -3.51 -7.31
N ILE B 277 -33.92 -3.87 -8.48
CA ILE B 277 -34.00 -2.93 -9.63
C ILE B 277 -35.42 -2.43 -9.86
N LYS B 278 -36.35 -2.87 -9.05
CA LYS B 278 -37.75 -2.39 -9.16
C LYS B 278 -37.82 -0.87 -9.21
N GLY B 279 -38.61 -0.34 -10.16
CA GLY B 279 -38.73 1.08 -10.38
C GLY B 279 -37.86 1.62 -11.49
N LEU B 280 -36.87 0.85 -11.95
CA LEU B 280 -36.02 1.26 -13.06
C LEU B 280 -36.47 0.52 -14.29
N TYR B 281 -36.44 1.22 -15.42
CA TYR B 281 -36.73 0.62 -16.73
C TYR B 281 -38.11 -0.03 -16.81
N GLY B 282 -39.06 0.53 -16.08
CA GLY B 282 -40.39 -0.08 -15.98
C GLY B 282 -40.53 -1.42 -15.27
N ILE B 283 -39.47 -1.93 -14.63
CA ILE B 283 -39.55 -3.23 -14.02
C ILE B 283 -40.32 -3.14 -12.71
N LYS B 284 -41.30 -4.04 -12.51
CA LYS B 284 -42.26 -3.93 -11.37
C LYS B 284 -41.95 -4.97 -10.31
N ASP B 285 -41.19 -5.97 -10.68
CA ASP B 285 -40.96 -7.12 -9.88
C ASP B 285 -39.78 -6.89 -8.89
N ASP B 286 -39.71 -7.67 -7.81
CA ASP B 286 -38.67 -7.52 -6.78
C ASP B 286 -37.35 -8.21 -7.23
N VAL B 287 -37.02 -8.03 -8.48
CA VAL B 287 -35.87 -8.74 -9.04
C VAL B 287 -34.54 -8.06 -8.61
N PHE B 288 -33.56 -8.90 -8.31
CA PHE B 288 -32.19 -8.48 -8.03
C PHE B 288 -31.29 -8.81 -9.21
N LEU B 289 -30.57 -7.81 -9.66
CA LEU B 289 -29.50 -7.97 -10.68
C LEU B 289 -28.60 -6.74 -10.61
N SER B 290 -27.53 -6.72 -11.40
CA SER B 290 -26.55 -5.66 -11.26
C SER B 290 -26.90 -4.40 -12.03
N VAL B 291 -26.84 -3.29 -11.30
CA VAL B 291 -26.81 -1.93 -11.84
C VAL B 291 -25.73 -1.17 -11.04
N PRO B 292 -25.25 -0.02 -11.57
CA PRO B 292 -24.21 0.72 -10.83
C PRO B 292 -24.80 1.35 -9.59
N CYS B 293 -24.15 1.12 -8.48
CA CYS B 293 -24.58 1.57 -7.17
C CYS B 293 -23.45 2.28 -6.44
N ILE B 294 -23.80 3.30 -5.67
CA ILE B 294 -22.85 3.97 -4.76
C ILE B 294 -22.72 3.13 -3.50
N LEU B 295 -21.49 2.69 -3.20
CA LEU B 295 -21.22 1.81 -2.07
C LEU B 295 -20.42 2.51 -1.00
N GLY B 296 -20.83 2.34 0.23
CA GLY B 296 -20.11 2.88 1.37
C GLY B 296 -20.55 2.25 2.67
N GLN B 297 -20.42 2.97 3.79
CA GLN B 297 -20.51 2.32 5.11
C GLN B 297 -21.89 1.79 5.43
N ASN B 298 -22.90 2.28 4.75
CA ASN B 298 -24.28 1.74 4.92
C ASN B 298 -24.70 0.88 3.74
N GLY B 299 -23.71 0.37 3.03
CA GLY B 299 -23.97 -0.46 1.86
C GLY B 299 -24.32 0.35 0.64
N ILE B 300 -25.40 -0.01 -0.04
CA ILE B 300 -25.85 0.68 -1.23
C ILE B 300 -26.72 1.85 -0.86
N SER B 301 -26.23 3.06 -1.05
CA SER B 301 -26.99 4.24 -0.62
C SER B 301 -27.80 4.84 -1.76
N ASP B 302 -27.41 4.51 -2.98
CA ASP B 302 -27.94 5.17 -4.19
C ASP B 302 -27.69 4.25 -5.38
N LEU B 303 -28.55 4.35 -6.40
CA LEU B 303 -28.44 3.62 -7.67
C LEU B 303 -28.15 4.70 -8.74
N VAL B 304 -27.22 4.43 -9.67
CA VAL B 304 -27.07 5.31 -10.84
C VAL B 304 -28.08 4.86 -11.90
N LYS B 305 -28.82 5.82 -12.44
CA LYS B 305 -29.81 5.55 -13.48
C LYS B 305 -29.15 5.63 -14.84
N VAL B 306 -28.63 4.50 -15.28
CA VAL B 306 -27.90 4.46 -16.54
C VAL B 306 -28.88 4.57 -17.69
N THR B 307 -28.56 5.46 -18.64
CA THR B 307 -29.32 5.64 -19.83
C THR B 307 -28.94 4.50 -20.77
N LEU B 308 -29.92 3.75 -21.19
CA LEU B 308 -29.68 2.62 -22.09
C LEU B 308 -30.33 2.88 -23.44
N THR B 309 -29.73 2.37 -24.51
CA THR B 309 -30.41 2.34 -25.80
C THR B 309 -31.61 1.41 -25.71
N SER B 310 -32.49 1.50 -26.69
CA SER B 310 -33.66 0.62 -26.66
C SER B 310 -33.23 -0.85 -26.68
N GLU B 311 -32.19 -1.22 -27.44
CA GLU B 311 -31.74 -2.62 -27.47
C GLU B 311 -31.10 -3.00 -26.14
N GLU B 312 -30.30 -2.13 -25.57
CA GLU B 312 -29.65 -2.42 -24.28
C GLU B 312 -30.75 -2.61 -23.22
N GLU B 313 -31.75 -1.77 -23.24
CA GLU B 313 -32.81 -1.84 -22.25
C GLU B 313 -33.62 -3.09 -22.41
N ALA B 314 -33.90 -3.48 -23.66
CA ALA B 314 -34.61 -4.75 -23.91
C ALA B 314 -33.82 -5.97 -23.37
N ARG B 315 -32.51 -5.95 -23.61
CA ARG B 315 -31.63 -7.04 -23.10
C ARG B 315 -31.60 -7.05 -21.59
N LEU B 316 -31.58 -5.89 -20.95
CA LEU B 316 -31.62 -5.86 -19.47
C LEU B 316 -32.97 -6.39 -18.95
N LYS B 317 -34.06 -6.01 -19.61
CA LYS B 317 -35.35 -6.52 -19.19
C LYS B 317 -35.51 -8.02 -19.40
N LYS B 318 -34.86 -8.59 -20.43
CA LYS B 318 -34.80 -10.05 -20.66
C LYS B 318 -34.02 -10.74 -19.53
N SER B 319 -32.95 -10.10 -19.08
CA SER B 319 -32.14 -10.66 -17.97
C SER B 319 -33.01 -10.67 -16.71
N ALA B 320 -33.73 -9.59 -16.50
CA ALA B 320 -34.65 -9.48 -15.34
C ALA B 320 -35.76 -10.49 -15.38
N ASP B 321 -36.31 -10.74 -16.58
CA ASP B 321 -37.36 -11.75 -16.75
C ASP B 321 -36.87 -13.15 -16.45
N THR B 322 -35.67 -13.47 -16.93
CA THR B 322 -35.06 -14.80 -16.68
C THR B 322 -34.86 -15.01 -15.19
N LEU B 323 -34.25 -14.01 -14.52
CA LEU B 323 -34.02 -14.11 -13.10
C LEU B 323 -35.33 -14.13 -12.33
N TRP B 324 -36.31 -13.33 -12.71
CA TRP B 324 -37.55 -13.24 -11.91
C TRP B 324 -38.35 -14.52 -12.02
N GLY B 325 -38.24 -15.15 -13.18
CA GLY B 325 -38.83 -16.47 -13.38
C GLY B 325 -38.41 -17.48 -12.33
N ILE B 326 -37.17 -17.35 -11.89
CA ILE B 326 -36.64 -18.25 -10.88
C ILE B 326 -36.99 -17.75 -9.50
N GLN B 327 -36.71 -16.45 -9.29
N GLN B 327 -36.72 -16.50 -9.17
CA GLN B 327 -36.81 -15.77 -7.97
CA GLN B 327 -36.97 -16.09 -7.79
C GLN B 327 -38.26 -15.85 -7.46
C GLN B 327 -38.41 -16.28 -7.47
N LYS B 328 -39.25 -15.83 -8.39
CA LYS B 328 -40.67 -15.80 -8.02
C LYS B 328 -41.19 -17.13 -7.52
N GLU B 329 -40.60 -18.24 -7.95
CA GLU B 329 -41.01 -19.58 -7.53
C GLU B 329 -40.34 -20.10 -6.25
N LEU B 330 -39.42 -19.34 -5.68
CA LEU B 330 -38.71 -19.84 -4.47
C LEU B 330 -39.64 -19.96 -3.24
N GLN B 331 -39.41 -20.99 -2.42
CA GLN B 331 -40.19 -21.17 -1.18
C GLN B 331 -39.40 -20.89 0.13
N PHE B 332 -39.89 -19.94 0.94
CA PHE B 332 -39.20 -19.52 2.20
C PHE B 332 -39.62 -20.10 3.53
N ALA C 2 -35.57 16.27 -11.20
CA ALA C 2 -35.43 17.47 -12.05
C ALA C 2 -34.05 18.09 -11.93
N THR C 3 -33.38 18.07 -10.76
CA THR C 3 -31.97 18.51 -10.79
C THR C 3 -31.16 17.45 -11.57
N LEU C 4 -29.99 17.81 -12.09
CA LEU C 4 -29.14 16.84 -12.80
C LEU C 4 -28.79 15.69 -11.85
N LYS C 5 -28.44 16.04 -10.63
CA LYS C 5 -28.12 15.00 -9.62
C LYS C 5 -29.27 13.99 -9.50
N ASP C 6 -30.49 14.49 -9.41
CA ASP C 6 -31.61 13.56 -9.26
C ASP C 6 -31.98 12.85 -10.54
N GLN C 7 -31.66 13.39 -11.70
CA GLN C 7 -31.82 12.66 -12.95
C GLN C 7 -30.83 11.49 -13.06
N LEU C 8 -29.65 11.73 -12.54
CA LEU C 8 -28.56 10.75 -12.60
C LEU C 8 -28.63 9.66 -11.51
N ILE C 9 -29.01 10.06 -10.31
CA ILE C 9 -28.87 9.21 -9.13
C ILE C 9 -30.17 9.03 -8.41
N TYR C 10 -30.56 7.79 -8.18
CA TYR C 10 -31.72 7.49 -7.37
C TYR C 10 -31.32 7.20 -5.92
N ASN C 11 -31.74 8.05 -5.00
CA ASN C 11 -31.32 7.94 -3.61
C ASN C 11 -32.14 6.92 -2.86
N LEU C 12 -31.47 6.00 -2.14
N LEU C 12 -31.49 6.04 -2.11
CA LEU C 12 -32.10 5.02 -1.24
CA LEU C 12 -32.18 5.10 -1.23
C LEU C 12 -32.12 5.55 0.20
C LEU C 12 -32.12 5.52 0.23
N LEU C 13 -31.01 6.13 0.64
CA LEU C 13 -30.76 6.50 2.08
C LEU C 13 -30.37 7.93 2.23
N LYS C 14 -30.93 8.64 3.21
CA LYS C 14 -30.42 9.98 3.55
C LYS C 14 -29.35 9.80 4.62
N THR C 18 -22.14 8.70 11.00
CA THR C 18 -20.95 9.22 11.62
C THR C 18 -19.69 8.48 11.11
N PRO C 19 -18.54 9.14 11.16
CA PRO C 19 -17.32 8.42 10.75
C PRO C 19 -16.89 7.40 11.75
N GLN C 20 -16.25 6.36 11.26
CA GLN C 20 -15.93 5.23 12.06
C GLN C 20 -14.47 5.17 12.51
N ASN C 21 -13.59 5.89 11.80
CA ASN C 21 -12.15 5.80 12.02
C ASN C 21 -11.58 7.21 11.84
N LYS C 22 -12.05 8.13 12.65
CA LYS C 22 -11.71 9.56 12.48
C LYS C 22 -10.47 9.96 13.28
N ILE C 23 -9.60 10.77 12.65
CA ILE C 23 -8.43 11.31 13.29
C ILE C 23 -8.46 12.84 13.13
N THR C 24 -8.07 13.53 14.19
CA THR C 24 -7.89 14.98 14.20
C THR C 24 -6.40 15.31 14.42
N VAL C 25 -5.92 16.28 13.67
CA VAL C 25 -4.62 16.91 13.92
C VAL C 25 -4.85 18.39 14.35
N VAL C 26 -4.35 18.75 15.52
CA VAL C 26 -4.48 20.13 16.01
C VAL C 26 -3.11 20.80 15.91
N GLY C 27 -3.03 21.81 15.06
CA GLY C 27 -1.81 22.55 14.79
C GLY C 27 -1.28 22.19 13.42
N VAL C 28 -1.49 23.03 12.44
CA VAL C 28 -1.12 22.72 11.06
C VAL C 28 0.14 23.49 10.59
N GLY C 29 1.14 23.53 11.45
CA GLY C 29 2.50 23.84 11.00
C GLY C 29 3.11 22.69 10.23
N ALA C 30 4.40 22.78 10.00
CA ALA C 30 5.08 21.77 9.20
C ALA C 30 4.90 20.37 9.79
N VAL C 31 4.96 20.27 11.10
CA VAL C 31 4.82 18.95 11.77
C VAL C 31 3.41 18.41 11.60
N GLY C 32 2.39 19.23 11.94
CA GLY C 32 1.03 18.80 11.79
C GLY C 32 0.72 18.35 10.36
N MET C 33 1.20 19.11 9.38
CA MET C 33 0.86 18.78 7.99
C MET C 33 1.63 17.55 7.49
N ALA C 34 2.86 17.33 8.01
CA ALA C 34 3.61 16.11 7.70
C ALA C 34 2.89 14.89 8.30
N CYS C 35 2.35 15.03 9.51
CA CYS C 35 1.58 13.94 10.15
C CYS C 35 0.34 13.69 9.27
N ALA C 36 -0.34 14.77 8.87
CA ALA C 36 -1.52 14.65 8.02
C ALA C 36 -1.27 13.92 6.72
N ILE C 37 -0.29 14.34 5.95
CA ILE C 37 -0.05 13.67 4.65
C ILE C 37 0.32 12.22 4.86
N SER C 38 1.14 11.92 5.88
CA SER C 38 1.57 10.55 6.13
C SER C 38 0.36 9.67 6.52
N ILE C 39 -0.53 10.20 7.34
CA ILE C 39 -1.72 9.46 7.72
C ILE C 39 -2.63 9.25 6.53
N LEU C 40 -2.79 10.28 5.68
CA LEU C 40 -3.58 10.15 4.45
C LEU C 40 -3.00 9.09 3.51
N MET C 41 -1.68 9.06 3.36
N MET C 41 -1.68 9.08 3.36
CA MET C 41 -1.09 8.09 2.42
CA MET C 41 -1.04 8.12 2.46
C MET C 41 -0.99 6.66 2.97
C MET C 41 -1.23 6.67 2.92
N LYS C 42 -1.34 6.47 4.23
CA LYS C 42 -1.41 5.16 4.84
C LYS C 42 -2.85 4.65 5.04
N ASP C 43 -3.86 5.39 4.58
CA ASP C 43 -5.25 4.95 4.63
C ASP C 43 -5.68 4.53 6.04
N LEU C 44 -5.32 5.35 7.05
CA LEU C 44 -5.65 5.03 8.41
C LEU C 44 -6.99 5.59 8.87
N ALA C 45 -7.52 6.60 8.18
CA ALA C 45 -8.74 7.25 8.62
C ALA C 45 -9.79 7.34 7.55
N ASP C 46 -11.06 7.38 7.95
CA ASP C 46 -12.11 7.72 7.00
C ASP C 46 -12.52 9.18 7.02
N GLU C 47 -12.08 9.89 8.06
CA GLU C 47 -12.34 11.33 8.19
C GLU C 47 -11.09 11.91 8.87
N LEU C 48 -10.57 13.01 8.30
CA LEU C 48 -9.46 13.75 8.90
C LEU C 48 -9.95 15.18 9.16
N ALA C 49 -9.82 15.65 10.39
CA ALA C 49 -10.12 17.02 10.74
C ALA C 49 -8.85 17.75 11.15
N LEU C 50 -8.75 18.98 10.72
CA LEU C 50 -7.60 19.85 11.04
C LEU C 50 -8.11 21.05 11.86
N VAL C 51 -7.35 21.44 12.89
CA VAL C 51 -7.66 22.63 13.71
C VAL C 51 -6.41 23.49 13.85
N ASP C 52 -6.61 24.82 13.80
CA ASP C 52 -5.54 25.77 14.14
C ASP C 52 -6.25 27.05 14.59
N VAL C 53 -5.47 28.02 15.05
CA VAL C 53 -5.97 29.37 15.36
C VAL C 53 -5.73 30.35 14.21
N ILE C 54 -4.87 29.98 13.25
CA ILE C 54 -4.57 30.81 12.07
C ILE C 54 -5.54 30.38 10.99
N GLU C 55 -6.61 31.14 10.79
CA GLU C 55 -7.74 30.69 9.99
C GLU C 55 -7.40 30.56 8.50
N ASP C 56 -6.64 31.49 7.93
CA ASP C 56 -6.35 31.43 6.50
CA ASP C 56 -6.34 31.43 6.50
C ASP C 56 -5.46 30.23 6.18
N LYS C 57 -4.36 30.06 6.92
N LYS C 57 -4.36 30.08 6.92
CA LYS C 57 -3.45 28.92 6.70
CA LYS C 57 -3.45 28.95 6.78
C LYS C 57 -4.21 27.60 6.82
C LYS C 57 -4.20 27.63 6.84
N LEU C 58 -5.07 27.51 7.84
CA LEU C 58 -5.85 26.30 8.08
C LEU C 58 -6.71 25.92 6.87
N LYS C 59 -7.43 26.91 6.35
CA LYS C 59 -8.33 26.69 5.24
C LYS C 59 -7.54 26.34 3.99
N GLY C 60 -6.42 26.98 3.79
CA GLY C 60 -5.60 26.70 2.65
C GLY C 60 -5.04 25.28 2.69
N GLU C 61 -4.55 24.87 3.85
CA GLU C 61 -4.03 23.51 3.96
C GLU C 61 -5.12 22.47 3.67
N MET C 62 -6.30 22.69 4.28
CA MET C 62 -7.40 21.80 4.04
C MET C 62 -7.73 21.69 2.57
N MET C 63 -7.85 22.84 1.89
CA MET C 63 -8.18 22.85 0.49
C MET C 63 -7.14 22.10 -0.35
N ASP C 64 -5.89 22.34 -0.05
CA ASP C 64 -4.79 21.72 -0.82
C ASP C 64 -4.88 20.17 -0.68
N LEU C 65 -5.10 19.66 0.53
CA LEU C 65 -5.33 18.20 0.70
C LEU C 65 -6.57 17.75 -0.05
N GLN C 66 -7.69 18.49 0.05
CA GLN C 66 -8.93 18.09 -0.65
C GLN C 66 -8.71 17.95 -2.14
N HIS C 67 -7.88 18.84 -2.71
CA HIS C 67 -7.60 18.81 -4.11
C HIS C 67 -6.89 17.56 -4.57
N GLY C 68 -6.24 16.89 -3.61
CA GLY C 68 -5.60 15.61 -3.85
C GLY C 68 -6.46 14.36 -3.58
N SER C 69 -7.77 14.57 -3.31
CA SER C 69 -8.67 13.49 -2.91
C SER C 69 -8.72 12.34 -3.90
N LEU C 70 -8.65 12.62 -5.18
CA LEU C 70 -8.64 11.58 -6.21
C LEU C 70 -7.57 10.51 -5.95
N PHE C 71 -6.48 10.92 -5.35
CA PHE C 71 -5.31 10.09 -5.12
C PHE C 71 -5.29 9.41 -3.74
N LEU C 72 -6.35 9.60 -2.97
CA LEU C 72 -6.41 9.17 -1.58
C LEU C 72 -7.67 8.29 -1.41
N ARG C 73 -7.78 7.73 -0.22
CA ARG C 73 -8.91 6.84 0.15
C ARG C 73 -9.46 7.27 1.50
N THR C 74 -9.44 8.56 1.71
CA THR C 74 -10.00 9.20 2.92
C THR C 74 -11.03 10.18 2.40
N PRO C 75 -12.32 9.84 2.50
CA PRO C 75 -13.31 10.55 1.74
C PRO C 75 -13.79 11.87 2.32
N LYS C 76 -13.43 12.21 3.55
CA LYS C 76 -13.84 13.49 4.14
C LYS C 76 -12.65 14.14 4.87
N ILE C 77 -12.32 15.35 4.44
CA ILE C 77 -11.29 16.15 5.06
C ILE C 77 -11.98 17.46 5.42
N VAL C 78 -11.96 17.84 6.72
CA VAL C 78 -12.59 19.04 7.22
C VAL C 78 -11.63 19.87 8.08
N SER C 79 -11.98 21.14 8.27
CA SER C 79 -11.15 21.97 9.16
C SER C 79 -12.02 23.03 9.80
N GLY C 80 -11.50 23.54 10.91
CA GLY C 80 -12.04 24.74 11.51
C GLY C 80 -11.39 25.13 12.78
N LYS C 81 -11.60 26.39 13.17
CA LYS C 81 -11.10 26.86 14.49
C LYS C 81 -11.99 26.35 15.62
N ASP C 82 -13.24 26.01 15.30
CA ASP C 82 -14.23 25.50 16.23
C ASP C 82 -14.06 23.98 16.35
N TYR C 83 -14.00 23.49 17.58
CA TYR C 83 -13.79 22.09 17.81
C TYR C 83 -14.99 21.18 17.50
N ASN C 84 -16.16 21.73 17.14
CA ASN C 84 -17.20 20.86 16.59
C ASN C 84 -16.76 20.04 15.40
N VAL C 85 -15.75 20.49 14.64
CA VAL C 85 -15.27 19.72 13.46
C VAL C 85 -14.51 18.48 13.87
N THR C 86 -14.11 18.39 15.15
CA THR C 86 -13.33 17.27 15.67
C THR C 86 -14.16 16.17 16.34
N ALA C 87 -15.48 16.32 16.36
CA ALA C 87 -16.33 15.44 17.13
C ALA C 87 -16.13 14.00 16.75
N ASN C 88 -16.11 13.12 17.76
CA ASN C 88 -16.07 11.68 17.56
C ASN C 88 -14.80 11.19 16.89
N SER C 89 -13.70 11.85 17.22
CA SER C 89 -12.40 11.35 16.80
C SER C 89 -11.97 10.14 17.65
N LYS C 90 -11.40 9.13 17.01
CA LYS C 90 -10.76 8.03 17.72
C LYS C 90 -9.40 8.45 18.29
N LEU C 91 -8.71 9.30 17.54
CA LEU C 91 -7.33 9.70 17.85
C LEU C 91 -7.19 11.18 17.56
N VAL C 92 -6.68 11.92 18.54
CA VAL C 92 -6.45 13.34 18.39
C VAL C 92 -4.96 13.63 18.62
N ILE C 93 -4.32 14.13 17.58
CA ILE C 93 -2.86 14.34 17.59
C ILE C 93 -2.59 15.83 17.76
N ILE C 94 -1.83 16.17 18.79
CA ILE C 94 -1.56 17.59 19.10
C ILE C 94 -0.15 17.96 18.69
N THR C 95 -0.08 18.82 17.67
CA THR C 95 1.16 19.32 17.09
C THR C 95 1.23 20.84 17.19
N ALA C 96 0.42 21.43 18.03
CA ALA C 96 0.36 22.88 18.20
C ALA C 96 1.53 23.32 19.08
N GLY C 97 2.05 24.50 18.84
CA GLY C 97 3.18 24.98 19.61
C GLY C 97 3.25 26.50 19.48
N ALA C 98 3.90 27.10 20.49
CA ALA C 98 4.21 28.53 20.44
C ALA C 98 5.47 28.75 19.60
N ARG C 99 5.56 29.92 18.95
CA ARG C 99 6.76 30.34 18.20
C ARG C 99 7.79 30.87 19.20
N GLN C 100 9.01 30.33 19.18
CA GLN C 100 10.18 30.88 19.92
C GLN C 100 10.30 32.38 19.70
N GLN C 101 10.58 33.10 20.77
CA GLN C 101 10.78 34.53 20.69
C GLN C 101 12.17 34.87 21.20
N GLU C 102 12.83 35.73 20.45
CA GLU C 102 14.20 36.14 20.77
C GLU C 102 14.25 36.64 22.21
N GLY C 103 15.16 36.07 22.99
CA GLY C 103 15.43 36.45 24.35
C GLY C 103 14.55 35.85 25.42
N GLU C 104 13.51 35.11 25.05
CA GLU C 104 12.67 34.54 26.09
C GLU C 104 13.39 33.38 26.81
N SER C 105 13.08 33.17 28.08
CA SER C 105 13.70 32.06 28.79
C SER C 105 13.08 30.74 28.37
N ARG C 106 13.81 29.65 28.65
CA ARG C 106 13.29 28.29 28.40
C ARG C 106 11.96 28.07 29.16
N LEU C 107 11.94 28.42 30.46
CA LEU C 107 10.75 28.22 31.29
C LEU C 107 9.54 29.05 30.79
N ASN C 108 9.80 30.28 30.33
CA ASN C 108 8.76 31.08 29.70
C ASN C 108 8.15 30.39 28.47
N LEU C 109 8.99 29.82 27.59
CA LEU C 109 8.49 29.12 26.41
C LEU C 109 7.65 27.91 26.80
N VAL C 110 8.10 27.18 27.81
CA VAL C 110 7.35 26.04 28.27
C VAL C 110 6.00 26.51 28.75
N GLN C 111 5.94 27.59 29.56
CA GLN C 111 4.66 28.04 30.07
C GLN C 111 3.74 28.54 28.93
N ARG C 112 4.29 29.14 27.89
CA ARG C 112 3.42 29.56 26.78
C ARG C 112 2.79 28.36 26.09
N ASN C 113 3.54 27.28 25.94
CA ASN C 113 3.00 26.03 25.37
C ASN C 113 1.97 25.42 26.33
N VAL C 114 2.24 25.47 27.63
CA VAL C 114 1.24 25.08 28.62
C VAL C 114 -0.06 25.89 28.47
N ASN C 115 0.05 27.19 28.22
CA ASN C 115 -1.14 28.01 28.03
C ASN C 115 -1.95 27.64 26.81
N ILE C 116 -1.28 27.28 25.73
CA ILE C 116 -1.93 26.75 24.54
C ILE C 116 -2.71 25.47 24.91
N PHE C 117 -2.10 24.56 25.66
CA PHE C 117 -2.75 23.31 26.05
C PHE C 117 -3.96 23.57 26.94
N LYS C 118 -3.92 24.62 27.77
CA LYS C 118 -5.07 24.97 28.56
C LYS C 118 -6.27 25.32 27.73
N PHE C 119 -6.08 25.88 26.55
CA PHE C 119 -7.21 26.14 25.65
C PHE C 119 -7.60 24.89 24.83
N ILE C 120 -6.58 24.22 24.30
CA ILE C 120 -6.88 23.10 23.39
C ILE C 120 -7.55 21.93 24.08
N ILE C 121 -6.94 21.45 25.15
CA ILE C 121 -7.31 20.14 25.67
C ILE C 121 -8.76 20.07 26.14
N PRO C 122 -9.26 21.09 26.86
CA PRO C 122 -10.69 20.98 27.23
C PRO C 122 -11.66 20.93 26.05
N ASN C 123 -11.32 21.65 24.98
CA ASN C 123 -12.08 21.63 23.74
C ASN C 123 -12.02 20.26 23.05
N VAL C 124 -10.87 19.61 23.05
CA VAL C 124 -10.77 18.26 22.47
C VAL C 124 -11.65 17.30 23.25
N VAL C 125 -11.59 17.40 24.58
CA VAL C 125 -12.30 16.48 25.45
C VAL C 125 -13.82 16.63 25.31
N LYS C 126 -14.28 17.87 25.15
CA LYS C 126 -15.72 18.14 25.03
C LYS C 126 -16.31 17.38 23.83
N TYR C 127 -15.58 17.37 22.70
CA TYR C 127 -16.12 16.83 21.47
C TYR C 127 -15.75 15.36 21.19
N SER C 128 -14.69 14.86 21.86
CA SER C 128 -14.28 13.48 21.72
C SER C 128 -13.82 13.02 23.08
N PRO C 129 -14.73 12.91 24.04
CA PRO C 129 -14.38 12.55 25.40
C PRO C 129 -13.77 11.14 25.50
N ASN C 130 -13.99 10.32 24.50
CA ASN C 130 -13.45 8.97 24.48
C ASN C 130 -12.25 8.69 23.56
N CYS C 131 -11.60 9.73 23.03
CA CYS C 131 -10.42 9.56 22.17
C CYS C 131 -9.14 9.15 22.90
N LYS C 132 -8.13 8.74 22.12
CA LYS C 132 -6.74 8.67 22.54
C LYS C 132 -6.11 10.01 22.17
N LEU C 133 -5.35 10.56 23.08
CA LEU C 133 -4.58 11.80 22.85
C LEU C 133 -3.14 11.44 22.57
N LEU C 134 -2.61 11.89 21.42
CA LEU C 134 -1.20 11.68 21.09
C LEU C 134 -0.53 13.05 21.04
N ILE C 135 0.37 13.27 21.99
CA ILE C 135 1.01 14.57 22.14
C ILE C 135 2.37 14.58 21.44
N VAL C 136 2.56 15.51 20.48
CA VAL C 136 3.82 15.63 19.75
C VAL C 136 4.58 16.89 20.16
N SER C 137 3.82 17.95 20.43
CA SER C 137 4.36 19.24 20.81
C SER C 137 5.43 19.20 21.92
N ASN C 138 6.48 20.03 21.79
CA ASN C 138 7.54 20.04 22.78
C ASN C 138 7.36 21.18 23.79
N PRO C 139 7.81 21.00 25.05
CA PRO C 139 8.59 19.85 25.53
C PRO C 139 7.68 18.65 25.76
N VAL C 140 7.91 17.56 25.03
CA VAL C 140 6.85 16.56 24.89
C VAL C 140 6.51 15.78 26.18
N ASP C 141 7.51 15.53 27.01
CA ASP C 141 7.23 14.75 28.21
C ASP C 141 6.44 15.62 29.20
N ILE C 142 6.81 16.89 29.29
CA ILE C 142 6.06 17.82 30.14
C ILE C 142 4.65 18.04 29.63
N LEU C 143 4.50 18.28 28.33
CA LEU C 143 3.20 18.55 27.81
C LEU C 143 2.28 17.34 27.79
N THR C 144 2.83 16.14 27.72
CA THR C 144 2.00 14.93 27.88
C THR C 144 1.44 14.88 29.32
N TYR C 145 2.29 15.15 30.32
CA TYR C 145 1.81 15.30 31.72
C TYR C 145 0.69 16.32 31.80
N VAL C 146 0.91 17.49 31.22
CA VAL C 146 -0.08 18.52 31.25
C VAL C 146 -1.42 18.10 30.62
N ALA C 147 -1.36 17.47 29.45
CA ALA C 147 -2.57 17.02 28.79
C ALA C 147 -3.29 16.00 29.65
N TRP C 148 -2.53 15.11 30.30
CA TRP C 148 -3.12 14.10 31.22
C TRP C 148 -3.86 14.75 32.39
N LYS C 149 -3.19 15.73 33.03
CA LYS C 149 -3.80 16.47 34.14
C LYS C 149 -5.05 17.22 33.72
N ILE C 150 -5.02 17.94 32.59
CA ILE C 150 -6.15 18.78 32.14
C ILE C 150 -7.33 17.94 31.62
N SER C 151 -7.01 16.89 30.89
CA SER C 151 -8.04 16.05 30.31
C SER C 151 -8.80 15.22 31.33
N GLY C 152 -8.11 14.75 32.36
CA GLY C 152 -8.69 13.84 33.28
C GLY C 152 -8.81 12.43 32.71
N PHE C 153 -8.15 12.19 31.56
CA PHE C 153 -8.17 10.83 30.95
C PHE C 153 -7.33 9.82 31.76
N PRO C 154 -7.66 8.53 31.63
CA PRO C 154 -6.82 7.52 32.23
C PRO C 154 -5.52 7.42 31.47
N LYS C 155 -4.49 6.99 32.17
CA LYS C 155 -3.16 7.03 31.59
C LYS C 155 -2.99 6.23 30.32
N ASN C 156 -3.81 5.20 30.08
CA ASN C 156 -3.65 4.46 28.81
C ASN C 156 -3.98 5.32 27.61
N ARG C 157 -4.76 6.37 27.83
CA ARG C 157 -5.26 7.21 26.73
C ARG C 157 -4.51 8.52 26.45
N VAL C 158 -3.41 8.73 27.14
CA VAL C 158 -2.58 9.94 26.97
C VAL C 158 -1.16 9.48 26.67
N ILE C 159 -0.75 9.67 25.41
CA ILE C 159 0.47 9.12 24.87
C ILE C 159 1.34 10.24 24.34
N GLY C 160 2.60 10.30 24.74
CA GLY C 160 3.51 11.31 24.15
C GLY C 160 4.41 10.65 23.09
N SER C 161 4.67 11.36 21.99
N SER C 161 4.65 11.35 22.00
CA SER C 161 5.55 10.81 20.95
CA SER C 161 5.58 10.82 20.95
C SER C 161 6.95 10.49 21.48
C SER C 161 6.93 10.43 21.56
N GLY C 162 7.42 11.25 22.47
CA GLY C 162 8.55 10.83 23.32
C GLY C 162 9.81 10.52 22.55
N CYS C 163 10.34 9.32 22.75
CA CYS C 163 11.56 8.88 22.07
C CYS C 163 11.30 8.03 20.84
N ASN C 164 10.09 8.06 20.35
CA ASN C 164 9.77 7.32 19.15
C ASN C 164 10.62 7.75 17.97
N LEU C 165 10.71 9.06 17.77
CA LEU C 165 11.58 9.60 16.72
C LEU C 165 13.05 9.39 17.02
N ASP C 166 13.44 9.58 18.28
CA ASP C 166 14.85 9.40 18.66
C ASP C 166 15.32 8.00 18.33
N SER C 167 14.46 7.02 18.63
CA SER C 167 14.80 5.63 18.35
C SER C 167 14.88 5.37 16.85
N ALA C 168 13.96 5.95 16.06
CA ALA C 168 14.04 5.84 14.61
C ALA C 168 15.37 6.36 14.07
N ARG C 169 15.80 7.53 14.57
CA ARG C 169 17.07 8.11 14.17
C ARG C 169 18.22 7.20 14.56
N PHE C 170 18.13 6.63 15.77
CA PHE C 170 19.19 5.74 16.25
C PHE C 170 19.35 4.57 15.33
N ARG C 171 18.23 3.96 14.92
CA ARG C 171 18.26 2.80 14.03
C ARG C 171 18.75 3.11 12.63
N TYR C 172 18.39 4.28 12.13
CA TYR C 172 18.97 4.84 10.90
C TYR C 172 20.49 4.92 10.97
N LEU C 173 20.99 5.49 12.07
CA LEU C 173 22.44 5.73 12.25
C LEU C 173 23.17 4.39 12.41
N MET C 174 22.60 3.49 13.18
N MET C 174 22.60 3.47 13.20
CA MET C 174 23.13 2.16 13.30
CA MET C 174 23.10 2.07 13.29
C MET C 174 23.19 1.42 11.95
C MET C 174 23.21 1.44 11.91
N GLY C 175 22.12 1.56 11.14
CA GLY C 175 22.04 0.95 9.82
C GLY C 175 23.15 1.49 8.90
N GLU C 176 23.38 2.80 9.00
N GLU C 176 23.39 2.80 9.00
CA GLU C 176 24.44 3.42 8.23
CA GLU C 176 24.48 3.42 8.25
C GLU C 176 25.83 2.86 8.62
C GLU C 176 25.83 2.85 8.62
N ARG C 177 26.08 2.66 9.90
CA ARG C 177 27.37 2.06 10.30
C ARG C 177 27.56 0.62 9.83
N LEU C 178 26.48 -0.17 9.83
CA LEU C 178 26.56 -1.60 9.59
C LEU C 178 26.25 -2.03 8.16
N GLY C 179 25.68 -1.14 7.34
CA GLY C 179 25.28 -1.47 5.99
C GLY C 179 24.03 -2.40 5.94
N VAL C 180 23.13 -2.16 6.88
CA VAL C 180 21.88 -3.00 7.02
C VAL C 180 20.71 -2.06 7.07
N HIS C 181 19.54 -2.44 6.52
CA HIS C 181 18.38 -1.59 6.61
C HIS C 181 18.05 -1.34 8.09
N PRO C 182 17.55 -0.14 8.43
CA PRO C 182 17.16 0.11 9.82
C PRO C 182 16.08 -0.85 10.35
N LEU C 183 15.25 -1.41 9.48
CA LEU C 183 14.30 -2.43 9.90
C LEU C 183 14.96 -3.61 10.60
N SER C 184 16.19 -3.92 10.21
CA SER C 184 16.91 -5.05 10.78
C SER C 184 17.98 -4.67 11.81
N CYS C 185 18.02 -3.40 12.19
CA CYS C 185 18.92 -2.88 13.20
C CYS C 185 18.06 -2.49 14.40
N HIS C 186 18.25 -3.16 15.52
CA HIS C 186 17.43 -2.96 16.70
C HIS C 186 18.15 -2.26 17.77
N GLY C 187 17.49 -1.32 18.40
CA GLY C 187 18.08 -0.55 19.52
C GLY C 187 17.10 0.48 19.98
N TRP C 188 17.14 0.77 21.28
CA TRP C 188 16.17 1.59 21.96
C TRP C 188 16.80 2.77 22.66
N VAL C 189 16.18 3.91 22.45
CA VAL C 189 16.50 5.16 23.14
C VAL C 189 15.32 5.50 23.99
N LEU C 190 15.53 5.58 25.32
CA LEU C 190 14.46 5.76 26.29
C LEU C 190 14.63 7.04 27.11
N GLY C 191 13.66 7.30 27.96
CA GLY C 191 13.70 8.47 28.84
C GLY C 191 13.13 9.72 28.21
N GLU C 192 13.84 10.82 28.36
CA GLU C 192 13.40 12.10 27.79
C GLU C 192 13.71 12.20 26.30
N HIS C 193 12.79 12.77 25.54
CA HIS C 193 13.10 13.14 24.17
C HIS C 193 14.27 14.15 24.17
N GLY C 194 15.14 14.06 23.17
CA GLY C 194 16.19 15.04 23.03
C GLY C 194 17.48 14.77 23.79
N ASP C 195 18.13 15.83 24.24
CA ASP C 195 19.47 15.75 24.80
C ASP C 195 19.68 14.73 25.93
N SER C 196 18.69 14.56 26.83
CA SER C 196 18.87 13.69 28.01
C SER C 196 18.42 12.23 27.79
N SER C 197 18.11 11.85 26.56
CA SER C 197 17.73 10.47 26.31
C SER C 197 18.81 9.44 26.64
N VAL C 198 18.36 8.21 26.84
CA VAL C 198 19.24 7.14 27.29
C VAL C 198 19.32 6.06 26.24
N PRO C 199 20.49 5.84 25.62
CA PRO C 199 20.67 4.70 24.71
C PRO C 199 20.85 3.41 25.48
N VAL C 200 19.99 2.43 25.25
CA VAL C 200 20.08 1.18 25.98
C VAL C 200 21.02 0.20 25.20
N TRP C 201 22.32 0.26 25.51
CA TRP C 201 23.33 -0.46 24.73
C TRP C 201 23.13 -1.96 24.76
N SER C 202 22.66 -2.46 25.89
CA SER C 202 22.45 -3.91 26.09
C SER C 202 21.44 -4.48 25.11
N GLY C 203 20.57 -3.64 24.58
CA GLY C 203 19.51 -4.12 23.66
C GLY C 203 19.85 -3.97 22.19
N MET C 204 20.98 -3.34 21.86
N MET C 204 20.98 -3.36 21.86
CA MET C 204 21.40 -3.15 20.47
CA MET C 204 21.35 -3.18 20.48
C MET C 204 21.80 -4.45 19.82
C MET C 204 21.79 -4.47 19.82
N ASN C 205 21.13 -4.83 18.72
CA ASN C 205 21.38 -6.10 18.11
C ASN C 205 20.96 -6.15 16.67
N VAL C 206 21.58 -7.07 15.93
CA VAL C 206 21.14 -7.47 14.60
C VAL C 206 20.93 -8.97 14.67
N ALA C 207 19.74 -9.43 14.25
CA ALA C 207 19.40 -10.87 14.24
C ALA C 207 19.52 -11.52 15.61
N GLY C 208 19.23 -10.73 16.67
CA GLY C 208 19.34 -11.23 18.06
C GLY C 208 20.76 -11.40 18.56
N VAL C 209 21.72 -10.87 17.82
CA VAL C 209 23.13 -10.89 18.25
C VAL C 209 23.47 -9.58 18.97
N SER C 210 23.79 -9.66 20.26
CA SER C 210 24.04 -8.49 21.07
C SER C 210 25.35 -7.85 20.65
N LEU C 211 25.31 -6.60 20.27
CA LEU C 211 26.50 -5.91 19.87
C LEU C 211 27.40 -5.69 21.10
N LYS C 212 26.79 -5.48 22.27
CA LYS C 212 27.55 -5.24 23.51
C LYS C 212 28.33 -6.50 23.90
N THR C 213 27.74 -7.66 23.68
CA THR C 213 28.44 -8.91 24.01
C THR C 213 29.61 -9.17 23.08
N LEU C 214 29.44 -8.90 21.80
CA LEU C 214 30.54 -8.93 20.86
C LEU C 214 31.62 -7.90 21.14
N HIS C 215 31.23 -6.72 21.61
CA HIS C 215 32.14 -5.55 21.67
C HIS C 215 31.89 -4.90 23.02
N PRO C 216 32.50 -5.47 24.08
CA PRO C 216 32.17 -5.01 25.42
C PRO C 216 32.42 -3.53 25.71
N ASP C 217 33.30 -2.88 24.96
CA ASP C 217 33.52 -1.43 25.18
C ASP C 217 32.39 -0.59 24.57
N LEU C 218 31.43 -1.22 23.87
CA LEU C 218 30.37 -0.47 23.18
C LEU C 218 29.72 0.55 24.08
N GLY C 219 29.79 1.81 23.68
CA GLY C 219 29.04 2.86 24.38
C GLY C 219 29.85 3.55 25.47
N THR C 220 31.07 3.08 25.70
CA THR C 220 31.92 3.64 26.77
C THR C 220 32.91 4.60 26.15
N ASP C 221 33.61 5.34 27.00
CA ASP C 221 34.72 6.20 26.54
C ASP C 221 35.95 5.43 26.01
N LYS C 222 36.16 4.21 26.49
CA LYS C 222 37.22 3.30 25.99
C LYS C 222 37.06 2.87 24.51
N ASP C 223 35.87 3.03 23.94
CA ASP C 223 35.51 2.42 22.66
C ASP C 223 36.24 3.03 21.47
N LYS C 224 37.13 2.25 20.88
CA LYS C 224 37.88 2.68 19.71
C LYS C 224 37.01 3.06 18.53
N GLU C 225 35.81 2.46 18.43
CA GLU C 225 34.88 2.78 17.34
C GLU C 225 33.90 3.90 17.72
N GLN C 226 33.96 4.38 18.95
CA GLN C 226 33.15 5.54 19.40
C GLN C 226 31.66 5.40 19.06
N TRP C 227 31.09 4.26 19.47
CA TRP C 227 29.65 4.04 19.27
C TRP C 227 28.83 5.03 20.07
N LYS C 228 29.36 5.59 21.16
CA LYS C 228 28.67 6.70 21.85
C LYS C 228 28.26 7.82 20.89
N GLU C 229 29.08 8.07 19.88
CA GLU C 229 28.76 9.10 18.86
C GLU C 229 27.47 8.82 18.12
N VAL C 230 27.08 7.55 17.99
CA VAL C 230 25.77 7.21 17.39
C VAL C 230 24.65 7.84 18.21
N HIS C 231 24.72 7.68 19.53
CA HIS C 231 23.70 8.29 20.36
C HIS C 231 23.79 9.82 20.34
N LYS C 232 24.98 10.39 20.39
CA LYS C 232 25.13 11.85 20.38
C LYS C 232 24.54 12.39 19.06
N GLN C 233 24.74 11.64 17.97
CA GLN C 233 24.24 12.08 16.66
C GLN C 233 22.71 12.06 16.58
N VAL C 234 22.06 11.22 17.37
CA VAL C 234 20.60 11.26 17.40
C VAL C 234 20.12 12.69 17.74
N VAL C 235 20.56 13.27 18.84
CA VAL C 235 20.11 14.66 19.07
C VAL C 235 20.83 15.70 18.29
N GLU C 236 22.11 15.51 18.07
CA GLU C 236 22.81 16.51 17.28
C GLU C 236 22.27 16.62 15.84
N SER C 237 21.96 15.49 15.21
CA SER C 237 21.44 15.49 13.81
C SER C 237 20.11 16.22 13.79
N ALA C 238 19.34 16.11 14.84
CA ALA C 238 18.09 16.87 14.91
C ALA C 238 18.32 18.38 14.86
N TYR C 239 19.22 18.86 15.69
CA TYR C 239 19.51 20.26 15.77
C TYR C 239 20.19 20.76 14.49
N GLU C 240 20.91 19.88 13.83
CA GLU C 240 21.53 20.20 12.54
C GLU C 240 20.44 20.42 11.50
N VAL C 241 19.42 19.57 11.51
CA VAL C 241 18.30 19.75 10.57
C VAL C 241 17.63 21.07 10.83
N ILE C 242 17.37 21.40 12.09
CA ILE C 242 16.80 22.67 12.40
C ILE C 242 17.69 23.86 11.92
N LYS C 243 19.00 23.76 12.08
CA LYS C 243 19.92 24.80 11.59
C LYS C 243 19.82 24.97 10.07
N LEU C 244 19.74 23.83 9.37
CA LEU C 244 19.79 23.77 7.93
C LEU C 244 18.51 24.16 7.22
N LYS C 245 17.38 23.63 7.65
CA LYS C 245 16.11 23.93 7.00
C LYS C 245 15.14 24.70 7.85
N GLY C 246 15.47 24.92 9.13
CA GLY C 246 14.67 25.72 10.02
C GLY C 246 13.78 25.03 11.03
N TYR C 247 13.52 23.74 10.79
CA TYR C 247 12.57 22.96 11.58
C TYR C 247 12.78 21.51 11.12
N THR C 248 12.14 20.57 11.80
CA THR C 248 12.07 19.19 11.32
C THR C 248 10.60 18.84 11.09
N SER C 249 10.35 17.97 10.11
CA SER C 249 8.97 17.65 9.76
C SER C 249 8.75 16.23 9.23
N TRP C 250 9.53 15.82 8.22
CA TRP C 250 9.20 14.55 7.57
C TRP C 250 9.36 13.31 8.44
N ALA C 251 10.45 13.23 9.20
CA ALA C 251 10.71 12.05 10.03
C ALA C 251 9.71 11.98 11.16
N ILE C 252 9.42 13.13 11.81
CA ILE C 252 8.37 13.16 12.84
C ILE C 252 7.02 12.72 12.28
N GLY C 253 6.63 13.26 11.12
CA GLY C 253 5.35 12.91 10.51
C GLY C 253 5.24 11.42 10.21
N LEU C 254 6.32 10.83 9.68
CA LEU C 254 6.31 9.39 9.40
C LEU C 254 6.24 8.59 10.70
N SER C 255 6.95 9.01 11.71
CA SER C 255 6.95 8.26 12.99
C SER C 255 5.57 8.37 13.69
N VAL C 256 4.93 9.52 13.60
CA VAL C 256 3.59 9.69 14.16
C VAL C 256 2.57 8.84 13.42
N ALA C 257 2.66 8.79 12.08
CA ALA C 257 1.79 7.88 11.31
C ALA C 257 1.96 6.42 11.67
N ASP C 258 3.17 6.02 12.03
CA ASP C 258 3.42 4.66 12.46
C ASP C 258 2.74 4.37 13.80
N LEU C 259 2.85 5.29 14.74
CA LEU C 259 2.06 5.24 16.00
C LEU C 259 0.57 5.17 15.73
N ALA C 260 0.09 6.03 14.84
CA ALA C 260 -1.34 6.07 14.53
C ALA C 260 -1.76 4.71 13.92
N GLU C 261 -0.88 4.09 13.14
CA GLU C 261 -1.21 2.81 12.55
C GLU C 261 -1.44 1.76 13.64
N SER C 262 -0.51 1.71 14.61
CA SER C 262 -0.64 0.71 15.67
C SER C 262 -1.94 0.92 16.46
N ILE C 263 -2.26 2.18 16.71
CA ILE C 263 -3.47 2.47 17.50
C ILE C 263 -4.77 2.19 16.72
N MET C 264 -4.83 2.69 15.48
CA MET C 264 -6.05 2.57 14.66
C MET C 264 -6.33 1.14 14.23
N LYS C 265 -5.28 0.35 14.04
N LYS C 265 -5.26 0.38 13.97
CA LYS C 265 -5.42 -1.02 13.58
CA LYS C 265 -5.36 -1.02 13.52
C LYS C 265 -5.30 -2.03 14.73
C LYS C 265 -5.28 -2.02 14.71
N ASN C 266 -5.22 -1.52 15.95
CA ASN C 266 -5.09 -2.37 17.15
C ASN C 266 -3.98 -3.43 17.04
N LEU C 267 -2.80 -2.97 16.64
CA LEU C 267 -1.76 -3.93 16.30
C LEU C 267 -1.04 -4.54 17.52
N ARG C 268 -0.98 -3.83 18.60
CA ARG C 268 -0.21 -4.26 19.80
C ARG C 268 1.27 -4.41 19.43
N ARG C 269 1.78 -3.45 18.65
CA ARG C 269 3.23 -3.31 18.42
C ARG C 269 3.80 -2.51 19.55
N VAL C 270 5.12 -2.63 19.73
CA VAL C 270 5.84 -1.94 20.79
C VAL C 270 6.58 -0.71 20.23
N HIS C 271 6.36 0.43 20.87
CA HIS C 271 7.00 1.68 20.49
C HIS C 271 7.49 2.40 21.77
N PRO C 272 8.65 3.11 21.68
CA PRO C 272 9.12 3.88 22.84
C PRO C 272 8.42 5.21 22.87
N VAL C 273 7.34 5.32 23.62
CA VAL C 273 6.56 6.52 23.70
C VAL C 273 6.47 6.93 25.20
N SER C 274 6.07 8.18 25.42
CA SER C 274 6.10 8.77 26.75
C SER C 274 4.84 8.42 27.48
N THR C 275 5.00 7.85 28.69
CA THR C 275 3.84 7.37 29.47
C THR C 275 4.11 7.63 30.95
N MET C 276 3.06 7.62 31.74
CA MET C 276 3.18 8.02 33.17
C MET C 276 3.90 6.86 33.88
N ILE C 277 5.12 7.11 34.33
N ILE C 277 5.13 7.12 34.34
CA ILE C 277 6.05 6.06 34.73
CA ILE C 277 6.09 6.09 34.72
C ILE C 277 6.22 5.89 36.25
C ILE C 277 6.30 5.97 36.24
N LYS C 278 5.50 6.70 37.03
CA LYS C 278 5.58 6.59 38.50
C LYS C 278 5.37 5.15 38.93
N GLY C 279 6.22 4.69 39.85
CA GLY C 279 6.20 3.30 40.31
C GLY C 279 7.18 2.38 39.60
N LEU C 280 7.78 2.80 38.47
CA LEU C 280 8.91 2.06 37.86
C LEU C 280 10.25 2.74 38.08
N TYR C 281 11.32 1.94 38.17
CA TYR C 281 12.71 2.41 38.27
C TYR C 281 13.00 3.28 39.49
N GLY C 282 12.21 3.05 40.54
CA GLY C 282 12.30 3.82 41.77
C GLY C 282 11.85 5.24 41.56
N ILE C 283 11.07 5.47 40.52
CA ILE C 283 10.52 6.79 40.28
C ILE C 283 9.26 6.96 41.08
N LYS C 284 9.23 8.07 41.80
CA LYS C 284 8.23 8.33 42.83
C LYS C 284 7.29 9.47 42.52
N ASP C 285 7.52 10.17 41.41
CA ASP C 285 6.75 11.36 41.07
C ASP C 285 5.93 11.18 39.79
N ASP C 286 4.88 11.99 39.64
CA ASP C 286 3.98 11.90 38.48
C ASP C 286 4.70 12.54 37.28
N VAL C 287 5.47 11.74 36.54
CA VAL C 287 6.15 12.22 35.35
C VAL C 287 5.93 11.21 34.21
N PHE C 288 6.11 11.71 33.00
CA PHE C 288 6.02 10.88 31.79
C PHE C 288 7.41 10.77 31.19
N LEU C 289 7.86 9.55 30.93
CA LEU C 289 9.11 9.26 30.25
C LEU C 289 8.85 8.13 29.25
N SER C 290 9.75 7.99 28.30
CA SER C 290 9.54 6.97 27.27
C SER C 290 10.13 5.63 27.71
N VAL C 291 9.29 4.61 27.61
CA VAL C 291 9.68 3.22 27.76
C VAL C 291 8.95 2.49 26.63
N PRO C 292 9.34 1.22 26.34
CA PRO C 292 8.63 0.54 25.24
C PRO C 292 7.19 0.19 25.66
N CYS C 293 6.18 0.64 24.89
CA CYS C 293 4.79 0.48 25.26
C CYS C 293 4.08 -0.31 24.16
N ILE C 294 3.13 -1.12 24.56
N ILE C 294 3.16 -1.18 24.56
CA ILE C 294 2.29 -1.87 23.63
CA ILE C 294 2.30 -1.89 23.62
C ILE C 294 1.09 -1.02 23.26
C ILE C 294 1.09 -1.03 23.25
N LEU C 295 0.93 -0.71 21.97
CA LEU C 295 -0.06 0.26 21.52
C LEU C 295 -1.14 -0.41 20.69
N GLY C 296 -2.37 -0.06 20.98
CA GLY C 296 -3.52 -0.59 20.20
C GLY C 296 -4.75 0.25 20.45
N GLN C 297 -5.93 -0.35 20.34
CA GLN C 297 -7.11 0.46 20.24
C GLN C 297 -7.48 1.17 21.57
N ASN C 298 -6.97 0.70 22.68
CA ASN C 298 -7.17 1.37 23.96
C ASN C 298 -6.00 2.19 24.34
N GLY C 299 -5.11 2.46 23.39
CA GLY C 299 -3.93 3.26 23.69
C GLY C 299 -2.81 2.39 24.19
N ILE C 300 -2.17 2.82 25.28
CA ILE C 300 -1.15 2.04 25.94
C ILE C 300 -1.80 0.99 26.86
N SER C 301 -1.82 -0.27 26.47
CA SER C 301 -2.42 -1.29 27.33
C SER C 301 -1.41 -1.94 28.28
N ASP C 302 -0.13 -1.91 27.91
CA ASP C 302 0.92 -2.64 28.60
C ASP C 302 2.24 -1.92 28.30
N LEU C 303 3.23 -2.14 29.14
CA LEU C 303 4.54 -1.67 28.80
C LEU C 303 5.59 -2.67 29.19
N VAL C 304 6.72 -2.55 28.52
CA VAL C 304 7.79 -3.48 28.71
C VAL C 304 8.73 -2.93 29.80
N LYS C 305 9.09 -3.79 30.74
CA LYS C 305 10.01 -3.45 31.83
C LYS C 305 11.42 -3.79 31.42
N VAL C 306 12.07 -2.86 30.74
CA VAL C 306 13.44 -3.06 30.25
C VAL C 306 14.37 -3.15 31.47
N THR C 307 15.25 -4.13 31.45
CA THR C 307 16.30 -4.24 32.49
C THR C 307 17.38 -3.22 32.19
N LEU C 308 17.61 -2.35 33.16
CA LEU C 308 18.55 -1.28 33.03
C LEU C 308 19.74 -1.48 33.96
N THR C 309 20.90 -0.99 33.55
CA THR C 309 22.04 -0.86 34.48
C THR C 309 21.77 0.17 35.58
N SER C 310 22.54 0.12 36.66
CA SER C 310 22.40 1.13 37.70
C SER C 310 22.54 2.53 37.14
N GLU C 311 23.50 2.72 36.24
CA GLU C 311 23.75 4.02 35.64
C GLU C 311 22.55 4.46 34.79
N GLU C 312 21.98 3.52 34.02
CA GLU C 312 20.76 3.87 33.23
C GLU C 312 19.56 4.26 34.13
N GLU C 313 19.34 3.48 35.19
CA GLU C 313 18.28 3.81 36.14
C GLU C 313 18.49 5.19 36.77
N ALA C 314 19.73 5.48 37.16
CA ALA C 314 20.02 6.79 37.76
C ALA C 314 19.76 7.95 36.78
N ARG C 315 20.06 7.74 35.50
CA ARG C 315 19.70 8.75 34.47
C ARG C 315 18.21 8.98 34.39
N LEU C 316 17.40 7.91 34.43
CA LEU C 316 15.94 8.10 34.37
C LEU C 316 15.40 8.77 35.60
N LYS C 317 15.94 8.36 36.75
CA LYS C 317 15.59 9.01 38.02
C LYS C 317 15.95 10.50 38.03
N LYS C 318 17.10 10.88 37.48
CA LYS C 318 17.50 12.30 37.42
C LYS C 318 16.57 13.07 36.50
N SER C 319 16.20 12.45 35.38
CA SER C 319 15.20 13.06 34.50
C SER C 319 13.86 13.26 35.20
N ALA C 320 13.38 12.26 35.94
CA ALA C 320 12.13 12.40 36.69
C ALA C 320 12.21 13.54 37.68
N ASP C 321 13.32 13.63 38.41
CA ASP C 321 13.50 14.72 39.37
C ASP C 321 13.41 16.08 38.65
N THR C 322 14.07 16.20 37.53
CA THR C 322 14.09 17.44 36.76
C THR C 322 12.70 17.82 36.28
N LEU C 323 12.03 16.87 35.64
CA LEU C 323 10.66 17.08 35.18
C LEU C 323 9.70 17.47 36.30
N TRP C 324 9.75 16.77 37.43
CA TRP C 324 8.82 17.08 38.50
C TRP C 324 9.08 18.49 39.02
N GLY C 325 10.35 18.85 39.08
CA GLY C 325 10.76 20.20 39.55
C GLY C 325 10.22 21.30 38.65
N ILE C 326 10.21 21.05 37.34
CA ILE C 326 9.65 22.01 36.40
C ILE C 326 8.13 22.03 36.52
N GLN C 327 7.50 20.83 36.54
CA GLN C 327 6.05 20.73 36.63
C GLN C 327 5.47 21.48 37.83
N LYS C 328 6.16 21.47 38.94
CA LYS C 328 5.76 22.32 40.10
C LYS C 328 5.78 23.82 39.79
N GLU C 329 6.69 24.26 38.93
CA GLU C 329 6.79 25.70 38.58
C GLU C 329 5.78 26.17 37.53
N LEU C 330 5.04 25.23 36.89
CA LEU C 330 4.09 25.59 35.85
C LEU C 330 2.71 25.93 36.39
N GLN C 331 2.04 26.88 35.73
CA GLN C 331 0.69 27.32 36.14
C GLN C 331 -0.32 26.81 35.16
N PHE C 332 -1.27 26.01 35.63
CA PHE C 332 -2.35 25.59 34.75
C PHE C 332 -3.55 25.06 35.48
N ALA D 2 38.17 -8.00 13.20
CA ALA D 2 38.65 -6.86 14.03
C ALA D 2 37.52 -5.89 14.40
N THR D 3 36.96 -5.18 13.44
CA THR D 3 35.87 -4.24 13.78
C THR D 3 34.63 -5.01 14.21
N LEU D 4 33.75 -4.32 14.93
CA LEU D 4 32.51 -4.92 15.34
C LEU D 4 31.73 -5.33 14.09
N LYS D 5 31.70 -4.49 13.07
CA LYS D 5 31.01 -4.81 11.81
C LYS D 5 31.55 -6.13 11.23
N ASP D 6 32.86 -6.30 11.21
CA ASP D 6 33.41 -7.54 10.66
C ASP D 6 33.30 -8.74 11.56
N GLN D 7 33.20 -8.55 12.88
CA GLN D 7 32.89 -9.63 13.77
C GLN D 7 31.45 -10.11 13.58
N LEU D 8 30.57 -9.16 13.26
CA LEU D 8 29.14 -9.44 13.14
C LEU D 8 28.73 -9.96 11.74
N ILE D 9 29.35 -9.46 10.68
CA ILE D 9 28.87 -9.64 9.32
C ILE D 9 29.99 -10.20 8.45
N TYR D 10 29.73 -11.31 7.79
CA TYR D 10 30.63 -11.91 6.80
C TYR D 10 30.22 -11.45 5.41
N ASN D 11 31.11 -10.73 4.73
CA ASN D 11 30.79 -10.17 3.41
C ASN D 11 31.00 -11.17 2.24
N LEU D 12 30.01 -11.37 1.38
CA LEU D 12 30.14 -12.32 0.25
C LEU D 12 30.72 -11.68 -0.98
N LEU D 13 30.34 -10.46 -1.27
CA LEU D 13 30.87 -9.76 -2.44
C LEU D 13 30.70 -8.27 -2.28
N LYS D 14 31.58 -7.49 -2.87
CA LYS D 14 31.54 -6.03 -2.68
C LYS D 14 31.16 -5.30 -3.97
N GLU D 15 30.67 -6.04 -4.97
CA GLU D 15 30.21 -5.49 -6.28
C GLU D 15 29.44 -4.14 -6.21
N GLU D 16 29.89 -3.15 -6.99
CA GLU D 16 29.23 -1.83 -7.06
C GLU D 16 27.91 -1.97 -7.80
N GLN D 17 26.83 -1.43 -7.24
CA GLN D 17 25.48 -1.61 -7.78
C GLN D 17 24.98 -0.36 -8.51
N THR D 18 24.27 -0.56 -9.61
CA THR D 18 23.55 0.53 -10.23
C THR D 18 22.13 0.47 -9.68
N PRO D 19 21.58 1.62 -9.30
CA PRO D 19 20.18 1.58 -8.91
C PRO D 19 19.31 1.23 -10.09
N GLN D 20 18.23 0.53 -9.82
CA GLN D 20 17.36 0.00 -10.84
C GLN D 20 16.13 0.82 -11.12
N ASN D 21 15.71 1.63 -10.15
CA ASN D 21 14.44 2.34 -10.24
C ASN D 21 14.62 3.69 -9.56
N LYS D 22 15.58 4.46 -10.05
CA LYS D 22 15.94 5.71 -9.41
C LYS D 22 15.12 6.89 -9.91
N ILE D 23 14.76 7.77 -8.98
CA ILE D 23 14.08 9.05 -9.31
C ILE D 23 14.90 10.20 -8.74
N THR D 24 15.01 11.31 -9.49
CA THR D 24 15.58 12.56 -8.99
C THR D 24 14.49 13.64 -8.98
N VAL D 25 14.51 14.46 -7.94
CA VAL D 25 13.71 15.68 -7.88
C VAL D 25 14.68 16.87 -7.84
N VAL D 26 14.54 17.77 -8.82
CA VAL D 26 15.39 18.97 -8.86
C VAL D 26 14.54 20.14 -8.38
N GLY D 27 14.97 20.78 -7.30
CA GLY D 27 14.23 21.82 -6.68
C GLY D 27 13.50 21.29 -5.45
N VAL D 28 13.95 21.70 -4.28
CA VAL D 28 13.40 21.19 -3.01
C VAL D 28 12.63 22.24 -2.24
N GLY D 29 11.90 23.10 -2.97
CA GLY D 29 10.89 23.91 -2.37
C GLY D 29 9.69 23.08 -1.97
N ALA D 30 8.56 23.74 -1.65
CA ALA D 30 7.41 23.01 -1.15
C ALA D 30 6.95 22.00 -2.14
N VAL D 31 7.00 22.32 -3.43
CA VAL D 31 6.48 21.41 -4.44
C VAL D 31 7.41 20.19 -4.59
N GLY D 32 8.70 20.43 -4.71
CA GLY D 32 9.67 19.30 -4.83
C GLY D 32 9.59 18.36 -3.63
N MET D 33 9.44 18.93 -2.44
CA MET D 33 9.41 18.07 -1.25
C MET D 33 8.09 17.30 -1.13
N ALA D 34 6.98 17.90 -1.59
CA ALA D 34 5.70 17.17 -1.61
C ALA D 34 5.76 16.06 -2.64
N CYS D 35 6.38 16.29 -3.79
CA CYS D 35 6.66 15.21 -4.75
C CYS D 35 7.50 14.10 -4.10
N ALA D 36 8.55 14.48 -3.40
CA ALA D 36 9.45 13.53 -2.76
C ALA D 36 8.70 12.65 -1.75
N ILE D 37 7.97 13.25 -0.81
CA ILE D 37 7.34 12.48 0.18
C ILE D 37 6.28 11.54 -0.43
N SER D 38 5.56 12.04 -1.44
CA SER D 38 4.54 11.22 -2.06
C SER D 38 5.10 10.03 -2.82
N ILE D 39 6.21 10.24 -3.48
CA ILE D 39 6.90 9.15 -4.16
C ILE D 39 7.47 8.13 -3.16
N LEU D 40 8.03 8.64 -2.09
CA LEU D 40 8.55 7.76 -1.01
C LEU D 40 7.44 6.90 -0.40
N MET D 41 6.29 7.50 -0.14
N MET D 41 6.27 7.49 -0.15
CA MET D 41 5.17 6.78 0.45
CA MET D 41 5.21 6.74 0.49
C MET D 41 4.61 5.68 -0.46
C MET D 41 4.41 5.86 -0.49
N LYS D 42 4.79 5.86 -1.76
CA LYS D 42 4.23 4.94 -2.76
C LYS D 42 5.24 3.88 -3.22
N ASP D 43 6.45 3.85 -2.62
CA ASP D 43 7.44 2.78 -2.88
C ASP D 43 7.75 2.66 -4.39
N LEU D 44 7.90 3.80 -5.02
CA LEU D 44 8.16 3.80 -6.46
C LEU D 44 9.64 3.71 -6.85
N ALA D 45 10.53 4.04 -5.92
CA ALA D 45 11.97 4.16 -6.24
C ALA D 45 12.83 3.38 -5.30
N ASP D 46 13.96 2.87 -5.78
CA ASP D 46 14.97 2.30 -4.90
C ASP D 46 16.06 3.26 -4.49
N GLU D 47 16.07 4.43 -5.13
CA GLU D 47 17.00 5.51 -4.81
C GLU D 47 16.30 6.81 -5.16
N LEU D 48 16.39 7.81 -4.27
CA LEU D 48 15.83 9.12 -4.52
C LEU D 48 16.97 10.13 -4.37
N ALA D 49 17.20 10.97 -5.40
CA ALA D 49 18.22 12.00 -5.37
C ALA D 49 17.54 13.34 -5.37
N LEU D 50 18.08 14.26 -4.56
CA LEU D 50 17.56 15.62 -4.53
C LEU D 50 18.66 16.59 -4.95
N VAL D 51 18.29 17.60 -5.77
CA VAL D 51 19.22 18.67 -6.17
C VAL D 51 18.60 20.04 -5.94
N ASP D 52 19.41 21.00 -5.49
CA ASP D 52 18.96 22.40 -5.45
C ASP D 52 20.25 23.23 -5.51
N VAL D 53 20.08 24.54 -5.60
CA VAL D 53 21.20 25.49 -5.44
C VAL D 53 21.38 26.00 -4.04
N ILE D 54 20.37 25.84 -3.20
CA ILE D 54 20.46 26.26 -1.81
C ILE D 54 21.00 25.09 -0.98
N GLU D 55 22.28 25.14 -0.62
CA GLU D 55 22.95 23.98 -0.09
C GLU D 55 22.48 23.55 1.28
N ASP D 56 22.24 24.50 2.17
N ASP D 56 22.22 24.51 2.18
CA ASP D 56 21.83 24.16 3.55
CA ASP D 56 21.79 24.14 3.55
C ASP D 56 20.43 23.53 3.56
C ASP D 56 20.40 23.54 3.59
N LYS D 57 19.48 24.17 2.90
CA LYS D 57 18.12 23.69 2.81
C LYS D 57 18.12 22.27 2.22
N LEU D 58 18.92 22.08 1.18
CA LEU D 58 18.99 20.81 0.50
C LEU D 58 19.45 19.69 1.48
N LYS D 59 20.54 19.96 2.17
CA LYS D 59 21.08 18.97 3.09
C LYS D 59 20.08 18.67 4.20
N GLY D 60 19.41 19.72 4.70
CA GLY D 60 18.47 19.53 5.78
C GLY D 60 17.28 18.72 5.36
N GLU D 61 16.73 18.99 4.17
CA GLU D 61 15.67 18.15 3.63
C GLU D 61 16.07 16.69 3.46
N MET D 62 17.23 16.45 2.87
CA MET D 62 17.74 15.11 2.75
C MET D 62 17.84 14.38 4.09
N MET D 63 18.44 15.04 5.09
CA MET D 63 18.61 14.41 6.38
C MET D 63 17.29 14.08 7.04
N ASP D 64 16.33 15.00 6.93
CA ASP D 64 15.01 14.81 7.57
C ASP D 64 14.39 13.57 6.95
N LEU D 65 14.41 13.43 5.62
CA LEU D 65 13.90 12.23 4.98
C LEU D 65 14.65 10.96 5.42
N GLN D 66 15.98 11.03 5.50
CA GLN D 66 16.76 9.91 5.91
C GLN D 66 16.38 9.45 7.33
N HIS D 67 16.09 10.39 8.20
CA HIS D 67 15.68 10.06 9.58
C HIS D 67 14.38 9.25 9.62
N GLY D 68 13.57 9.34 8.55
CA GLY D 68 12.36 8.56 8.42
C GLY D 68 12.53 7.22 7.75
N SER D 69 13.77 6.82 7.44
CA SER D 69 14.06 5.61 6.62
C SER D 69 13.44 4.32 7.14
N LEU D 70 13.36 4.20 8.47
CA LEU D 70 12.76 3.05 9.08
C LEU D 70 11.35 2.79 8.59
N PHE D 71 10.65 3.86 8.22
CA PHE D 71 9.28 3.82 7.86
C PHE D 71 9.05 3.73 6.37
N LEU D 72 10.14 3.59 5.60
CA LEU D 72 10.05 3.67 4.15
C LEU D 72 10.67 2.42 3.58
N ARG D 73 10.55 2.27 2.25
CA ARG D 73 11.15 1.13 1.55
C ARG D 73 11.95 1.62 0.35
N THR D 74 12.60 2.76 0.52
CA THR D 74 13.51 3.38 -0.43
C THR D 74 14.85 3.47 0.27
N PRO D 75 15.77 2.55 -0.02
CA PRO D 75 16.90 2.39 0.88
C PRO D 75 18.02 3.43 0.73
N LYS D 76 18.00 4.25 -0.33
CA LYS D 76 19.08 5.25 -0.47
C LYS D 76 18.45 6.57 -0.86
N ILE D 77 18.73 7.57 -0.07
CA ILE D 77 18.33 8.94 -0.31
C ILE D 77 19.59 9.79 -0.29
N VAL D 78 19.82 10.50 -1.38
CA VAL D 78 21.05 11.29 -1.58
C VAL D 78 20.71 12.70 -2.00
N SER D 79 21.68 13.60 -1.85
CA SER D 79 21.48 14.97 -2.37
C SER D 79 22.78 15.65 -2.65
N GLY D 80 22.71 16.68 -3.47
CA GLY D 80 23.90 17.55 -3.63
C GLY D 80 23.61 18.59 -4.69
N LYS D 81 24.44 19.64 -4.72
CA LYS D 81 24.37 20.65 -5.77
C LYS D 81 24.95 20.16 -7.07
N ASP D 82 25.80 19.14 -6.98
CA ASP D 82 26.46 18.54 -8.11
C ASP D 82 25.54 17.44 -8.67
N TYR D 83 25.41 17.38 -9.99
CA TYR D 83 24.52 16.40 -10.63
C TYR D 83 25.04 14.97 -10.62
N ASN D 84 26.26 14.75 -10.15
CA ASN D 84 26.69 13.38 -10.06
C ASN D 84 25.78 12.52 -9.16
N VAL D 85 25.10 13.15 -8.21
CA VAL D 85 24.21 12.40 -7.35
C VAL D 85 22.99 11.87 -8.10
N THR D 86 22.73 12.42 -9.28
CA THR D 86 21.52 12.07 -10.07
C THR D 86 21.74 10.94 -11.07
N ALA D 87 22.97 10.45 -11.15
CA ALA D 87 23.30 9.48 -12.20
C ALA D 87 22.37 8.28 -12.29
N ASN D 88 22.06 7.87 -13.51
CA ASN D 88 21.28 6.67 -13.80
C ASN D 88 19.84 6.75 -13.27
N SER D 89 19.26 7.93 -13.28
CA SER D 89 17.83 8.07 -12.93
C SER D 89 16.94 7.62 -14.08
N LYS D 90 15.89 6.88 -13.76
CA LYS D 90 14.83 6.59 -14.72
C LYS D 90 13.94 7.78 -15.01
N LEU D 91 13.70 8.58 -13.98
CA LEU D 91 12.74 9.69 -14.04
C LEU D 91 13.39 10.85 -13.30
N VAL D 92 13.38 12.03 -13.93
CA VAL D 92 13.89 13.27 -13.33
C VAL D 92 12.77 14.29 -13.36
N ILE D 93 12.36 14.75 -12.18
CA ILE D 93 11.26 15.68 -11.98
C ILE D 93 11.82 17.04 -11.72
N ILE D 94 11.42 18.03 -12.54
CA ILE D 94 11.94 19.38 -12.41
C ILE D 94 10.90 20.29 -11.81
N THR D 95 11.18 20.76 -10.59
CA THR D 95 10.30 21.70 -9.92
C THR D 95 10.99 23.06 -9.68
N ALA D 96 12.22 23.20 -10.15
CA ALA D 96 13.00 24.40 -9.92
C ALA D 96 12.59 25.48 -10.88
N GLY D 97 12.71 26.69 -10.43
CA GLY D 97 12.51 27.80 -11.34
C GLY D 97 12.39 29.03 -10.48
N ALA D 98 11.95 30.11 -11.11
CA ALA D 98 11.77 31.38 -10.42
C ALA D 98 10.28 31.74 -10.51
N ARG D 99 9.73 32.39 -9.48
CA ARG D 99 8.31 32.82 -9.49
C ARG D 99 8.20 34.23 -10.07
N GLN D 100 7.16 34.46 -10.86
CA GLN D 100 6.85 35.76 -11.41
C GLN D 100 6.91 36.83 -10.33
N GLN D 101 7.44 38.00 -10.68
CA GLN D 101 7.45 39.19 -9.82
C GLN D 101 6.29 40.13 -10.20
N GLU D 102 5.90 41.02 -9.28
CA GLU D 102 4.86 42.03 -9.55
C GLU D 102 5.28 42.87 -10.75
N GLY D 103 4.42 43.02 -11.72
CA GLY D 103 4.74 43.83 -12.89
C GLY D 103 5.71 43.23 -13.90
N GLU D 104 6.06 41.95 -13.73
CA GLU D 104 6.93 41.24 -14.70
C GLU D 104 6.15 40.62 -15.85
N SER D 105 6.62 40.82 -17.07
CA SER D 105 5.93 40.22 -18.21
C SER D 105 6.12 38.71 -18.23
N ARG D 106 5.18 38.01 -18.84
CA ARG D 106 5.28 36.59 -18.97
C ARG D 106 6.54 36.23 -19.78
N LEU D 107 6.84 37.01 -20.83
CA LEU D 107 8.01 36.72 -21.67
C LEU D 107 9.27 36.83 -20.81
N ASN D 108 9.36 37.88 -19.99
CA ASN D 108 10.52 38.07 -19.12
C ASN D 108 10.68 36.90 -18.14
N LEU D 109 9.58 36.46 -17.52
CA LEU D 109 9.59 35.37 -16.58
C LEU D 109 10.01 34.07 -17.25
N VAL D 110 9.46 33.82 -18.42
CA VAL D 110 9.82 32.59 -19.12
C VAL D 110 11.30 32.62 -19.48
N GLN D 111 11.80 33.76 -19.93
CA GLN D 111 13.21 33.85 -20.27
C GLN D 111 14.14 33.57 -19.04
N ARG D 112 13.77 34.06 -17.87
CA ARG D 112 14.54 33.75 -16.65
C ARG D 112 14.56 32.24 -16.39
N ASN D 113 13.43 31.59 -16.59
CA ASN D 113 13.36 30.12 -16.37
C ASN D 113 14.07 29.36 -17.43
N VAL D 114 14.06 29.87 -18.68
CA VAL D 114 14.92 29.31 -19.72
C VAL D 114 16.35 29.32 -19.26
N ASN D 115 16.80 30.46 -18.70
CA ASN D 115 18.17 30.57 -18.27
C ASN D 115 18.52 29.58 -17.17
N ILE D 116 17.58 29.34 -16.26
CA ILE D 116 17.80 28.37 -15.20
C ILE D 116 17.83 26.92 -15.80
N PHE D 117 16.98 26.68 -16.79
CA PHE D 117 16.93 25.34 -17.44
C PHE D 117 18.18 25.07 -18.26
N LYS D 118 18.80 26.12 -18.81
CA LYS D 118 20.06 25.95 -19.51
C LYS D 118 21.19 25.46 -18.60
N PHE D 119 21.09 25.75 -17.31
CA PHE D 119 22.00 25.22 -16.27
C PHE D 119 21.61 23.78 -15.94
N ILE D 120 20.34 23.58 -15.64
CA ILE D 120 19.91 22.32 -15.10
C ILE D 120 19.93 21.20 -16.14
N ILE D 121 19.31 21.43 -17.28
CA ILE D 121 18.98 20.33 -18.18
C ILE D 121 20.23 19.66 -18.78
N PRO D 122 21.24 20.42 -19.23
CA PRO D 122 22.42 19.71 -19.74
C PRO D 122 23.09 18.81 -18.69
N ASN D 123 23.04 19.25 -17.42
CA ASN D 123 23.64 18.45 -16.37
C ASN D 123 22.83 17.19 -16.05
N VAL D 124 21.50 17.29 -16.14
CA VAL D 124 20.64 16.10 -16.03
C VAL D 124 20.99 15.10 -17.15
N VAL D 125 21.06 15.58 -18.38
CA VAL D 125 21.30 14.74 -19.52
C VAL D 125 22.68 14.07 -19.48
N LYS D 126 23.68 14.77 -18.98
CA LYS D 126 25.01 14.21 -18.82
C LYS D 126 24.94 12.92 -17.99
N TYR D 127 24.18 12.98 -16.88
CA TYR D 127 24.21 11.91 -15.91
C TYR D 127 23.10 10.83 -16.10
N SER D 128 22.00 11.20 -16.77
CA SER D 128 20.87 10.29 -17.03
C SER D 128 20.41 10.50 -18.44
N PRO D 129 21.23 10.09 -19.43
CA PRO D 129 20.90 10.34 -20.83
C PRO D 129 19.61 9.68 -21.28
N ASN D 130 19.18 8.62 -20.60
CA ASN D 130 18.02 7.87 -20.95
C ASN D 130 16.81 8.08 -20.05
N CYS D 131 16.84 9.09 -19.20
CA CYS D 131 15.71 9.31 -18.30
C CYS D 131 14.49 9.83 -19.05
N LYS D 132 13.33 9.74 -18.39
CA LYS D 132 12.17 10.56 -18.75
C LYS D 132 12.24 11.86 -17.92
N LEU D 133 11.95 13.00 -18.53
CA LEU D 133 11.88 14.29 -17.83
C LEU D 133 10.46 14.62 -17.58
N LEU D 134 10.09 14.95 -16.34
CA LEU D 134 8.75 15.38 -15.99
C LEU D 134 8.87 16.81 -15.44
N ILE D 135 8.37 17.77 -16.19
CA ILE D 135 8.50 19.21 -15.87
C ILE D 135 7.22 19.64 -15.12
N VAL D 136 7.43 20.20 -13.94
CA VAL D 136 6.35 20.74 -13.08
C VAL D 136 6.40 22.28 -13.02
N SER D 137 7.61 22.84 -13.08
CA SER D 137 7.81 24.30 -13.01
C SER D 137 6.95 25.08 -13.97
N ASN D 138 6.44 26.21 -13.47
CA ASN D 138 5.57 27.04 -14.32
C ASN D 138 6.32 28.16 -15.00
N PRO D 139 5.84 28.60 -16.16
CA PRO D 139 4.59 28.13 -16.81
C PRO D 139 4.81 26.82 -17.50
N VAL D 140 4.09 25.78 -17.06
CA VAL D 140 4.51 24.41 -17.32
C VAL D 140 4.51 24.01 -18.80
N ASP D 141 3.53 24.47 -19.57
CA ASP D 141 3.48 24.08 -20.99
C ASP D 141 4.69 24.67 -21.77
N ILE D 142 5.01 25.93 -21.47
CA ILE D 142 6.18 26.53 -22.10
C ILE D 142 7.49 25.89 -21.63
N LEU D 143 7.62 25.66 -20.33
CA LEU D 143 8.87 25.11 -19.83
C LEU D 143 9.06 23.66 -20.27
N THR D 144 7.98 22.95 -20.58
CA THR D 144 8.13 21.59 -21.15
C THR D 144 8.78 21.70 -22.56
N TYR D 145 8.29 22.64 -23.37
CA TYR D 145 8.92 22.94 -24.66
C TYR D 145 10.40 23.30 -24.48
N VAL D 146 10.68 24.17 -23.53
CA VAL D 146 12.08 24.59 -23.22
C VAL D 146 12.96 23.41 -22.86
N ALA D 147 12.47 22.51 -22.00
CA ALA D 147 13.20 21.32 -21.63
C ALA D 147 13.43 20.39 -22.82
N TRP D 148 12.42 20.24 -23.67
CA TRP D 148 12.53 19.45 -24.88
C TRP D 148 13.62 20.02 -25.82
N LYS D 149 13.61 21.33 -26.02
CA LYS D 149 14.61 21.96 -26.90
C LYS D 149 16.01 21.79 -26.35
N ILE D 150 16.18 22.07 -25.06
CA ILE D 150 17.53 22.01 -24.50
C ILE D 150 18.07 20.57 -24.42
N SER D 151 17.23 19.66 -23.94
CA SER D 151 17.66 18.28 -23.74
C SER D 151 18.03 17.55 -25.04
N GLY D 152 17.33 17.85 -26.12
CA GLY D 152 17.50 17.07 -27.33
C GLY D 152 16.78 15.75 -27.25
N PHE D 153 15.94 15.55 -26.26
CA PHE D 153 15.26 14.26 -26.10
C PHE D 153 14.15 14.10 -27.12
N PRO D 154 13.79 12.85 -27.41
CA PRO D 154 12.61 12.62 -28.24
C PRO D 154 11.34 13.05 -27.47
N LYS D 155 10.28 13.41 -28.20
CA LYS D 155 9.01 13.92 -27.64
C LYS D 155 8.46 13.01 -26.56
N ASN D 156 8.64 11.70 -26.70
CA ASN D 156 8.01 10.78 -25.74
C ASN D 156 8.59 10.86 -24.34
N ARG D 157 9.83 11.36 -24.23
CA ARG D 157 10.52 11.43 -22.96
C ARG D 157 10.54 12.81 -22.29
N VAL D 158 9.77 13.76 -22.79
CA VAL D 158 9.65 15.06 -22.13
C VAL D 158 8.17 15.31 -21.88
N ILE D 159 7.78 15.31 -20.60
CA ILE D 159 6.36 15.33 -20.20
C ILE D 159 6.16 16.50 -19.27
N GLY D 160 5.13 17.29 -19.51
CA GLY D 160 4.75 18.32 -18.54
C GLY D 160 3.60 17.87 -17.66
N SER D 161 3.67 18.19 -16.39
N SER D 161 3.67 18.21 -16.38
CA SER D 161 2.58 17.79 -15.48
CA SER D 161 2.57 17.89 -15.46
C SER D 161 1.23 18.36 -15.97
C SER D 161 1.23 18.35 -16.04
N GLY D 162 1.25 19.51 -16.65
CA GLY D 162 0.10 20.02 -17.44
C GLY D 162 -1.20 20.09 -16.66
N CYS D 163 -2.25 19.45 -17.19
CA CYS D 163 -3.60 19.52 -16.58
C CYS D 163 -3.93 18.29 -15.74
N ASN D 164 -2.92 17.50 -15.35
CA ASN D 164 -3.21 16.34 -14.54
C ASN D 164 -3.81 16.81 -13.15
N LEU D 165 -3.21 17.85 -12.59
CA LEU D 165 -3.74 18.48 -11.35
C LEU D 165 -5.08 19.16 -11.57
N ASP D 166 -5.20 19.93 -12.65
CA ASP D 166 -6.46 20.61 -12.95
C ASP D 166 -7.59 19.60 -13.05
N SER D 167 -7.34 18.47 -13.68
CA SER D 167 -8.39 17.42 -13.85
C SER D 167 -8.70 16.80 -12.49
N ALA D 168 -7.70 16.59 -11.65
CA ALA D 168 -7.98 16.04 -10.35
C ALA D 168 -8.84 17.02 -9.53
N ARG D 169 -8.60 18.33 -9.66
CA ARG D 169 -9.45 19.34 -9.00
C ARG D 169 -10.88 19.30 -9.52
N PHE D 170 -11.02 19.14 -10.80
CA PHE D 170 -12.32 19.09 -11.43
C PHE D 170 -13.09 17.90 -10.90
N ARG D 171 -12.43 16.76 -10.83
CA ARG D 171 -13.09 15.53 -10.37
C ARG D 171 -13.46 15.60 -8.88
N TYR D 172 -12.62 16.24 -8.08
CA TYR D 172 -12.98 16.57 -6.67
C TYR D 172 -14.24 17.40 -6.61
N LEU D 173 -14.28 18.50 -7.36
CA LEU D 173 -15.41 19.45 -7.31
C LEU D 173 -16.67 18.79 -7.86
N MET D 174 -16.52 17.97 -8.89
CA MET D 174 -17.68 17.19 -9.42
C MET D 174 -18.22 16.23 -8.39
N GLY D 175 -17.31 15.54 -7.73
CA GLY D 175 -17.66 14.61 -6.68
C GLY D 175 -18.39 15.27 -5.53
N GLU D 176 -17.96 16.46 -5.15
CA GLU D 176 -18.61 17.21 -4.07
C GLU D 176 -20.03 17.52 -4.48
N ARG D 177 -20.27 17.93 -5.71
CA ARG D 177 -21.66 18.24 -6.12
C ARG D 177 -22.55 17.02 -6.19
N LEU D 178 -21.98 15.88 -6.59
CA LEU D 178 -22.80 14.70 -6.82
C LEU D 178 -22.87 13.77 -5.64
N GLY D 179 -22.02 13.92 -4.64
CA GLY D 179 -21.92 13.00 -3.53
C GLY D 179 -21.33 11.63 -3.92
N VAL D 180 -20.31 11.65 -4.78
CA VAL D 180 -19.66 10.46 -5.34
C VAL D 180 -18.16 10.65 -5.19
N HIS D 181 -17.43 9.60 -4.84
CA HIS D 181 -15.98 9.71 -4.81
C HIS D 181 -15.44 10.18 -6.15
N PRO D 182 -14.42 11.04 -6.12
CA PRO D 182 -13.82 11.45 -7.36
C PRO D 182 -13.33 10.32 -8.29
N LEU D 183 -12.94 9.18 -7.72
CA LEU D 183 -12.56 8.02 -8.56
C LEU D 183 -13.66 7.66 -9.52
N SER D 184 -14.91 7.83 -9.11
CA SER D 184 -16.09 7.48 -9.94
C SER D 184 -16.72 8.67 -10.67
N CYS D 185 -16.10 9.83 -10.60
CA CYS D 185 -16.52 11.03 -11.34
C CYS D 185 -15.53 11.29 -12.42
N HIS D 186 -15.90 11.12 -13.67
CA HIS D 186 -14.95 11.27 -14.79
C HIS D 186 -15.17 12.61 -15.47
N GLY D 187 -14.04 13.22 -15.85
CA GLY D 187 -14.08 14.43 -16.62
C GLY D 187 -12.69 15.00 -16.79
N TRP D 188 -12.49 15.70 -17.90
CA TRP D 188 -11.14 16.05 -18.39
C TRP D 188 -11.03 17.53 -18.62
N VAL D 189 -9.98 18.14 -18.08
CA VAL D 189 -9.60 19.53 -18.33
C VAL D 189 -8.30 19.44 -19.15
N LEU D 190 -8.31 20.05 -20.35
CA LEU D 190 -7.24 19.92 -21.32
C LEU D 190 -6.69 21.31 -21.67
N GLY D 191 -5.65 21.30 -22.50
CA GLY D 191 -5.06 22.55 -22.97
C GLY D 191 -4.01 23.09 -22.03
N GLU D 192 -4.04 24.41 -21.77
CA GLU D 192 -3.06 25.05 -20.84
C GLU D 192 -3.39 24.79 -19.41
N HIS D 193 -2.38 24.44 -18.61
CA HIS D 193 -2.56 24.44 -17.18
C HIS D 193 -3.02 25.81 -16.71
N GLY D 194 -3.94 25.81 -15.72
CA GLY D 194 -4.33 27.05 -15.06
C GLY D 194 -5.42 27.83 -15.75
N ASP D 195 -5.18 29.14 -15.87
CA ASP D 195 -6.17 30.08 -16.29
C ASP D 195 -6.93 29.78 -17.56
N SER D 196 -6.20 29.31 -18.56
CA SER D 196 -6.79 29.15 -19.88
C SER D 196 -7.23 27.67 -20.21
N SER D 197 -7.27 26.82 -19.20
CA SER D 197 -7.62 25.40 -19.44
C SER D 197 -9.06 25.27 -19.96
N VAL D 198 -9.30 24.14 -20.59
CA VAL D 198 -10.59 23.85 -21.30
C VAL D 198 -11.28 22.65 -20.63
N PRO D 199 -12.48 22.84 -20.01
CA PRO D 199 -13.26 21.74 -19.49
C PRO D 199 -14.00 21.04 -20.63
N VAL D 200 -13.73 19.76 -20.83
CA VAL D 200 -14.39 19.05 -21.93
C VAL D 200 -15.74 18.48 -21.44
N TRP D 201 -16.78 19.31 -21.52
CA TRP D 201 -18.07 18.96 -20.89
C TRP D 201 -18.65 17.65 -21.46
N SER D 202 -18.42 17.35 -22.74
CA SER D 202 -18.93 16.12 -23.35
C SER D 202 -18.44 14.83 -22.74
N GLY D 203 -17.32 14.87 -22.03
CA GLY D 203 -16.75 13.70 -21.42
C GLY D 203 -17.06 13.53 -19.96
N MET D 204 -17.77 14.49 -19.37
N MET D 204 -17.72 14.51 -19.34
CA MET D 204 -18.11 14.44 -17.96
CA MET D 204 -18.08 14.38 -17.94
C MET D 204 -19.19 13.40 -17.70
C MET D 204 -19.15 13.33 -17.79
N ASN D 205 -18.89 12.36 -16.92
CA ASN D 205 -19.82 11.26 -16.75
C ASN D 205 -19.64 10.53 -15.46
N VAL D 206 -20.71 9.85 -15.02
CA VAL D 206 -20.65 8.86 -13.94
C VAL D 206 -21.22 7.57 -14.56
N ALA D 207 -20.46 6.51 -14.40
CA ALA D 207 -20.88 5.18 -14.92
C ALA D 207 -21.19 5.15 -16.42
N GLY D 208 -20.49 6.01 -17.16
CA GLY D 208 -20.65 6.16 -18.61
C GLY D 208 -21.84 7.00 -19.01
N VAL D 209 -22.56 7.58 -18.05
CA VAL D 209 -23.73 8.42 -18.38
C VAL D 209 -23.24 9.84 -18.53
N SER D 210 -23.37 10.39 -19.74
CA SER D 210 -22.97 11.76 -20.03
C SER D 210 -23.87 12.79 -19.32
N LEU D 211 -23.26 13.62 -18.49
CA LEU D 211 -24.00 14.72 -17.83
C LEU D 211 -24.57 15.71 -18.85
N LYS D 212 -23.81 15.99 -19.90
CA LYS D 212 -24.23 16.93 -20.93
C LYS D 212 -25.39 16.36 -21.71
N THR D 213 -25.47 15.06 -21.90
CA THR D 213 -26.65 14.46 -22.55
C THR D 213 -27.90 14.58 -21.70
N LEU D 214 -27.78 14.40 -20.39
CA LEU D 214 -28.89 14.57 -19.49
C LEU D 214 -29.30 16.03 -19.33
N HIS D 215 -28.33 16.93 -19.42
CA HIS D 215 -28.53 18.35 -19.10
C HIS D 215 -27.84 19.16 -20.18
N PRO D 216 -28.49 19.36 -21.33
CA PRO D 216 -27.84 20.02 -22.44
C PRO D 216 -27.32 21.41 -22.18
N ASP D 217 -27.89 22.12 -21.21
CA ASP D 217 -27.37 23.46 -20.89
C ASP D 217 -26.10 23.43 -20.01
N LEU D 218 -25.68 22.23 -19.58
CA LEU D 218 -24.46 22.07 -18.76
C LEU D 218 -23.27 22.87 -19.33
N GLY D 219 -22.70 23.75 -18.51
CA GLY D 219 -21.49 24.44 -18.91
C GLY D 219 -21.77 25.78 -19.60
N THR D 220 -23.02 26.03 -19.93
CA THR D 220 -23.40 27.28 -20.65
C THR D 220 -23.93 28.33 -19.68
N ASP D 221 -24.11 29.54 -20.19
CA ASP D 221 -24.78 30.58 -19.40
C ASP D 221 -26.26 30.33 -19.21
N LYS D 222 -26.90 29.43 -19.96
CA LYS D 222 -28.32 29.10 -19.70
C LYS D 222 -28.56 28.12 -18.51
N ASP D 223 -27.48 27.60 -17.94
CA ASP D 223 -27.55 26.55 -16.93
C ASP D 223 -27.97 27.08 -15.56
N LYS D 224 -29.18 26.75 -15.11
CA LYS D 224 -29.67 27.17 -13.78
C LYS D 224 -28.85 26.59 -12.64
N GLU D 225 -28.13 25.47 -12.88
CA GLU D 225 -27.22 24.87 -11.87
C GLU D 225 -25.81 25.36 -11.95
N GLN D 226 -25.48 26.18 -12.93
CA GLN D 226 -24.20 26.86 -13.01
C GLN D 226 -23.00 25.89 -12.90
N TRP D 227 -23.05 24.80 -13.66
CA TRP D 227 -21.90 23.89 -13.73
C TRP D 227 -20.64 24.56 -14.26
N LYS D 228 -20.71 25.68 -15.01
CA LYS D 228 -19.48 26.39 -15.42
C LYS D 228 -18.67 26.78 -14.18
N GLU D 229 -19.33 26.96 -13.04
CA GLU D 229 -18.63 27.34 -11.81
C GLU D 229 -17.69 26.24 -11.33
N VAL D 230 -17.95 25.00 -11.69
CA VAL D 230 -17.04 23.93 -11.36
C VAL D 230 -15.69 24.23 -12.03
N HIS D 231 -15.71 24.57 -13.31
CA HIS D 231 -14.45 24.84 -13.99
C HIS D 231 -13.84 26.19 -13.50
N LYS D 232 -14.69 27.18 -13.19
CA LYS D 232 -14.20 28.45 -12.65
C LYS D 232 -13.43 28.15 -11.38
N GLN D 233 -13.95 27.22 -10.57
CA GLN D 233 -13.29 26.88 -9.33
C GLN D 233 -12.01 26.07 -9.51
N VAL D 234 -11.93 25.28 -10.56
CA VAL D 234 -10.65 24.62 -10.90
C VAL D 234 -9.52 25.63 -11.07
N VAL D 235 -9.82 26.69 -11.77
CA VAL D 235 -8.91 27.80 -11.96
C VAL D 235 -8.76 28.60 -10.63
N GLU D 236 -9.85 29.06 -10.07
CA GLU D 236 -9.78 29.99 -8.94
C GLU D 236 -9.33 29.38 -7.61
N SER D 237 -9.62 28.09 -7.39
CA SER D 237 -9.33 27.44 -6.08
C SER D 237 -7.81 27.39 -5.91
N ALA D 238 -7.07 27.29 -6.99
CA ALA D 238 -5.61 27.36 -6.92
C ALA D 238 -5.09 28.73 -6.44
N TYR D 239 -5.61 29.79 -7.05
CA TYR D 239 -5.30 31.15 -6.57
C TYR D 239 -5.72 31.32 -5.11
N GLU D 240 -6.85 30.71 -4.72
CA GLU D 240 -7.32 30.84 -3.37
C GLU D 240 -6.35 30.16 -2.38
N VAL D 241 -5.87 28.95 -2.71
CA VAL D 241 -4.91 28.28 -1.83
C VAL D 241 -3.64 29.12 -1.69
N ILE D 242 -3.17 29.69 -2.80
CA ILE D 242 -1.97 30.52 -2.77
C ILE D 242 -2.18 31.78 -1.87
N LYS D 243 -3.35 32.39 -1.95
CA LYS D 243 -3.72 33.51 -1.05
C LYS D 243 -3.75 33.08 0.40
N LEU D 244 -4.27 31.89 0.68
CA LEU D 244 -4.48 31.44 2.06
C LEU D 244 -3.22 30.89 2.76
N LYS D 245 -2.43 30.06 2.08
CA LYS D 245 -1.22 29.43 2.67
C LYS D 245 0.07 29.88 2.02
N GLY D 246 0.00 30.62 0.91
CA GLY D 246 1.20 31.16 0.28
C GLY D 246 1.67 30.47 -1.01
N TYR D 247 1.21 29.25 -1.24
CA TYR D 247 1.70 28.42 -2.29
C TYR D 247 0.76 27.21 -2.29
N THR D 248 0.89 26.33 -3.28
CA THR D 248 0.25 25.00 -3.24
C THR D 248 1.32 23.92 -3.25
N SER D 249 1.02 22.78 -2.66
CA SER D 249 2.02 21.72 -2.60
C SER D 249 1.45 20.31 -2.54
N TRP D 250 0.51 20.07 -1.65
CA TRP D 250 0.09 18.68 -1.42
C TRP D 250 -0.55 18.04 -2.62
N ALA D 251 -1.47 18.75 -3.26
CA ALA D 251 -2.14 18.16 -4.39
C ALA D 251 -1.22 17.93 -5.59
N ILE D 252 -0.37 18.90 -5.90
CA ILE D 252 0.55 18.73 -6.99
C ILE D 252 1.50 17.55 -6.72
N GLY D 253 1.94 17.42 -5.47
CA GLY D 253 2.81 16.31 -5.09
C GLY D 253 2.13 14.95 -5.30
N LEU D 254 0.90 14.84 -4.87
CA LEU D 254 0.11 13.63 -5.12
C LEU D 254 -0.07 13.36 -6.61
N SER D 255 -0.37 14.40 -7.38
CA SER D 255 -0.58 14.22 -8.82
C SER D 255 0.69 13.80 -9.56
N VAL D 256 1.83 14.37 -9.18
CA VAL D 256 3.11 13.97 -9.75
C VAL D 256 3.45 12.54 -9.36
N ALA D 257 3.17 12.12 -8.12
CA ALA D 257 3.42 10.74 -7.73
C ALA D 257 2.56 9.77 -8.53
N ASP D 258 1.33 10.17 -8.85
CA ASP D 258 0.49 9.33 -9.71
C ASP D 258 1.06 9.18 -11.11
N LEU D 259 1.52 10.27 -11.71
CA LEU D 259 2.27 10.18 -12.99
C LEU D 259 3.48 9.26 -12.90
N ALA D 260 4.27 9.48 -11.86
CA ALA D 260 5.50 8.68 -11.67
C ALA D 260 5.13 7.19 -11.56
N GLU D 261 4.02 6.89 -10.90
CA GLU D 261 3.58 5.49 -10.75
C GLU D 261 3.34 4.84 -12.12
N SER D 262 2.62 5.56 -12.99
CA SER D 262 2.35 5.03 -14.32
C SER D 262 3.63 4.82 -15.13
N ILE D 263 4.55 5.75 -15.02
CA ILE D 263 5.82 5.67 -15.75
C ILE D 263 6.69 4.54 -15.21
N MET D 264 6.87 4.51 -13.89
CA MET D 264 7.80 3.58 -13.26
C MET D 264 7.29 2.15 -13.34
N LYS D 265 5.98 1.96 -13.32
CA LYS D 265 5.39 0.61 -13.37
C LYS D 265 4.92 0.21 -14.75
N ASN D 266 5.15 1.06 -15.76
CA ASN D 266 4.75 0.82 -17.13
C ASN D 266 3.26 0.53 -17.26
N LEU D 267 2.45 1.32 -16.57
CA LEU D 267 1.02 0.94 -16.51
C LEU D 267 0.22 1.14 -17.78
N ARG D 268 0.57 2.14 -18.58
CA ARG D 268 -0.25 2.52 -19.73
C ARG D 268 -1.63 3.02 -19.33
N ARG D 269 -1.66 3.80 -18.22
CA ARG D 269 -2.80 4.56 -17.83
C ARG D 269 -2.79 5.86 -18.62
N VAL D 270 -3.97 6.45 -18.75
CA VAL D 270 -4.17 7.70 -19.52
C VAL D 270 -4.23 8.84 -18.53
N HIS D 271 -3.46 9.90 -18.80
CA HIS D 271 -3.39 11.13 -17.98
C HIS D 271 -3.33 12.34 -18.87
N PRO D 272 -3.95 13.46 -18.47
CA PRO D 272 -3.89 14.69 -19.25
C PRO D 272 -2.59 15.46 -18.88
N VAL D 273 -1.55 15.24 -19.66
CA VAL D 273 -0.23 15.81 -19.45
C VAL D 273 0.15 16.57 -20.70
N SER D 274 1.13 17.45 -20.57
N SER D 274 1.13 17.48 -20.53
CA SER D 274 1.44 18.31 -21.66
CA SER D 274 1.64 18.34 -21.60
C SER D 274 2.48 17.66 -22.57
C SER D 274 2.48 17.54 -22.57
N THR D 275 2.14 17.61 -23.86
CA THR D 275 2.93 16.90 -24.88
C THR D 275 2.92 17.73 -26.15
N MET D 276 3.86 17.44 -27.03
CA MET D 276 3.98 18.27 -28.24
C MET D 276 2.85 17.92 -29.17
N ILE D 277 2.00 18.88 -29.44
CA ILE D 277 0.76 18.67 -30.09
C ILE D 277 0.67 19.14 -31.56
N LYS D 278 1.80 19.58 -32.11
CA LYS D 278 1.81 19.99 -33.52
C LYS D 278 1.19 18.86 -34.35
N GLY D 279 0.27 19.24 -35.24
CA GLY D 279 -0.36 18.25 -36.14
C GLY D 279 -1.75 17.82 -35.72
N LEU D 280 -2.16 18.16 -34.48
CA LEU D 280 -3.56 17.97 -34.02
C LEU D 280 -4.31 19.27 -33.91
N TYR D 281 -5.62 19.18 -34.15
CA TYR D 281 -6.56 20.29 -33.98
C TYR D 281 -6.18 21.50 -34.79
N GLY D 282 -5.49 21.30 -35.88
CA GLY D 282 -5.16 22.41 -36.76
C GLY D 282 -4.09 23.26 -36.12
N ILE D 283 -3.34 22.67 -35.20
CA ILE D 283 -2.14 23.33 -34.66
C ILE D 283 -0.89 23.06 -35.48
N LYS D 284 -0.22 24.16 -35.86
CA LYS D 284 0.92 24.13 -36.79
C LYS D 284 2.32 24.34 -36.15
N ASP D 285 2.35 24.76 -34.88
CA ASP D 285 3.60 25.17 -34.22
C ASP D 285 4.06 24.15 -33.16
N ASP D 286 5.35 24.16 -32.82
CA ASP D 286 5.97 23.27 -31.82
C ASP D 286 5.48 23.78 -30.44
N VAL D 287 4.25 23.43 -30.06
N VAL D 287 4.30 23.31 -30.03
CA VAL D 287 3.79 23.77 -28.73
CA VAL D 287 3.64 23.78 -28.82
C VAL D 287 3.36 22.49 -27.97
C VAL D 287 3.20 22.55 -27.99
N PHE D 288 3.37 22.62 -26.67
CA PHE D 288 3.04 21.54 -25.75
C PHE D 288 1.78 21.97 -25.03
N LEU D 289 0.73 21.13 -25.09
CA LEU D 289 -0.55 21.39 -24.38
C LEU D 289 -1.02 20.03 -23.87
N SER D 290 -1.93 20.04 -22.89
CA SER D 290 -2.40 18.79 -22.32
C SER D 290 -3.48 18.19 -23.17
N VAL D 291 -3.28 16.93 -23.49
CA VAL D 291 -4.27 15.98 -24.07
C VAL D 291 -4.11 14.67 -23.28
N PRO D 292 -5.08 13.76 -23.37
CA PRO D 292 -4.96 12.50 -22.63
C PRO D 292 -3.87 11.67 -23.28
N CYS D 293 -2.82 11.29 -22.51
CA CYS D 293 -1.70 10.56 -23.03
C CYS D 293 -1.56 9.21 -22.28
N ILE D 294 -1.11 8.22 -23.00
CA ILE D 294 -0.83 6.88 -22.44
CA ILE D 294 -0.82 6.91 -22.42
C ILE D 294 0.61 6.92 -21.91
N LEU D 295 0.76 6.72 -20.60
CA LEU D 295 2.04 6.81 -19.91
C LEU D 295 2.56 5.47 -19.47
N GLY D 296 3.81 5.23 -19.77
CA GLY D 296 4.51 4.03 -19.33
C GLY D 296 5.99 4.17 -19.32
N GLN D 297 6.74 3.05 -19.44
CA GLN D 297 8.18 3.07 -19.21
C GLN D 297 8.99 3.87 -20.19
N ASN D 298 8.44 4.17 -21.36
CA ASN D 298 9.12 5.03 -22.30
C ASN D 298 8.51 6.41 -22.36
N GLY D 299 7.80 6.78 -21.29
CA GLY D 299 7.09 8.08 -21.28
C GLY D 299 5.75 8.02 -22.01
N ILE D 300 5.52 8.99 -22.89
CA ILE D 300 4.27 9.08 -23.64
C ILE D 300 4.41 8.24 -24.89
N SER D 301 3.71 7.12 -24.95
CA SER D 301 3.78 6.28 -26.13
C SER D 301 2.70 6.56 -27.15
N ASP D 302 1.59 7.14 -26.72
CA ASP D 302 0.40 7.30 -27.55
C ASP D 302 -0.43 8.42 -26.90
N LEU D 303 -1.30 9.00 -27.70
CA LEU D 303 -2.25 9.93 -27.16
C LEU D 303 -3.65 9.71 -27.70
N VAL D 304 -4.63 10.16 -26.93
CA VAL D 304 -6.00 10.01 -27.30
C VAL D 304 -6.43 11.26 -28.06
N LYS D 305 -7.15 11.06 -29.15
CA LYS D 305 -7.68 12.12 -29.97
C LYS D 305 -9.10 12.40 -29.54
N VAL D 306 -9.25 13.31 -28.61
CA VAL D 306 -10.54 13.68 -28.08
C VAL D 306 -11.31 14.48 -29.16
N THR D 307 -12.58 14.15 -29.32
CA THR D 307 -13.45 14.99 -30.19
C THR D 307 -13.82 16.24 -29.39
N LEU D 308 -13.50 17.41 -29.94
CA LEU D 308 -13.73 18.69 -29.36
C LEU D 308 -14.80 19.47 -30.14
N THR D 309 -15.58 20.27 -29.43
CA THR D 309 -16.46 21.20 -30.09
C THR D 309 -15.67 22.29 -30.80
N SER D 310 -16.34 23.04 -31.67
CA SER D 310 -15.67 24.13 -32.39
C SER D 310 -15.05 25.12 -31.41
N GLU D 311 -15.78 25.42 -30.37
CA GLU D 311 -15.35 26.40 -29.36
C GLU D 311 -14.14 25.85 -28.60
N GLU D 312 -14.17 24.59 -28.22
CA GLU D 312 -13.03 23.94 -27.54
C GLU D 312 -11.78 23.94 -28.41
N GLU D 313 -11.95 23.59 -29.68
N GLU D 313 -11.94 23.57 -29.68
CA GLU D 313 -10.82 23.58 -30.61
CA GLU D 313 -10.86 23.61 -30.67
C GLU D 313 -10.27 25.01 -30.78
C GLU D 313 -10.27 25.01 -30.77
N ALA D 314 -11.15 26.01 -30.84
CA ALA D 314 -10.69 27.39 -31.01
C ALA D 314 -9.89 27.85 -29.80
N ARG D 315 -10.28 27.35 -28.63
CA ARG D 315 -9.55 27.68 -27.40
C ARG D 315 -8.15 27.08 -27.37
N LEU D 316 -8.04 25.84 -27.83
CA LEU D 316 -6.72 25.20 -27.91
C LEU D 316 -5.85 25.91 -28.92
N LYS D 317 -6.42 26.28 -30.04
CA LYS D 317 -5.66 26.99 -31.09
C LYS D 317 -5.21 28.37 -30.64
N LYS D 318 -6.05 29.07 -29.91
CA LYS D 318 -5.73 30.37 -29.37
C LYS D 318 -4.54 30.19 -28.38
N SER D 319 -4.64 29.18 -27.52
CA SER D 319 -3.52 28.88 -26.62
C SER D 319 -2.24 28.59 -27.39
N ALA D 320 -2.32 27.75 -28.44
CA ALA D 320 -1.14 27.44 -29.24
C ALA D 320 -0.49 28.71 -29.82
N ASP D 321 -1.33 29.59 -30.33
CA ASP D 321 -0.87 30.88 -30.90
C ASP D 321 -0.12 31.69 -29.86
N THR D 322 -0.67 31.77 -28.65
CA THR D 322 -0.12 32.59 -27.60
C THR D 322 1.19 32.00 -27.14
N LEU D 323 1.23 30.69 -26.93
CA LEU D 323 2.44 30.04 -26.51
C LEU D 323 3.55 30.16 -27.56
N TRP D 324 3.21 29.95 -28.83
CA TRP D 324 4.22 30.08 -29.89
C TRP D 324 4.74 31.51 -30.00
N GLY D 325 3.87 32.50 -29.78
CA GLY D 325 4.27 33.90 -29.82
C GLY D 325 5.33 34.21 -28.77
N ILE D 326 5.20 33.61 -27.59
CA ILE D 326 6.23 33.75 -26.54
C ILE D 326 7.49 32.94 -26.90
N GLN D 327 7.31 31.70 -27.32
CA GLN D 327 8.43 30.82 -27.61
C GLN D 327 9.35 31.32 -28.71
N LYS D 328 8.75 31.93 -29.73
CA LYS D 328 9.59 32.40 -30.84
C LYS D 328 10.54 33.54 -30.41
N GLU D 329 10.27 34.19 -29.29
CA GLU D 329 11.12 35.30 -28.82
C GLU D 329 12.17 34.85 -27.80
N LEU D 330 12.15 33.57 -27.42
CA LEU D 330 13.08 33.07 -26.42
C LEU D 330 14.48 32.91 -26.99
N GLN D 331 15.47 33.23 -26.15
N GLN D 331 15.46 33.14 -26.14
CA GLN D 331 16.89 33.09 -26.52
CA GLN D 331 16.86 33.07 -26.53
C GLN D 331 17.46 31.84 -25.86
C GLN D 331 17.48 31.85 -25.86
N PHE D 332 17.83 30.86 -26.69
CA PHE D 332 18.47 29.62 -26.23
C PHE D 332 19.98 29.67 -26.46
#